data_6A71
# 
_entry.id   6A71 
# 
_audit_conform.dict_name       mmcif_pdbx.dic 
_audit_conform.dict_version    5.380 
_audit_conform.dict_location   http://mmcif.pdb.org/dictionaries/ascii/mmcif_pdbx.dic 
# 
loop_
_database_2.database_id 
_database_2.database_code 
_database_2.pdbx_database_accession 
_database_2.pdbx_DOI 
PDB   6A71         pdb_00006a71 10.2210/pdb6a71/pdb 
WWPDB D_1300008250 ?            ?                   
# 
_pdbx_database_status.status_code                     REL 
_pdbx_database_status.status_code_sf                  REL 
_pdbx_database_status.status_code_mr                  ? 
_pdbx_database_status.entry_id                        6A71 
_pdbx_database_status.recvd_initial_deposition_date   2018-06-30 
_pdbx_database_status.SG_entry                        N 
_pdbx_database_status.deposit_site                    PDBJ 
_pdbx_database_status.process_site                    PDBJ 
_pdbx_database_status.status_code_cs                  ? 
_pdbx_database_status.methods_development_category    ? 
_pdbx_database_status.pdb_format_compatible           Y 
_pdbx_database_status.status_code_nmr_data            ? 
# 
_audit_author.name               'Chen, W.B.' 
_audit_author.pdbx_ordinal       1 
_audit_author.identifier_ORCID   ? 
# 
_citation.abstract                  ? 
_citation.abstract_id_CAS           ? 
_citation.book_id_ISBN              ? 
_citation.book_publisher            ? 
_citation.book_publisher_city       ? 
_citation.book_title                ? 
_citation.coordinate_linkage        ? 
_citation.country                   UK 
_citation.database_id_Medline       ? 
_citation.details                   ? 
_citation.id                        primary 
_citation.journal_abbrev            'Nat Commun' 
_citation.journal_id_ASTM           ? 
_citation.journal_id_CSD            ? 
_citation.journal_id_ISSN           2041-1723 
_citation.journal_full              ? 
_citation.journal_issue             ? 
_citation.journal_volume            10 
_citation.language                  ? 
_citation.page_first                186 
_citation.page_last                 186 
_citation.title                     
'Tetrathiomolybdate induces dimerization of the metal-binding domain of ATPase and inhibits platination of the protein.' 
_citation.year                      2019 
_citation.database_id_CSD           ? 
_citation.pdbx_database_id_DOI      10.1038/s41467-018-08102-z 
_citation.pdbx_database_id_PubMed   30643139 
_citation.unpublished_flag          ? 
# 
loop_
_citation_author.citation_id 
_citation_author.name 
_citation_author.ordinal 
_citation_author.identifier_ORCID 
primary 'Fang, T.'  1  0000-0002-0901-8624 
primary 'Chen, W.'  2  ?                   
primary 'Sheng, Y.' 3  ?                   
primary 'Yuan, S.'  4  ?                   
primary 'Tang, Q.'  5  ?                   
primary 'Li, G.'    6  ?                   
primary 'Huang, G.' 7  0000-0002-8391-4013 
primary 'Su, J.'    8  ?                   
primary 'Zhang, X.' 9  ?                   
primary 'Zang, J.'  10 ?                   
primary 'Liu, Y.'   11 0000-0003-2891-7964 
# 
_cell.entry_id           6A71 
_cell.length_a           46.267 
_cell.length_b           87.740 
_cell.length_c           78.440 
_cell.angle_alpha        90.00 
_cell.angle_beta         90.00 
_cell.angle_gamma        90.00 
_cell.Z_PDB              16 
_cell.pdbx_unique_axis   ? 
# 
_symmetry.entry_id                         6A71 
_symmetry.space_group_name_H-M             'C 2 2 21' 
_symmetry.pdbx_full_space_group_name_H-M   ? 
_symmetry.cell_setting                     ? 
_symmetry.Int_Tables_number                20 
# 
loop_
_entity.id 
_entity.type 
_entity.src_method 
_entity.pdbx_description 
_entity.formula_weight 
_entity.pdbx_number_of_molecules 
_entity.pdbx_ec 
_entity.pdbx_mutation 
_entity.pdbx_fragment 
_entity.details 
1 polymer     man 'ATP7B protein'                    7405.412 2   ? ? ? ? 
2 non-polymer syn 'DI(HYDROXYETHYL)ETHER'            106.120  1   ? ? ? ? 
3 non-polymer syn GLYCEROL                           92.094   1   ? ? ? ? 
4 non-polymer syn 'CALCIUM ION'                      40.078   1   ? ? ? ? 
5 non-polymer syn 'dioxo(di-mu-sulfide)dimolybdenum' 292.041  1   ? ? ? ? 
6 water       nat water                              18.015   213 ? ? ? ? 
# 
_entity_poly.entity_id                      1 
_entity_poly.type                           'polypeptide(L)' 
_entity_poly.nstd_linkage                   no 
_entity_poly.nstd_monomer                   no 
_entity_poly.pdbx_seq_one_letter_code       TCSTTLIAIAGMTCASCVHSIEGMISQLEGVQQISVSLAEGTATVLYNPAVISPEELRAAIEDMGFEASVVS 
_entity_poly.pdbx_seq_one_letter_code_can   TCSTTLIAIAGMTCASCVHSIEGMISQLEGVQQISVSLAEGTATVLYNPAVISPEELRAAIEDMGFEASVVS 
_entity_poly.pdbx_strand_id                 A,B 
_entity_poly.pdbx_target_identifier         ? 
# 
loop_
_entity_poly_seq.entity_id 
_entity_poly_seq.num 
_entity_poly_seq.mon_id 
_entity_poly_seq.hetero 
1 1  THR n 
1 2  CYS n 
1 3  SER n 
1 4  THR n 
1 5  THR n 
1 6  LEU n 
1 7  ILE n 
1 8  ALA n 
1 9  ILE n 
1 10 ALA n 
1 11 GLY n 
1 12 MET n 
1 13 THR n 
1 14 CYS n 
1 15 ALA n 
1 16 SER n 
1 17 CYS n 
1 18 VAL n 
1 19 HIS n 
1 20 SER n 
1 21 ILE n 
1 22 GLU n 
1 23 GLY n 
1 24 MET n 
1 25 ILE n 
1 26 SER n 
1 27 GLN n 
1 28 LEU n 
1 29 GLU n 
1 30 GLY n 
1 31 VAL n 
1 32 GLN n 
1 33 GLN n 
1 34 ILE n 
1 35 SER n 
1 36 VAL n 
1 37 SER n 
1 38 LEU n 
1 39 ALA n 
1 40 GLU n 
1 41 GLY n 
1 42 THR n 
1 43 ALA n 
1 44 THR n 
1 45 VAL n 
1 46 LEU n 
1 47 TYR n 
1 48 ASN n 
1 49 PRO n 
1 50 ALA n 
1 51 VAL n 
1 52 ILE n 
1 53 SER n 
1 54 PRO n 
1 55 GLU n 
1 56 GLU n 
1 57 LEU n 
1 58 ARG n 
1 59 ALA n 
1 60 ALA n 
1 61 ILE n 
1 62 GLU n 
1 63 ASP n 
1 64 MET n 
1 65 GLY n 
1 66 PHE n 
1 67 GLU n 
1 68 ALA n 
1 69 SER n 
1 70 VAL n 
1 71 VAL n 
1 72 SER n 
# 
_entity_src_gen.entity_id                          1 
_entity_src_gen.pdbx_src_id                        1 
_entity_src_gen.pdbx_alt_source_flag               sample 
_entity_src_gen.pdbx_seq_type                      'Biological sequence' 
_entity_src_gen.pdbx_beg_seq_num                   1 
_entity_src_gen.pdbx_end_seq_num                   72 
_entity_src_gen.gene_src_common_name               Human 
_entity_src_gen.gene_src_genus                     ? 
_entity_src_gen.pdbx_gene_src_gene                 ATP7B 
_entity_src_gen.gene_src_species                   ? 
_entity_src_gen.gene_src_strain                    ? 
_entity_src_gen.gene_src_tissue                    ? 
_entity_src_gen.gene_src_tissue_fraction           ? 
_entity_src_gen.gene_src_details                   ? 
_entity_src_gen.pdbx_gene_src_fragment             ? 
_entity_src_gen.pdbx_gene_src_scientific_name      'Homo sapiens' 
_entity_src_gen.pdbx_gene_src_ncbi_taxonomy_id     9606 
_entity_src_gen.pdbx_gene_src_variant              ? 
_entity_src_gen.pdbx_gene_src_cell_line            ? 
_entity_src_gen.pdbx_gene_src_atcc                 ? 
_entity_src_gen.pdbx_gene_src_organ                ? 
_entity_src_gen.pdbx_gene_src_organelle            ? 
_entity_src_gen.pdbx_gene_src_cell                 ? 
_entity_src_gen.pdbx_gene_src_cellular_location    ? 
_entity_src_gen.host_org_common_name               ? 
_entity_src_gen.pdbx_host_org_scientific_name      'Escherichia coli' 
_entity_src_gen.pdbx_host_org_ncbi_taxonomy_id     562 
_entity_src_gen.host_org_genus                     ? 
_entity_src_gen.pdbx_host_org_gene                 ? 
_entity_src_gen.pdbx_host_org_organ                ? 
_entity_src_gen.host_org_species                   ? 
_entity_src_gen.pdbx_host_org_tissue               ? 
_entity_src_gen.pdbx_host_org_tissue_fraction      ? 
_entity_src_gen.pdbx_host_org_strain               ? 
_entity_src_gen.pdbx_host_org_variant              ? 
_entity_src_gen.pdbx_host_org_cell_line            ? 
_entity_src_gen.pdbx_host_org_atcc                 ? 
_entity_src_gen.pdbx_host_org_culture_collection   ? 
_entity_src_gen.pdbx_host_org_cell                 ? 
_entity_src_gen.pdbx_host_org_organelle            ? 
_entity_src_gen.pdbx_host_org_cellular_location    ? 
_entity_src_gen.pdbx_host_org_vector_type          ? 
_entity_src_gen.pdbx_host_org_vector               ? 
_entity_src_gen.host_org_details                   ? 
_entity_src_gen.expression_system_id               ? 
_entity_src_gen.plasmid_name                       ? 
_entity_src_gen.plasmid_details                    ? 
_entity_src_gen.pdbx_description                   ? 
# 
_struct_ref.id                         1 
_struct_ref.db_name                    UNP 
_struct_ref.db_code                    B7ZLR3_HUMAN 
_struct_ref.pdbx_db_accession          B7ZLR3 
_struct_ref.pdbx_db_isoform            ? 
_struct_ref.entity_id                  1 
_struct_ref.pdbx_seq_one_letter_code   TCSTTLIAIAGMTCASCVHSIEGMISQLEGVQQISVSLAEGTATVLYNPAVISPEELRAAIEDMGFEASVVS 
_struct_ref.pdbx_align_begin           357 
# 
loop_
_struct_ref_seq.align_id 
_struct_ref_seq.ref_id 
_struct_ref_seq.pdbx_PDB_id_code 
_struct_ref_seq.pdbx_strand_id 
_struct_ref_seq.seq_align_beg 
_struct_ref_seq.pdbx_seq_align_beg_ins_code 
_struct_ref_seq.seq_align_end 
_struct_ref_seq.pdbx_seq_align_end_ins_code 
_struct_ref_seq.pdbx_db_accession 
_struct_ref_seq.db_align_beg 
_struct_ref_seq.pdbx_db_align_beg_ins_code 
_struct_ref_seq.db_align_end 
_struct_ref_seq.pdbx_db_align_end_ins_code 
_struct_ref_seq.pdbx_auth_seq_align_beg 
_struct_ref_seq.pdbx_auth_seq_align_end 
1 1 6A71 A 1 ? 72 ? B7ZLR3 357 ? 428 ? 1 72 
2 1 6A71 B 1 ? 72 ? B7ZLR3 357 ? 428 ? 1 72 
# 
loop_
_chem_comp.id 
_chem_comp.type 
_chem_comp.mon_nstd_flag 
_chem_comp.name 
_chem_comp.pdbx_synonyms 
_chem_comp.formula 
_chem_comp.formula_weight 
9UX non-polymer         . 'dioxo(di-mu-sulfide)dimolybdenum' ?                               'H4 Mo2 O2 S2'   292.041 
ALA 'L-peptide linking' y ALANINE                            ?                               'C3 H7 N O2'     89.093  
ARG 'L-peptide linking' y ARGININE                           ?                               'C6 H15 N4 O2 1' 175.209 
ASN 'L-peptide linking' y ASPARAGINE                         ?                               'C4 H8 N2 O3'    132.118 
ASP 'L-peptide linking' y 'ASPARTIC ACID'                    ?                               'C4 H7 N O4'     133.103 
CA  non-polymer         . 'CALCIUM ION'                      ?                               'Ca 2'           40.078  
CYS 'L-peptide linking' y CYSTEINE                           ?                               'C3 H7 N O2 S'   121.158 
GLN 'L-peptide linking' y GLUTAMINE                          ?                               'C5 H10 N2 O3'   146.144 
GLU 'L-peptide linking' y 'GLUTAMIC ACID'                    ?                               'C5 H9 N O4'     147.129 
GLY 'peptide linking'   y GLYCINE                            ?                               'C2 H5 N O2'     75.067  
GOL non-polymer         . GLYCEROL                           'GLYCERIN; PROPANE-1,2,3-TRIOL' 'C3 H8 O3'       92.094  
HIS 'L-peptide linking' y HISTIDINE                          ?                               'C6 H10 N3 O2 1' 156.162 
HOH non-polymer         . WATER                              ?                               'H2 O'           18.015  
ILE 'L-peptide linking' y ISOLEUCINE                         ?                               'C6 H13 N O2'    131.173 
LEU 'L-peptide linking' y LEUCINE                            ?                               'C6 H13 N O2'    131.173 
MET 'L-peptide linking' y METHIONINE                         ?                               'C5 H11 N O2 S'  149.211 
PEG non-polymer         . 'DI(HYDROXYETHYL)ETHER'            ?                               'C4 H10 O3'      106.120 
PHE 'L-peptide linking' y PHENYLALANINE                      ?                               'C9 H11 N O2'    165.189 
PRO 'L-peptide linking' y PROLINE                            ?                               'C5 H9 N O2'     115.130 
SER 'L-peptide linking' y SERINE                             ?                               'C3 H7 N O3'     105.093 
THR 'L-peptide linking' y THREONINE                          ?                               'C4 H9 N O3'     119.119 
TYR 'L-peptide linking' y TYROSINE                           ?                               'C9 H11 N O3'    181.189 
VAL 'L-peptide linking' y VALINE                             ?                               'C5 H11 N O2'    117.146 
# 
_exptl.absorpt_coefficient_mu     ? 
_exptl.absorpt_correction_T_max   ? 
_exptl.absorpt_correction_T_min   ? 
_exptl.absorpt_correction_type    ? 
_exptl.absorpt_process_details    ? 
_exptl.entry_id                   6A71 
_exptl.crystals_number            1 
_exptl.details                    ? 
_exptl.method                     'X-RAY DIFFRACTION' 
_exptl.method_details             ? 
# 
_exptl_crystal.colour                      ? 
_exptl_crystal.density_diffrn              ? 
_exptl_crystal.density_Matthews            2.71 
_exptl_crystal.density_method              ? 
_exptl_crystal.density_percent_sol         54.54 
_exptl_crystal.description                 ? 
_exptl_crystal.F_000                       ? 
_exptl_crystal.id                          1 
_exptl_crystal.preparation                 ? 
_exptl_crystal.size_max                    ? 
_exptl_crystal.size_mid                    ? 
_exptl_crystal.size_min                    ? 
_exptl_crystal.size_rad                    ? 
_exptl_crystal.colour_lustre               ? 
_exptl_crystal.colour_modifier             ? 
_exptl_crystal.colour_primary              ? 
_exptl_crystal.density_meas                ? 
_exptl_crystal.density_meas_esd            ? 
_exptl_crystal.density_meas_gt             ? 
_exptl_crystal.density_meas_lt             ? 
_exptl_crystal.density_meas_temp           ? 
_exptl_crystal.density_meas_temp_esd       ? 
_exptl_crystal.density_meas_temp_gt        ? 
_exptl_crystal.density_meas_temp_lt        ? 
_exptl_crystal.pdbx_crystal_image_url      ? 
_exptl_crystal.pdbx_crystal_image_format   ? 
_exptl_crystal.pdbx_mosaicity              ? 
_exptl_crystal.pdbx_mosaicity_esd          ? 
# 
_exptl_crystal_grow.apparatus       ? 
_exptl_crystal_grow.atmosphere      ? 
_exptl_crystal_grow.crystal_id      1 
_exptl_crystal_grow.details         ? 
_exptl_crystal_grow.method          'VAPOR DIFFUSION, SITTING DROP' 
_exptl_crystal_grow.method_ref      ? 
_exptl_crystal_grow.pH              7.5 
_exptl_crystal_grow.pressure        ? 
_exptl_crystal_grow.pressure_esd    ? 
_exptl_crystal_grow.seeding         ? 
_exptl_crystal_grow.seeding_ref     ? 
_exptl_crystal_grow.temp            286 
_exptl_crystal_grow.temp_details    ? 
_exptl_crystal_grow.temp_esd        ? 
_exptl_crystal_grow.time            ? 
_exptl_crystal_grow.pdbx_details    '20%PEG8000,0.1M MES pH6.0,0.2M Ca(OAc)2' 
_exptl_crystal_grow.pdbx_pH_range   ? 
# 
_diffrn.ambient_environment              ? 
_diffrn.ambient_temp                     100 
_diffrn.ambient_temp_details             ? 
_diffrn.ambient_temp_esd                 ? 
_diffrn.crystal_id                       1 
_diffrn.crystal_support                  ? 
_diffrn.crystal_treatment                ? 
_diffrn.details                          ? 
_diffrn.id                               1 
_diffrn.ambient_pressure                 ? 
_diffrn.ambient_pressure_esd             ? 
_diffrn.ambient_pressure_gt              ? 
_diffrn.ambient_pressure_lt              ? 
_diffrn.ambient_temp_gt                  ? 
_diffrn.ambient_temp_lt                  ? 
_diffrn.pdbx_serial_crystal_experiment   ? 
# 
_diffrn_detector.details                      ? 
_diffrn_detector.detector                     PIXEL 
_diffrn_detector.diffrn_id                    1 
_diffrn_detector.type                         'DECTRIS PILATUS3 S 6M' 
_diffrn_detector.area_resol_mean              ? 
_diffrn_detector.dtime                        ? 
_diffrn_detector.pdbx_frames_total            ? 
_diffrn_detector.pdbx_collection_time_total   ? 
_diffrn_detector.pdbx_collection_date         2017-12-08 
_diffrn_detector.pdbx_frequency               ? 
# 
_diffrn_radiation.collimation                      ? 
_diffrn_radiation.diffrn_id                        1 
_diffrn_radiation.filter_edge                      ? 
_diffrn_radiation.inhomogeneity                    ? 
_diffrn_radiation.monochromator                    ? 
_diffrn_radiation.polarisn_norm                    ? 
_diffrn_radiation.polarisn_ratio                   ? 
_diffrn_radiation.probe                            ? 
_diffrn_radiation.type                             ? 
_diffrn_radiation.xray_symbol                      ? 
_diffrn_radiation.wavelength_id                    1 
_diffrn_radiation.pdbx_monochromatic_or_laue_m_l   M 
_diffrn_radiation.pdbx_wavelength_list             ? 
_diffrn_radiation.pdbx_wavelength                  ? 
_diffrn_radiation.pdbx_diffrn_protocol             'SINGLE WAVELENGTH' 
_diffrn_radiation.pdbx_analyzer                    ? 
_diffrn_radiation.pdbx_scattering_type             x-ray 
# 
_diffrn_radiation_wavelength.id           1 
_diffrn_radiation_wavelength.wavelength   1.37906 
_diffrn_radiation_wavelength.wt           1.0 
# 
_diffrn_source.current                     ? 
_diffrn_source.details                     ? 
_diffrn_source.diffrn_id                   1 
_diffrn_source.power                       ? 
_diffrn_source.size                        ? 
_diffrn_source.source                      SYNCHROTRON 
_diffrn_source.target                      ? 
_diffrn_source.type                        'SSRF BEAMLINE BL19U1' 
_diffrn_source.voltage                     ? 
_diffrn_source.take-off_angle              ? 
_diffrn_source.pdbx_wavelength_list        1.37906 
_diffrn_source.pdbx_wavelength             ? 
_diffrn_source.pdbx_synchrotron_beamline   BL19U1 
_diffrn_source.pdbx_synchrotron_site       SSRF 
# 
_reflns.B_iso_Wilson_estimate            ? 
_reflns.entry_id                         6A71 
_reflns.data_reduction_details           ? 
_reflns.data_reduction_method            ? 
_reflns.d_resolution_high                1.60 
_reflns.d_resolution_low                 50 
_reflns.details                          ? 
_reflns.limit_h_max                      ? 
_reflns.limit_h_min                      ? 
_reflns.limit_k_max                      ? 
_reflns.limit_k_min                      ? 
_reflns.limit_l_max                      ? 
_reflns.limit_l_min                      ? 
_reflns.number_all                       ? 
_reflns.number_obs                       20975 
_reflns.observed_criterion               ? 
_reflns.observed_criterion_F_max         ? 
_reflns.observed_criterion_F_min         ? 
_reflns.observed_criterion_I_max         ? 
_reflns.observed_criterion_I_min         ? 
_reflns.observed_criterion_sigma_F       ? 
_reflns.observed_criterion_sigma_I       ? 
_reflns.percent_possible_obs             97.8 
_reflns.R_free_details                   ? 
_reflns.Rmerge_F_all                     ? 
_reflns.Rmerge_F_obs                     ? 
_reflns.Friedel_coverage                 ? 
_reflns.number_gt                        ? 
_reflns.threshold_expression             ? 
_reflns.pdbx_redundancy                  8.0 
_reflns.pdbx_Rmerge_I_obs                0.064 
_reflns.pdbx_Rmerge_I_all                ? 
_reflns.pdbx_Rsym_value                  ? 
_reflns.pdbx_netI_over_av_sigmaI         ? 
_reflns.pdbx_netI_over_sigmaI            24.4 
_reflns.pdbx_res_netI_over_av_sigmaI_2   ? 
_reflns.pdbx_res_netI_over_sigmaI_2      ? 
_reflns.pdbx_chi_squared                 ? 
_reflns.pdbx_scaling_rejects             ? 
_reflns.pdbx_d_res_high_opt              ? 
_reflns.pdbx_d_res_low_opt               ? 
_reflns.pdbx_d_res_opt_method            ? 
_reflns.phase_calculation_details        ? 
_reflns.pdbx_Rrim_I_all                  ? 
_reflns.pdbx_Rpim_I_all                  ? 
_reflns.pdbx_d_opt                       ? 
_reflns.pdbx_number_measured_all         ? 
_reflns.pdbx_diffrn_id                   1 
_reflns.pdbx_ordinal                     1 
_reflns.pdbx_CC_half                     ? 
_reflns.pdbx_R_split                     ? 
# 
_reflns_shell.d_res_high                  1.60 
_reflns_shell.d_res_low                   1.66 
_reflns_shell.meanI_over_sigI_all         ? 
_reflns_shell.meanI_over_sigI_obs         ? 
_reflns_shell.number_measured_all         ? 
_reflns_shell.number_measured_obs         ? 
_reflns_shell.number_possible             ? 
_reflns_shell.number_unique_all           ? 
_reflns_shell.number_unique_obs           3284 
_reflns_shell.percent_possible_all        ? 
_reflns_shell.percent_possible_obs        ? 
_reflns_shell.Rmerge_F_all                ? 
_reflns_shell.Rmerge_F_obs                ? 
_reflns_shell.Rmerge_I_all                ? 
_reflns_shell.Rmerge_I_obs                0.292 
_reflns_shell.meanI_over_sigI_gt          ? 
_reflns_shell.meanI_over_uI_all           ? 
_reflns_shell.meanI_over_uI_gt            ? 
_reflns_shell.number_measured_gt          ? 
_reflns_shell.number_unique_gt            ? 
_reflns_shell.percent_possible_gt         ? 
_reflns_shell.Rmerge_F_gt                 ? 
_reflns_shell.Rmerge_I_gt                 ? 
_reflns_shell.pdbx_redundancy             ? 
_reflns_shell.pdbx_Rsym_value             ? 
_reflns_shell.pdbx_chi_squared            ? 
_reflns_shell.pdbx_netI_over_sigmaI_all   ? 
_reflns_shell.pdbx_netI_over_sigmaI_obs   ? 
_reflns_shell.pdbx_Rrim_I_all             ? 
_reflns_shell.pdbx_Rpim_I_all             ? 
_reflns_shell.pdbx_rejects                ? 
_reflns_shell.pdbx_ordinal                1 
_reflns_shell.pdbx_diffrn_id              1 
_reflns_shell.pdbx_CC_half                ? 
_reflns_shell.pdbx_R_split                ? 
# 
_refine.pdbx_refine_id                           'X-RAY DIFFRACTION' 
_refine.entry_id                                 6A71 
_refine.pdbx_diffrn_id                           1 
_refine.pdbx_TLS_residual_ADP_flag               ? 
_refine.ls_number_reflns_obs                     19928 
_refine.ls_number_reflns_all                     ? 
_refine.pdbx_ls_sigma_I                          ? 
_refine.pdbx_ls_sigma_F                          ? 
_refine.pdbx_data_cutoff_high_absF               ? 
_refine.pdbx_data_cutoff_low_absF                ? 
_refine.pdbx_data_cutoff_high_rms_absF           ? 
_refine.ls_d_res_low                             43.87 
_refine.ls_d_res_high                            1.60 
_refine.ls_percent_reflns_obs                    97.76 
_refine.ls_R_factor_obs                          0.16676 
_refine.ls_R_factor_all                          ? 
_refine.ls_R_factor_R_work                       0.16521 
_refine.ls_R_factor_R_free                       0.19537 
_refine.ls_R_factor_R_free_error                 ? 
_refine.ls_R_factor_R_free_error_details         ? 
_refine.ls_percent_reflns_R_free                 4.9 
_refine.ls_number_reflns_R_free                  1029 
_refine.ls_number_parameters                     ? 
_refine.ls_number_restraints                     ? 
_refine.occupancy_min                            ? 
_refine.occupancy_max                            ? 
_refine.correlation_coeff_Fo_to_Fc               0.968 
_refine.correlation_coeff_Fo_to_Fc_free          0.956 
_refine.B_iso_mean                               23.334 
_refine.aniso_B[1][1]                            0.58 
_refine.aniso_B[2][2]                            0.17 
_refine.aniso_B[3][3]                            -0.75 
_refine.aniso_B[1][2]                            0.00 
_refine.aniso_B[1][3]                            0.00 
_refine.aniso_B[2][3]                            0.00 
_refine.solvent_model_details                    MASK 
_refine.solvent_model_param_ksol                 ? 
_refine.solvent_model_param_bsol                 ? 
_refine.pdbx_solvent_vdw_probe_radii             1.20 
_refine.pdbx_solvent_ion_probe_radii             0.80 
_refine.pdbx_solvent_shrinkage_radii             0.80 
_refine.pdbx_ls_cross_valid_method               THROUGHOUT 
_refine.details                                  'HYDROGENS HAVE BEEN ADDED IN THE RIDING POSITIONS' 
_refine.pdbx_starting_model                      3CJK 
_refine.pdbx_method_to_determine_struct          'MOLECULAR REPLACEMENT' 
_refine.pdbx_isotropic_thermal_model             ? 
_refine.pdbx_stereochemistry_target_values       'MAXIMUM LIKELIHOOD' 
_refine.pdbx_stereochem_target_val_spec_case     ? 
_refine.pdbx_R_Free_selection_details            RANDOM 
_refine.pdbx_overall_ESU_R                       0.082 
_refine.pdbx_overall_ESU_R_Free                  0.083 
_refine.overall_SU_ML                            0.053 
_refine.pdbx_overall_phase_error                 ? 
_refine.overall_SU_B                             1.505 
_refine.overall_SU_R_Cruickshank_DPI             ? 
_refine.pdbx_overall_SU_R_free_Cruickshank_DPI   ? 
_refine.pdbx_overall_SU_R_Blow_DPI               ? 
_refine.pdbx_overall_SU_R_free_Blow_DPI          ? 
# 
_refine_hist.pdbx_refine_id                   'X-RAY DIFFRACTION' 
_refine_hist.cycle_id                         1 
_refine_hist.pdbx_number_atoms_protein        1017 
_refine_hist.pdbx_number_atoms_nucleic_acid   0 
_refine_hist.pdbx_number_atoms_ligand         20 
_refine_hist.number_atoms_solvent             219 
_refine_hist.number_atoms_total               1256 
_refine_hist.d_res_high                       1.60 
_refine_hist.d_res_low                        43.87 
# 
loop_
_refine_ls_restr.type 
_refine_ls_restr.dev_ideal 
_refine_ls_restr.dev_ideal_target 
_refine_ls_restr.weight 
_refine_ls_restr.number 
_refine_ls_restr.pdbx_refine_id 
_refine_ls_restr.pdbx_restraint_function 
r_bond_refined_d             0.016  0.019  ? 1137 'X-RAY DIFFRACTION' ? 
r_bond_other_d               0.003  0.020  ? 1080 'X-RAY DIFFRACTION' ? 
r_angle_refined_deg          1.622  1.976  ? 1561 'X-RAY DIFFRACTION' ? 
r_angle_other_deg            1.004  3.000  ? 2518 'X-RAY DIFFRACTION' ? 
r_dihedral_angle_1_deg       5.481  5.000  ? 166  'X-RAY DIFFRACTION' ? 
r_dihedral_angle_2_deg       32.211 27.143 ? 35   'X-RAY DIFFRACTION' ? 
r_dihedral_angle_3_deg       12.418 15.000 ? 190  'X-RAY DIFFRACTION' ? 
r_dihedral_angle_4_deg       16.831 15.000 ? 2    'X-RAY DIFFRACTION' ? 
r_chiral_restr               0.092  0.200  ? 200  'X-RAY DIFFRACTION' ? 
r_gen_planes_refined         0.008  0.020  ? 1334 'X-RAY DIFFRACTION' ? 
r_gen_planes_other           0.002  0.020  ? 212  'X-RAY DIFFRACTION' ? 
r_nbd_refined                ?      ?      ? ?    'X-RAY DIFFRACTION' ? 
r_nbd_other                  ?      ?      ? ?    'X-RAY DIFFRACTION' ? 
r_nbtor_refined              ?      ?      ? ?    'X-RAY DIFFRACTION' ? 
r_nbtor_other                ?      ?      ? ?    'X-RAY DIFFRACTION' ? 
r_xyhbond_nbd_refined        ?      ?      ? ?    'X-RAY DIFFRACTION' ? 
r_xyhbond_nbd_other          ?      ?      ? ?    'X-RAY DIFFRACTION' ? 
r_metal_ion_refined          ?      ?      ? ?    'X-RAY DIFFRACTION' ? 
r_metal_ion_other            ?      ?      ? ?    'X-RAY DIFFRACTION' ? 
r_symmetry_vdw_refined       ?      ?      ? ?    'X-RAY DIFFRACTION' ? 
r_symmetry_vdw_other         ?      ?      ? ?    'X-RAY DIFFRACTION' ? 
r_symmetry_hbond_refined     ?      ?      ? ?    'X-RAY DIFFRACTION' ? 
r_symmetry_hbond_other       ?      ?      ? ?    'X-RAY DIFFRACTION' ? 
r_symmetry_metal_ion_refined ?      ?      ? ?    'X-RAY DIFFRACTION' ? 
r_symmetry_metal_ion_other   ?      ?      ? ?    'X-RAY DIFFRACTION' ? 
r_mcbond_it                  1.788  2.040  ? 629  'X-RAY DIFFRACTION' ? 
r_mcbond_other               1.773  2.038  ? 628  'X-RAY DIFFRACTION' ? 
r_mcangle_it                 2.514  3.041  ? 802  'X-RAY DIFFRACTION' ? 
r_mcangle_other              2.512  3.044  ? 803  'X-RAY DIFFRACTION' ? 
r_scbond_it                  3.146  2.391  ? 508  'X-RAY DIFFRACTION' ? 
r_scbond_other               3.112  2.391  ? 508  'X-RAY DIFFRACTION' ? 
r_scangle_it                 ?      ?      ? ?    'X-RAY DIFFRACTION' ? 
r_scangle_other              4.612  3.445  ? 758  'X-RAY DIFFRACTION' ? 
r_long_range_B_refined       8.759  19.510 ? 1460 'X-RAY DIFFRACTION' ? 
r_long_range_B_other         8.778  19.545 ? 1454 'X-RAY DIFFRACTION' ? 
r_rigid_bond_restr           ?      ?      ? ?    'X-RAY DIFFRACTION' ? 
r_sphericity_free            ?      ?      ? ?    'X-RAY DIFFRACTION' ? 
r_sphericity_bonded          ?      ?      ? ?    'X-RAY DIFFRACTION' ? 
# 
_refine_ls_shell.pdbx_refine_id                   'X-RAY DIFFRACTION' 
_refine_ls_shell.pdbx_total_number_of_bins_used   20 
_refine_ls_shell.d_res_high                       1.600 
_refine_ls_shell.d_res_low                        1.642 
_refine_ls_shell.number_reflns_R_work             1176 
_refine_ls_shell.R_factor_R_work                  0.260 
_refine_ls_shell.percent_reflns_obs               80.60 
_refine_ls_shell.R_factor_R_free                  0.281 
_refine_ls_shell.R_factor_R_free_error            ? 
_refine_ls_shell.percent_reflns_R_free            ? 
_refine_ls_shell.number_reflns_R_free             54 
_refine_ls_shell.number_reflns_all                ? 
_refine_ls_shell.R_factor_all                     ? 
_refine_ls_shell.R_factor_obs                     ? 
_refine_ls_shell.number_reflns_obs                ? 
# 
_struct.entry_id                     6A71 
_struct.title                        'Crystal Structure of Human ATP7B and TM Complex' 
_struct.pdbx_model_details           ? 
_struct.pdbx_formula_weight          ? 
_struct.pdbx_formula_weight_method   ? 
_struct.pdbx_model_type_details      ? 
_struct.pdbx_CASP_flag               N 
# 
_struct_keywords.entry_id        6A71 
_struct_keywords.text            'Copper transporter protein, METAL TRANSPORT' 
_struct_keywords.pdbx_keywords   'METAL TRANSPORT' 
# 
loop_
_struct_asym.id 
_struct_asym.pdbx_blank_PDB_chainid_flag 
_struct_asym.pdbx_modified 
_struct_asym.entity_id 
_struct_asym.details 
A N N 1 ? 
B N N 1 ? 
C N N 2 ? 
D N N 3 ? 
E N N 4 ? 
F N N 5 ? 
G N N 6 ? 
H N N 6 ? 
# 
loop_
_struct_conf.conf_type_id 
_struct_conf.id 
_struct_conf.pdbx_PDB_helix_id 
_struct_conf.beg_label_comp_id 
_struct_conf.beg_label_asym_id 
_struct_conf.beg_label_seq_id 
_struct_conf.pdbx_beg_PDB_ins_code 
_struct_conf.end_label_comp_id 
_struct_conf.end_label_asym_id 
_struct_conf.end_label_seq_id 
_struct_conf.pdbx_end_PDB_ins_code 
_struct_conf.beg_auth_comp_id 
_struct_conf.beg_auth_asym_id 
_struct_conf.beg_auth_seq_id 
_struct_conf.end_auth_comp_id 
_struct_conf.end_auth_asym_id 
_struct_conf.end_auth_seq_id 
_struct_conf.pdbx_PDB_helix_class 
_struct_conf.details 
_struct_conf.pdbx_PDB_helix_length 
HELX_P HELX_P1 AA1 CYS A 14 ? GLN A 27 ? CYS A 14 GLN A 27 1 ? 14 
HELX_P HELX_P2 AA2 SER A 53 ? MET A 64 ? SER A 53 MET A 64 1 ? 12 
HELX_P HELX_P3 AA3 CYS B 14 ? GLN B 27 ? CYS B 14 GLN B 27 1 ? 14 
HELX_P HELX_P4 AA4 SER B 53 ? MET B 64 ? SER B 53 MET B 64 1 ? 12 
# 
_struct_conf_type.id          HELX_P 
_struct_conf_type.criteria    ? 
_struct_conf_type.reference   ? 
# 
loop_
_struct_conn.id 
_struct_conn.conn_type_id 
_struct_conn.pdbx_leaving_atom_flag 
_struct_conn.pdbx_PDB_id 
_struct_conn.ptnr1_label_asym_id 
_struct_conn.ptnr1_label_comp_id 
_struct_conn.ptnr1_label_seq_id 
_struct_conn.ptnr1_label_atom_id 
_struct_conn.pdbx_ptnr1_label_alt_id 
_struct_conn.pdbx_ptnr1_PDB_ins_code 
_struct_conn.pdbx_ptnr1_standard_comp_id 
_struct_conn.ptnr1_symmetry 
_struct_conn.ptnr2_label_asym_id 
_struct_conn.ptnr2_label_comp_id 
_struct_conn.ptnr2_label_seq_id 
_struct_conn.ptnr2_label_atom_id 
_struct_conn.pdbx_ptnr2_label_alt_id 
_struct_conn.pdbx_ptnr2_PDB_ins_code 
_struct_conn.ptnr1_auth_asym_id 
_struct_conn.ptnr1_auth_comp_id 
_struct_conn.ptnr1_auth_seq_id 
_struct_conn.ptnr2_auth_asym_id 
_struct_conn.ptnr2_auth_comp_id 
_struct_conn.ptnr2_auth_seq_id 
_struct_conn.ptnr2_symmetry 
_struct_conn.pdbx_ptnr3_label_atom_id 
_struct_conn.pdbx_ptnr3_label_seq_id 
_struct_conn.pdbx_ptnr3_label_comp_id 
_struct_conn.pdbx_ptnr3_label_asym_id 
_struct_conn.pdbx_ptnr3_label_alt_id 
_struct_conn.pdbx_ptnr3_PDB_ins_code 
_struct_conn.details 
_struct_conn.pdbx_dist_value 
_struct_conn.pdbx_value_order 
_struct_conn.pdbx_role 
metalc1  metalc ? ? A CYS 14 SG  ? ? ? 1_555 F 9UX . MO1 ? ? A CYS 14  B 9UX 101 8_545 ? ? ? ? ? ? ? 2.447 ? ? 
metalc2  metalc ? ? A CYS 17 SG  ? ? ? 1_555 F 9UX . MO1 ? ? A CYS 17  B 9UX 101 8_545 ? ? ? ? ? ? ? 2.455 ? ? 
metalc3  metalc ? ? A GLU 22 OE1 ? ? ? 1_555 E CA  . CA  ? ? A GLU 22  A CA  103 1_555 ? ? ? ? ? ? ? 2.526 ? ? 
metalc4  metalc ? ? A GLU 22 OE2 ? ? ? 1_555 E CA  . CA  ? ? A GLU 22  A CA  103 1_555 ? ? ? ? ? ? ? 2.465 ? ? 
metalc5  metalc ? ? E CA  .  CA  ? ? ? 1_555 G HOH . O   ? ? A CA  103 A HOH 240 1_555 ? ? ? ? ? ? ? 2.507 ? ? 
metalc6  metalc ? ? E CA  .  CA  ? ? ? 1_555 G HOH . O   ? ? A CA  103 A HOH 287 1_555 ? ? ? ? ? ? ? 2.400 ? ? 
metalc7  metalc ? ? E CA  .  CA  ? ? ? 1_555 H HOH . O   ? ? A CA  103 B HOH 225 1_555 ? ? ? ? ? ? ? 2.371 ? ? 
metalc8  metalc ? ? E CA  .  CA  ? ? ? 1_555 H HOH . O   ? ? A CA  103 B HOH 228 1_555 ? ? ? ? ? ? ? 2.526 ? ? 
metalc9  metalc ? ? E CA  .  CA  ? ? ? 1_555 H HOH . O   ? ? A CA  103 B HOH 237 1_555 ? ? ? ? ? ? ? 2.492 ? ? 
metalc10 metalc ? ? E CA  .  CA  ? ? ? 1_555 H HOH . O   ? ? A CA  103 B HOH 258 1_555 ? ? ? ? ? ? ? 2.534 ? ? 
metalc11 metalc ? ? B CYS 14 SG  ? ? ? 1_555 F 9UX . MO2 ? ? B CYS 14  B 9UX 101 1_555 ? ? ? ? ? ? ? 2.426 ? ? 
metalc12 metalc ? ? B CYS 17 SG  ? ? ? 1_555 F 9UX . MO2 ? ? B CYS 17  B 9UX 101 1_555 ? ? ? ? ? ? ? 2.466 ? ? 
# 
_struct_conn_type.id          metalc 
_struct_conn_type.criteria    ? 
_struct_conn_type.reference   ? 
# 
loop_
_struct_sheet.id 
_struct_sheet.type 
_struct_sheet.number_strands 
_struct_sheet.details 
AA1 ? 4 ? 
AA2 ? 4 ? 
# 
loop_
_struct_sheet_order.sheet_id 
_struct_sheet_order.range_id_1 
_struct_sheet_order.range_id_2 
_struct_sheet_order.offset 
_struct_sheet_order.sense 
AA1 1 2 ? anti-parallel 
AA1 2 3 ? anti-parallel 
AA1 3 4 ? anti-parallel 
AA2 1 2 ? anti-parallel 
AA2 2 3 ? anti-parallel 
AA2 3 4 ? anti-parallel 
# 
loop_
_struct_sheet_range.sheet_id 
_struct_sheet_range.id 
_struct_sheet_range.beg_label_comp_id 
_struct_sheet_range.beg_label_asym_id 
_struct_sheet_range.beg_label_seq_id 
_struct_sheet_range.pdbx_beg_PDB_ins_code 
_struct_sheet_range.end_label_comp_id 
_struct_sheet_range.end_label_asym_id 
_struct_sheet_range.end_label_seq_id 
_struct_sheet_range.pdbx_end_PDB_ins_code 
_struct_sheet_range.beg_auth_comp_id 
_struct_sheet_range.beg_auth_asym_id 
_struct_sheet_range.beg_auth_seq_id 
_struct_sheet_range.end_auth_comp_id 
_struct_sheet_range.end_auth_asym_id 
_struct_sheet_range.end_auth_seq_id 
AA1 1 VAL A 31 ? SER A 37 ? VAL A 31 SER A 37 
AA1 2 THR A 42 ? TYR A 47 ? THR A 42 TYR A 47 
AA1 3 SER A 3  ? ILE A 9  ? SER A 3  ILE A 9  
AA1 4 ALA A 68 ? SER A 72 ? ALA A 68 SER A 72 
AA2 1 VAL B 31 ? SER B 37 ? VAL B 31 SER B 37 
AA2 2 THR B 42 ? TYR B 47 ? THR B 42 TYR B 47 
AA2 3 SER B 3  ? ILE B 9  ? SER B 3  ILE B 9  
AA2 4 ALA B 68 ? SER B 72 ? ALA B 68 SER B 72 
# 
loop_
_pdbx_struct_sheet_hbond.sheet_id 
_pdbx_struct_sheet_hbond.range_id_1 
_pdbx_struct_sheet_hbond.range_id_2 
_pdbx_struct_sheet_hbond.range_1_label_atom_id 
_pdbx_struct_sheet_hbond.range_1_label_comp_id 
_pdbx_struct_sheet_hbond.range_1_label_asym_id 
_pdbx_struct_sheet_hbond.range_1_label_seq_id 
_pdbx_struct_sheet_hbond.range_1_PDB_ins_code 
_pdbx_struct_sheet_hbond.range_1_auth_atom_id 
_pdbx_struct_sheet_hbond.range_1_auth_comp_id 
_pdbx_struct_sheet_hbond.range_1_auth_asym_id 
_pdbx_struct_sheet_hbond.range_1_auth_seq_id 
_pdbx_struct_sheet_hbond.range_2_label_atom_id 
_pdbx_struct_sheet_hbond.range_2_label_comp_id 
_pdbx_struct_sheet_hbond.range_2_label_asym_id 
_pdbx_struct_sheet_hbond.range_2_label_seq_id 
_pdbx_struct_sheet_hbond.range_2_PDB_ins_code 
_pdbx_struct_sheet_hbond.range_2_auth_atom_id 
_pdbx_struct_sheet_hbond.range_2_auth_comp_id 
_pdbx_struct_sheet_hbond.range_2_auth_asym_id 
_pdbx_struct_sheet_hbond.range_2_auth_seq_id 
AA1 1 2 N SER A 37 ? N SER A 37 O THR A 42 ? O THR A 42 
AA1 2 3 O ALA A 43 ? O ALA A 43 N ILE A 7  ? N ILE A 7  
AA1 3 4 N LEU A 6  ? N LEU A 6  O VAL A 71 ? O VAL A 71 
AA2 1 2 N SER B 37 ? N SER B 37 O THR B 42 ? O THR B 42 
AA2 2 3 O ALA B 43 ? O ALA B 43 N ILE B 7  ? N ILE B 7  
AA2 3 4 N ALA B 8  ? N ALA B 8  O SER B 69 ? O SER B 69 
# 
loop_
_struct_site.id 
_struct_site.pdbx_evidence_code 
_struct_site.pdbx_auth_asym_id 
_struct_site.pdbx_auth_comp_id 
_struct_site.pdbx_auth_seq_id 
_struct_site.pdbx_auth_ins_code 
_struct_site.pdbx_num_residues 
_struct_site.details 
AC1 Software A PEG 101 ? 6 'binding site for residue PEG A 101' 
AC2 Software A GOL 102 ? 6 'binding site for residue GOL A 102' 
AC3 Software A CA  103 ? 7 'binding site for residue CA A 103'  
AC4 Software B 9UX 101 ? 9 'binding site for residue 9UX B 101' 
# 
loop_
_struct_site_gen.id 
_struct_site_gen.site_id 
_struct_site_gen.pdbx_num_res 
_struct_site_gen.label_comp_id 
_struct_site_gen.label_asym_id 
_struct_site_gen.label_seq_id 
_struct_site_gen.pdbx_auth_ins_code 
_struct_site_gen.auth_comp_id 
_struct_site_gen.auth_asym_id 
_struct_site_gen.auth_seq_id 
_struct_site_gen.label_atom_id 
_struct_site_gen.label_alt_id 
_struct_site_gen.symmetry 
_struct_site_gen.details 
1  AC1 6 SER A 20 ? SER A 20  . ? 1_555 ? 
2  AC1 6 MET A 64 ? MET A 64  . ? 1_555 ? 
3  AC1 6 PHE A 66 ? PHE A 66  . ? 1_555 ? 
4  AC1 6 HOH G .  ? HOH A 204 . ? 1_555 ? 
5  AC1 6 HOH G .  ? HOH A 231 . ? 1_555 ? 
6  AC1 6 CYS B 14 ? CYS B 14  . ? 8_545 ? 
7  AC2 6 CYS A 14 ? CYS A 14  . ? 1_555 ? 
8  AC2 6 SER A 16 ? SER A 16  . ? 1_555 ? 
9  AC2 6 HOH G .  ? HOH A 206 . ? 1_555 ? 
10 AC2 6 HOH G .  ? HOH A 213 . ? 1_555 ? 
11 AC2 6 CYS B 14 ? CYS B 14  . ? 8_545 ? 
12 AC2 6 SER B 16 ? SER B 16  . ? 8_545 ? 
13 AC3 7 GLU A 22 ? GLU A 22  . ? 1_555 ? 
14 AC3 7 HOH G .  ? HOH A 240 . ? 1_555 ? 
15 AC3 7 HOH G .  ? HOH A 287 . ? 1_555 ? 
16 AC3 7 HOH H .  ? HOH B 225 . ? 1_555 ? 
17 AC3 7 HOH H .  ? HOH B 228 . ? 1_555 ? 
18 AC3 7 HOH H .  ? HOH B 237 . ? 1_555 ? 
19 AC3 7 HOH H .  ? HOH B 258 . ? 1_555 ? 
20 AC4 9 GLY A 11 ? GLY A 11  . ? 8_445 ? 
21 AC4 9 THR A 13 ? THR A 13  . ? 8_445 ? 
22 AC4 9 CYS A 14 ? CYS A 14  . ? 8_445 ? 
23 AC4 9 CYS A 17 ? CYS A 17  . ? 8_445 ? 
24 AC4 9 GLY B 11 ? GLY B 11  . ? 1_555 ? 
25 AC4 9 THR B 13 ? THR B 13  . ? 1_555 ? 
26 AC4 9 CYS B 14 ? CYS B 14  . ? 1_555 ? 
27 AC4 9 CYS B 17 ? CYS B 17  . ? 1_555 ? 
28 AC4 9 HOH H .  ? HOH B 202 . ? 1_555 ? 
# 
_atom_sites.entry_id                    6A71 
_atom_sites.fract_transf_matrix[1][1]   -0.02083745 
_atom_sites.fract_transf_matrix[1][2]   -0.00009817 
_atom_sites.fract_transf_matrix[1][3]   -0.00574074 
_atom_sites.fract_transf_matrix[2][1]   0.00163203 
_atom_sites.fract_transf_matrix[2][2]   -0.00969914 
_atom_sites.fract_transf_matrix[2][3]   -0.00575801 
_atom_sites.fract_transf_matrix[3][1]   -0.00285246 
_atom_sites.fract_transf_matrix[3][2]   -0.00669455 
_atom_sites.fract_transf_matrix[3][3]   0.01046821 
_atom_sites.fract_transf_vector[1]      -0.353175 
_atom_sites.fract_transf_vector[2]      -0.197220 
_atom_sites.fract_transf_vector[3]      -0.161479 
# 
loop_
_atom_type.symbol 
C  
CA 
MO 
N  
O  
S  
# 
loop_
_atom_site.group_PDB 
_atom_site.id 
_atom_site.type_symbol 
_atom_site.label_atom_id 
_atom_site.label_alt_id 
_atom_site.label_comp_id 
_atom_site.label_asym_id 
_atom_site.label_entity_id 
_atom_site.label_seq_id 
_atom_site.pdbx_PDB_ins_code 
_atom_site.Cartn_x 
_atom_site.Cartn_y 
_atom_site.Cartn_z 
_atom_site.occupancy 
_atom_site.B_iso_or_equiv 
_atom_site.pdbx_formal_charge 
_atom_site.auth_seq_id 
_atom_site.auth_comp_id 
_atom_site.auth_asym_id 
_atom_site.auth_atom_id 
_atom_site.pdbx_PDB_model_num 
ATOM   1    N  N   . THR A 1 1  ? 10.062  -1.553  -23.940 1.00 54.69 ? 1   THR A N   1 
ATOM   2    C  CA  . THR A 1 1  ? 9.316   -0.630  -23.017 1.00 53.85 ? 1   THR A CA  1 
ATOM   3    C  C   . THR A 1 1  ? 8.148   -1.368  -22.326 1.00 44.40 ? 1   THR A C   1 
ATOM   4    O  O   . THR A 1 1  ? 7.674   -2.423  -22.814 1.00 43.97 ? 1   THR A O   1 
ATOM   5    C  CB  . THR A 1 1  ? 8.844   0.647   -23.755 1.00 58.76 ? 1   THR A CB  1 
ATOM   6    O  OG1 . THR A 1 1  ? 9.969   1.239   -24.416 1.00 68.43 ? 1   THR A OG1 1 
ATOM   7    C  CG2 . THR A 1 1  ? 8.263   1.690   -22.807 1.00 58.56 ? 1   THR A CG2 1 
ATOM   8    N  N   . CYS A 1 2  ? 7.764   -0.842  -21.158 1.00 38.60 ? 2   CYS A N   1 
ATOM   9    C  CA  A CYS A 1 2  ? 6.717   -1.437  -20.339 0.50 32.83 ? 2   CYS A CA  1 
ATOM   10   C  CA  B CYS A 1 2  ? 6.728   -1.467  -20.349 0.50 35.40 ? 2   CYS A CA  1 
ATOM   11   C  C   . CYS A 1 2  ? 5.339   -0.972  -20.728 1.00 30.74 ? 2   CYS A C   1 
ATOM   12   O  O   . CYS A 1 2  ? 5.142   0.185   -21.107 1.00 33.38 ? 2   CYS A O   1 
ATOM   13   C  CB  A CYS A 1 2  ? 6.947   -1.151  -18.844 0.50 31.43 ? 2   CYS A CB  1 
ATOM   14   C  CB  B CYS A 1 2  ? 6.993   -1.294  -18.831 0.50 37.14 ? 2   CYS A CB  1 
ATOM   15   S  SG  A CYS A 1 2  ? 8.101   -2.357  -18.181 0.50 29.41 ? 2   CYS A SG  1 
ATOM   16   S  SG  B CYS A 1 2  ? 6.919   0.373   -18.156 0.50 40.58 ? 2   CYS A SG  1 
ATOM   17   N  N   . SER A 1 3  ? 4.396   -1.886  -20.610 1.00 23.76 ? 3   SER A N   1 
ATOM   18   C  CA  . SER A 1 3  ? 2.966   -1.591  -20.772 1.00 24.31 ? 3   SER A CA  1 
ATOM   19   C  C   . SER A 1 3  ? 2.393   -1.546  -19.360 1.00 21.89 ? 3   SER A C   1 
ATOM   20   O  O   . SER A 1 3  ? 3.027   -2.000  -18.423 1.00 20.12 ? 3   SER A O   1 
ATOM   21   C  CB  . SER A 1 3  ? 2.286   -2.701  -21.540 1.00 27.47 ? 3   SER A CB  1 
ATOM   22   O  OG  . SER A 1 3  ? 2.804   -2.780  -22.879 1.00 28.37 ? 3   SER A OG  1 
ATOM   23   N  N   . THR A 1 4  ? 1.191   -1.006  -19.273 1.00 21.32 ? 4   THR A N   1 
ATOM   24   C  CA  . THR A 1 4  ? 0.457   -0.929  -17.992 1.00 21.87 ? 4   THR A CA  1 
ATOM   25   C  C   . THR A 1 4  ? -0.853  -1.682  -18.127 1.00 22.29 ? 4   THR A C   1 
ATOM   26   O  O   . THR A 1 4  ? -1.520  -1.600  -19.163 1.00 22.69 ? 4   THR A O   1 
ATOM   27   C  CB  . THR A 1 4  ? 0.210   0.521   -17.574 1.00 24.87 ? 4   THR A CB  1 
ATOM   28   O  OG1 . THR A 1 4  ? 1.451   1.207   -17.430 1.00 27.99 ? 4   THR A OG1 1 
ATOM   29   C  CG2 . THR A 1 4  ? -0.455  0.637   -16.256 1.00 23.07 ? 4   THR A CG2 1 
ATOM   30   N  N   . THR A 1 5  ? -1.219  -2.439  -17.095 1.00 19.45 ? 5   THR A N   1 
ATOM   31   C  CA  . THR A 1 5  ? -2.532  -3.089  -17.037 1.00 20.47 ? 5   THR A CA  1 
ATOM   32   C  C   . THR A 1 5  ? -3.181  -2.736  -15.685 1.00 21.02 ? 5   THR A C   1 
ATOM   33   O  O   . THR A 1 5  ? -2.503  -2.589  -14.653 1.00 18.14 ? 5   THR A O   1 
ATOM   34   C  CB  . THR A 1 5  ? -2.473  -4.594  -17.280 1.00 21.45 ? 5   THR A CB  1 
ATOM   35   O  OG1 . THR A 1 5  ? -3.798  -5.130  -17.261 1.00 22.99 ? 5   THR A OG1 1 
ATOM   36   C  CG2 . THR A 1 5  ? -1.734  -5.338  -16.237 1.00 21.16 ? 5   THR A CG2 1 
ATOM   37   N  N   . LEU A 1 6  ? -4.504  -2.592  -15.723 1.00 18.64 ? 6   LEU A N   1 
ATOM   38   C  CA  . LEU A 1 6  ? -5.332  -2.344  -14.541 1.00 17.51 ? 6   LEU A CA  1 
ATOM   39   C  C   . LEU A 1 6  ? -6.126  -3.609  -14.231 1.00 18.27 ? 6   LEU A C   1 
ATOM   40   O  O   . LEU A 1 6  ? -6.889  -4.118  -15.080 1.00 17.72 ? 6   LEU A O   1 
ATOM   41   C  CB  . LEU A 1 6  ? -6.263  -1.142  -14.730 1.00 19.66 ? 6   LEU A CB  1 
ATOM   42   C  CG  . LEU A 1 6  ? -7.215  -0.779  -13.606 1.00 20.43 ? 6   LEU A CG  1 
ATOM   43   C  CD1 . LEU A 1 6  ? -6.445  -0.385  -12.364 1.00 21.60 ? 6   LEU A CD1 1 
ATOM   44   C  CD2 . LEU A 1 6  ? -8.155  0.331   -14.044 1.00 21.58 ? 6   LEU A CD2 1 
ATOM   45   N  N   . ILE A 1 7  ? -5.970  -4.131  -13.030 1.00 16.05 ? 7   ILE A N   1 
ATOM   46   C  CA  . ILE A 1 7  ? -6.623  -5.359  -12.628 1.00 16.79 ? 7   ILE A CA  1 
ATOM   47   C  C   . ILE A 1 7  ? -7.487  -5.053  -11.406 1.00 17.85 ? 7   ILE A C   1 
ATOM   48   O  O   . ILE A 1 7  ? -7.006  -4.538  -10.397 1.00 17.11 ? 7   ILE A O   1 
ATOM   49   C  CB  . ILE A 1 7  ? -5.615  -6.487  -12.361 1.00 17.99 ? 7   ILE A CB  1 
ATOM   50   C  CG1 . ILE A 1 7  ? -4.803  -6.770  -13.631 1.00 20.38 ? 7   ILE A CG1 1 
ATOM   51   C  CG2 . ILE A 1 7  ? -6.290  -7.748  -11.814 1.00 17.66 ? 7   ILE A CG2 1 
ATOM   52   C  CD1 . ILE A 1 7  ? -3.712  -7.807  -13.460 1.00 21.67 ? 7   ILE A CD1 1 
ATOM   53   N  N   . ALA A 1 8  ? -8.780  -5.374  -11.485 1.00 16.53 ? 8   ALA A N   1 
ATOM   54   C  CA  . ALA A 1 8  ? -9.661  -5.320  -10.336 1.00 16.97 ? 8   ALA A CA  1 
ATOM   55   C  C   . ALA A 1 8  ? -9.500  -6.533  -9.456  1.00 16.65 ? 8   ALA A C   1 
ATOM   56   O  O   . ALA A 1 8  ? -9.460  -7.643  -9.963  1.00 17.90 ? 8   ALA A O   1 
ATOM   57   C  CB  . ALA A 1 8  ? -11.109 -5.183  -10.817 1.00 16.97 ? 8   ALA A CB  1 
ATOM   58   N  N   . ILE A 1 9  ? -9.336  -6.308  -8.151  1.00 16.71 ? 9   ILE A N   1 
ATOM   59   C  CA  . ILE A 1 9  ? -9.128  -7.354  -7.211  1.00 18.10 ? 9   ILE A CA  1 
ATOM   60   C  C   . ILE A 1 9  ? -10.184 -7.241  -6.127  1.00 18.72 ? 9   ILE A C   1 
ATOM   61   O  O   . ILE A 1 9  ? -10.212 -6.220  -5.421  1.00 20.13 ? 9   ILE A O   1 
ATOM   62   C  CB  . ILE A 1 9  ? -7.735  -7.336  -6.579  1.00 18.50 ? 9   ILE A CB  1 
ATOM   63   C  CG1 . ILE A 1 9  ? -6.647  -7.366  -7.644  1.00 17.60 ? 9   ILE A CG1 1 
ATOM   64   C  CG2 . ILE A 1 9  ? -7.568  -8.527  -5.620  1.00 18.98 ? 9   ILE A CG2 1 
ATOM   65   C  CD1 . ILE A 1 9  ? -5.244  -7.159  -7.118  1.00 18.64 ? 9   ILE A CD1 1 
ATOM   66   N  N   . ALA A 1 10 ? -10.998 -8.281  -5.979  1.00 19.44 ? 10  ALA A N   1 
ATOM   67   C  CA  . ALA A 1 10 ? -12.058 -8.279  -4.962  1.00 20.86 ? 10  ALA A CA  1 
ATOM   68   C  C   . ALA A 1 10 ? -11.591 -9.008  -3.729  1.00 21.09 ? 10  ALA A C   1 
ATOM   69   O  O   . ALA A 1 10 ? -10.908 -10.002 -3.802  1.00 22.75 ? 10  ALA A O   1 
ATOM   70   C  CB  . ALA A 1 10 ? -13.321 -8.925  -5.504  1.00 23.24 ? 10  ALA A CB  1 
ATOM   71   N  N   . GLY A 1 11 ? -12.024 -8.513  -2.591  1.00 20.39 ? 11  GLY A N   1 
ATOM   72   C  CA  . GLY A 1 11 ? -11.830 -9.216  -1.342  1.00 23.18 ? 11  GLY A CA  1 
ATOM   73   C  C   . GLY A 1 11 ? -10.642 -8.812  -0.487  1.00 22.01 ? 11  GLY A C   1 
ATOM   74   O  O   . GLY A 1 11 ? -10.381 -9.432  0.526   1.00 21.86 ? 11  GLY A O   1 
ATOM   75   N  N   . MET A 1 12 ? -9.862  -7.817  -0.925  1.00 18.68 ? 12  MET A N   1 
ATOM   76   C  CA  . MET A 1 12 ? -8.726  -7.359  -0.088  1.00 18.80 ? 12  MET A CA  1 
ATOM   77   C  C   . MET A 1 12 ? -9.209  -6.530  1.086   1.00 18.43 ? 12  MET A C   1 
ATOM   78   O  O   . MET A 1 12 ? -9.909  -5.553  0.890   1.00 20.81 ? 12  MET A O   1 
ATOM   79   C  CB  . MET A 1 12 ? -7.702  -6.545  -0.866  1.00 17.91 ? 12  MET A CB  1 
ATOM   80   C  CG  . MET A 1 12 ? -7.201  -7.174  -2.162  1.00 17.05 ? 12  MET A CG  1 
ATOM   81   S  SD  . MET A 1 12 ? -6.009  -6.102  -3.008  1.00 18.97 ? 12  MET A SD  1 
ATOM   82   C  CE  . MET A 1 12 ? -7.093  -4.816  -3.635  1.00 19.53 ? 12  MET A CE  1 
ATOM   83   N  N   . THR A 1 13 ? -8.883  -6.995  2.292   1.00 18.58 ? 13  THR A N   1 
ATOM   84   C  CA  . THR A 1 13 ? -9.393  -6.354  3.535   1.00 19.22 ? 13  THR A CA  1 
ATOM   85   C  C   . THR A 1 13 ? -8.334  -6.122  4.584   1.00 21.81 ? 13  THR A C   1 
ATOM   86   O  O   . THR A 1 13 ? -8.655  -5.791  5.753   1.00 25.76 ? 13  THR A O   1 
ATOM   87   C  CB  . THR A 1 13 ? -10.578 -7.206  4.105   1.00 21.02 ? 13  THR A CB  1 
ATOM   88   O  OG1 . THR A 1 13 ? -10.193 -8.559  4.172   1.00 23.32 ? 13  THR A OG1 1 
ATOM   89   C  CG2 . THR A 1 13 ? -11.804 -7.122  3.207   1.00 22.20 ? 13  THR A CG2 1 
ATOM   90   N  N   . CYS A 1 14 ? -7.062  -6.233  4.211   1.00 17.81 ? 14  CYS A N   1 
ATOM   91   C  CA  . CYS A 1 14 ? -5.958  -6.015  5.152   1.00 17.65 ? 14  CYS A CA  1 
ATOM   92   C  C   . CYS A 1 14 ? -4.703  -5.558  4.441   1.00 19.29 ? 14  CYS A C   1 
ATOM   93   O  O   . CYS A 1 14 ? -4.475  -5.842  3.225   1.00 18.33 ? 14  CYS A O   1 
ATOM   94   C  CB  . CYS A 1 14 ? -5.683  -7.273  5.950   1.00 18.04 ? 14  CYS A CB  1 
ATOM   95   S  SG  . CYS A 1 14 ? -5.044  -8.612  4.874   1.00 18.48 ? 14  CYS A SG  1 
ATOM   96   N  N   . ALA A 1 15 ? -3.840  -4.901  5.204   1.00 17.14 ? 15  ALA A N   1 
ATOM   97   C  CA  . ALA A 1 15 ? -2.518  -4.512  4.731   1.00 18.71 ? 15  ALA A CA  1 
ATOM   98   C  C   . ALA A 1 15 ? -1.627  -5.703  4.384   1.00 16.79 ? 15  ALA A C   1 
ATOM   99   O  O   . ALA A 1 15 ? -0.861  -5.640  3.405   1.00 16.86 ? 15  ALA A O   1 
ATOM   100  C  CB  . ALA A 1 15 ? -1.832  -3.614  5.761   1.00 19.10 ? 15  ALA A CB  1 
ATOM   101  N  N   A SER A 1 16 ? -1.674  -6.762  5.198   0.50 16.29 ? 16  SER A N   1 
ATOM   102  N  N   B SER A 1 16 ? -1.665  -6.770  5.187   0.50 17.39 ? 16  SER A N   1 
ATOM   103  C  CA  A SER A 1 16 ? -0.875  -7.964  4.963   0.50 17.10 ? 16  SER A CA  1 
ATOM   104  C  CA  B SER A 1 16 ? -0.793  -7.917  4.937   0.50 18.88 ? 16  SER A CA  1 
ATOM   105  C  C   A SER A 1 16 ? -1.072  -8.506  3.569   0.50 16.85 ? 16  SER A C   1 
ATOM   106  C  C   B SER A 1 16 ? -1.062  -8.540  3.568   0.50 17.90 ? 16  SER A C   1 
ATOM   107  O  O   A SER A 1 16 ? -0.107  -8.822  2.891   0.50 16.08 ? 16  SER A O   1 
ATOM   108  O  O   B SER A 1 16 ? -0.121  -8.920  2.888   0.50 17.13 ? 16  SER A O   1 
ATOM   109  C  CB  A SER A 1 16 ? -1.214  -9.046  5.980   0.50 17.61 ? 16  SER A CB  1 
ATOM   110  C  CB  B SER A 1 16 ? -0.844  -8.954  6.073   0.50 20.62 ? 16  SER A CB  1 
ATOM   111  O  OG  A SER A 1 16 ? -0.443  -10.229 5.760   0.50 19.49 ? 16  SER A OG  1 
ATOM   112  O  OG  B SER A 1 16 ? -2.143  -9.455  6.287   0.50 25.08 ? 16  SER A OG  1 
ATOM   113  N  N   . CYS A 1 17 ? -2.327  -8.611  3.158   1.00 18.05 ? 17  CYS A N   1 
ATOM   114  C  CA  . CYS A 1 17 ? -2.638  -9.128  1.853   1.00 17.14 ? 17  CYS A CA  1 
ATOM   115  C  C   . CYS A 1 17 ? -2.188  -8.228  0.725   1.00 15.73 ? 17  CYS A C   1 
ATOM   116  O  O   . CYS A 1 17 ? -1.712  -8.732  -0.313  1.00 16.96 ? 17  CYS A O   1 
ATOM   117  C  CB  . CYS A 1 17 ? -4.122  -9.409  1.683   1.00 17.07 ? 17  CYS A CB  1 
ATOM   118  S  SG  . CYS A 1 17 ? -4.734  -10.790 2.694   1.00 18.01 ? 17  CYS A SG  1 
ATOM   119  N  N   . VAL A 1 18 ? -2.316  -6.927  0.894   1.00 15.32 ? 18  VAL A N   1 
ATOM   120  C  CA  . VAL A 1 18 ? -1.752  -5.983  -0.100  1.00 16.38 ? 18  VAL A CA  1 
ATOM   121  C  C   . VAL A 1 18 ? -0.258  -6.277  -0.325  1.00 14.40 ? 18  VAL A C   1 
ATOM   122  O  O   . VAL A 1 18 ? 0.226   -6.435  -1.489  1.00 16.11 ? 18  VAL A O   1 
ATOM   123  C  CB  . VAL A 1 18 ? -1.950  -4.506  0.315   1.00 17.79 ? 18  VAL A CB  1 
ATOM   124  C  CG1 . VAL A 1 18 ? -1.219  -3.560  -0.597  1.00 18.42 ? 18  VAL A CG1 1 
ATOM   125  C  CG2 . VAL A 1 18 ? -3.431  -4.168  0.404   1.00 18.72 ? 18  VAL A CG2 1 
ATOM   126  N  N   . HIS A 1 19 ? 0.477   -6.377  0.768   1.00 15.96 ? 19  HIS A N   1 
ATOM   127  C  CA  . HIS A 1 19 ? 1.880   -6.619  0.655   1.00 16.20 ? 19  HIS A CA  1 
ATOM   128  C  C   . HIS A 1 19 ? 2.186   -7.994  0.039   1.00 16.07 ? 19  HIS A C   1 
ATOM   129  O  O   . HIS A 1 19 ? 3.104   -8.110  -0.772  1.00 17.36 ? 19  HIS A O   1 
ATOM   130  C  CB  . HIS A 1 19 ? 2.531   -6.444  2.014   1.00 18.04 ? 19  HIS A CB  1 
ATOM   131  C  CG  . HIS A 1 19 ? 2.493   -5.026  2.494   1.00 18.83 ? 19  HIS A CG  1 
ATOM   132  N  ND1 . HIS A 1 19 ? 3.040   -3.970  1.775   1.00 22.67 ? 19  HIS A ND1 1 
ATOM   133  C  CD2 . HIS A 1 19 ? 2.044   -4.498  3.654   1.00 22.16 ? 19  HIS A CD2 1 
ATOM   134  C  CE1 . HIS A 1 19 ? 2.897   -2.859  2.472   1.00 21.83 ? 19  HIS A CE1 1 
ATOM   135  N  NE2 . HIS A 1 19 ? 2.304   -3.158  3.620   1.00 21.11 ? 19  HIS A NE2 1 
ATOM   136  N  N   . SER A 1 20 ? 1.427   -9.012  0.414   1.00 14.45 ? 20  SER A N   1 
ATOM   137  C  CA  . SER A 1 20 ? 1.580   -10.373 -0.136  1.00 15.50 ? 20  SER A CA  1 
ATOM   138  C  C   . SER A 1 20 ? 1.314   -10.409 -1.632  1.00 15.68 ? 20  SER A C   1 
ATOM   139  O  O   . SER A 1 20 ? 2.066   -11.051 -2.407  1.00 16.57 ? 20  SER A O   1 
ATOM   140  C  CB  . SER A 1 20 ? 0.685   -11.371 0.580   1.00 18.91 ? 20  SER A CB  1 
ATOM   141  O  OG  . SER A 1 20 ? 1.183   -11.607 1.911   1.00 23.33 ? 20  SER A OG  1 
ATOM   142  N  N   . ILE A 1 21 ? 0.255   -9.776  -2.065  1.00 15.18 ? 21  ILE A N   1 
ATOM   143  C  CA  . ILE A 1 21 ? -0.044  -9.667  -3.509  1.00 14.67 ? 21  ILE A CA  1 
ATOM   144  C  C   . ILE A 1 21 ? 1.091   -8.942  -4.262  1.00 14.84 ? 21  ILE A C   1 
ATOM   145  O  O   . ILE A 1 21 ? 1.544   -9.391  -5.285  1.00 15.49 ? 21  ILE A O   1 
ATOM   146  C  CB  . ILE A 1 21 ? -1.395  -8.971  -3.780  1.00 15.36 ? 21  ILE A CB  1 
ATOM   147  C  CG1 . ILE A 1 21 ? -2.527  -9.837  -3.253  1.00 16.04 ? 21  ILE A CG1 1 
ATOM   148  C  CG2 . ILE A 1 21 ? -1.580  -8.712  -5.253  1.00 16.20 ? 21  ILE A CG2 1 
ATOM   149  C  CD1 . ILE A 1 21 ? -3.842  -9.067  -3.132  1.00 17.32 ? 21  ILE A CD1 1 
ATOM   150  N  N   . GLU A 1 22 ? 1.501   -7.788  -3.757  1.00 13.49 ? 22  GLU A N   1 
ATOM   151  C  CA  . GLU A 1 22 ? 2.589   -7.030  -4.394  1.00 14.20 ? 22  GLU A CA  1 
ATOM   152  C  C   . GLU A 1 22 ? 3.865   -7.857  -4.431  1.00 16.11 ? 22  GLU A C   1 
ATOM   153  O  O   . GLU A 1 22 ? 4.551   -7.877  -5.472  1.00 15.19 ? 22  GLU A O   1 
ATOM   154  C  CB  . GLU A 1 22 ? 2.807   -5.692  -3.692  1.00 15.20 ? 22  GLU A CB  1 
ATOM   155  C  CG  . GLU A 1 22 ? 1.703   -4.719  -3.986  1.00 15.71 ? 22  GLU A CG  1 
ATOM   156  C  CD  . GLU A 1 22 ? 1.984   -3.286  -3.513  1.00 17.39 ? 22  GLU A CD  1 
ATOM   157  O  OE1 . GLU A 1 22 ? 2.952   -3.088  -2.775  1.00 17.53 ? 22  GLU A OE1 1 
ATOM   158  O  OE2 . GLU A 1 22 ? 1.339   -2.370  -3.997  1.00 16.11 ? 22  GLU A OE2 1 
ATOM   159  N  N   . GLY A 1 23 ? 4.176   -8.555  -3.326  1.00 16.85 ? 23  GLY A N   1 
ATOM   160  C  CA  . GLY A 1 23 ? 5.394   -9.376  -3.305  1.00 17.06 ? 23  GLY A CA  1 
ATOM   161  C  C   . GLY A 1 23 ? 5.373   -10.473 -4.357  1.00 19.00 ? 23  GLY A C   1 
ATOM   162  O  O   . GLY A 1 23 ? 6.321   -10.638 -5.147  1.00 19.35 ? 23  GLY A O   1 
ATOM   163  N  N   A MET A 1 24 ? 4.265   -11.203 -4.403  0.50 17.62 ? 24  MET A N   1 
ATOM   164  N  N   B MET A 1 24 ? 4.274   -11.216 -4.414  0.50 17.54 ? 24  MET A N   1 
ATOM   165  C  CA  A MET A 1 24 ? 4.128   -12.349 -5.311  0.50 20.53 ? 24  MET A CA  1 
ATOM   166  C  CA  B MET A 1 24 ? 4.194   -12.355 -5.343  0.50 20.26 ? 24  MET A CA  1 
ATOM   167  C  C   A MET A 1 24 ? 4.178   -11.910 -6.769  0.50 18.91 ? 24  MET A C   1 
ATOM   168  C  C   B MET A 1 24 ? 4.195   -11.901 -6.792  0.50 18.84 ? 24  MET A C   1 
ATOM   169  O  O   A MET A 1 24 ? 4.951   -12.459 -7.586  0.50 19.29 ? 24  MET A O   1 
ATOM   170  O  O   B MET A 1 24 ? 4.944   -12.443 -7.632  0.50 18.96 ? 24  MET A O   1 
ATOM   171  C  CB  A MET A 1 24 ? 2.801   -13.088 -5.032  0.50 23.16 ? 24  MET A CB  1 
ATOM   172  C  CB  B MET A 1 24 ? 2.947   -13.215 -5.086  0.50 22.86 ? 24  MET A CB  1 
ATOM   173  C  CG  A MET A 1 24 ? 2.574   -14.372 -5.829  0.50 24.90 ? 24  MET A CG  1 
ATOM   174  C  CG  B MET A 1 24 ? 2.711   -14.301 -6.133  0.50 24.44 ? 24  MET A CG  1 
ATOM   175  S  SD  A MET A 1 24 ? 3.592   -15.755 -5.253  0.50 27.00 ? 24  MET A SD  1 
ATOM   176  S  SD  B MET A 1 24 ? 1.946   -13.727 -7.660  0.50 27.22 ? 24  MET A SD  1 
ATOM   177  C  CE  A MET A 1 24 ? 2.765   -16.318 -3.779  0.50 27.42 ? 24  MET A CE  1 
ATOM   178  C  CE  B MET A 1 24 ? 0.240   -13.729 -7.175  0.50 28.77 ? 24  MET A CE  1 
ATOM   179  N  N   . ILE A 1 25 ? 3.369   -10.917 -7.109  1.00 17.09 ? 25  ILE A N   1 
ATOM   180  C  CA  . ILE A 1 25 ? 3.240   -10.490 -8.486  1.00 16.89 ? 25  ILE A CA  1 
ATOM   181  C  C   . ILE A 1 25 ? 4.518   -9.783  -8.950  1.00 16.28 ? 25  ILE A C   1 
ATOM   182  O  O   . ILE A 1 25 ? 4.976   -9.948  -10.110 1.00 16.43 ? 25  ILE A O   1 
ATOM   183  C  CB  . ILE A 1 25 ? 2.008   -9.612  -8.695  1.00 19.15 ? 25  ILE A CB  1 
ATOM   184  C  CG1 . ILE A 1 25 ? 0.751   -10.437 -8.364  1.00 22.61 ? 25  ILE A CG1 1 
ATOM   185  C  CG2 . ILE A 1 25 ? 1.936   -9.008  -10.077 1.00 20.92 ? 25  ILE A CG2 1 
ATOM   186  C  CD1 . ILE A 1 25 ? 0.501   -11.575 -9.324  1.00 26.93 ? 25  ILE A CD1 1 
ATOM   187  N  N   . SER A 1 26 ? 5.111   -8.992  -8.059  1.00 15.41 ? 26  SER A N   1 
ATOM   188  C  CA  . SER A 1 26 ? 6.306   -8.192  -8.467  1.00 15.34 ? 26  SER A CA  1 
ATOM   189  C  C   . SER A 1 26 ? 7.440   -9.144  -8.910  1.00 16.67 ? 26  SER A C   1 
ATOM   190  O  O   . SER A 1 26 ? 8.279   -8.742  -9.767  1.00 15.74 ? 26  SER A O   1 
ATOM   191  C  CB  . SER A 1 26 ? 6.800   -7.275  -7.357  1.00 16.47 ? 26  SER A CB  1 
ATOM   192  O  OG  . SER A 1 26 ? 7.237   -8.019  -6.268  1.00 17.69 ? 26  SER A OG  1 
ATOM   193  N  N   . GLN A 1 27 ? 7.520   -10.336 -8.282  1.00 16.16 ? 27  GLN A N   1 
ATOM   194  C  CA  . GLN A 1 27 ? 8.618   -11.286 -8.553  1.00 17.16 ? 27  GLN A CA  1 
ATOM   195  C  C   . GLN A 1 27 ? 8.463   -12.074 -9.852  1.00 18.44 ? 27  GLN A C   1 
ATOM   196  O  O   . GLN A 1 27 ? 9.421   -12.728 -10.302 1.00 18.20 ? 27  GLN A O   1 
ATOM   197  C  CB  . GLN A 1 27 ? 8.860   -12.198 -7.375  1.00 18.13 ? 27  GLN A CB  1 
ATOM   198  C  CG  . GLN A 1 27 ? 9.283   -11.552 -6.095  1.00 19.34 ? 27  GLN A CG  1 
ATOM   199  C  CD  . GLN A 1 27 ? 9.293   -12.488 -4.922  1.00 22.88 ? 27  GLN A CD  1 
ATOM   200  O  OE1 . GLN A 1 27 ? 9.427   -13.713 -5.079  1.00 25.34 ? 27  GLN A OE1 1 
ATOM   201  N  NE2 . GLN A 1 27 ? 9.138   -11.935 -3.741  1.00 25.82 ? 27  GLN A NE2 1 
ATOM   202  N  N   . LEU A 1 28 ? 7.287   -11.988 -10.520 1.00 17.75 ? 28  LEU A N   1 
ATOM   203  C  CA  . LEU A 1 28 ? 7.097   -12.731 -11.796 1.00 16.72 ? 28  LEU A CA  1 
ATOM   204  C  C   . LEU A 1 28 ? 7.959   -12.116 -12.873 1.00 17.07 ? 28  LEU A C   1 
ATOM   205  O  O   . LEU A 1 28 ? 8.157   -10.882 -12.935 1.00 17.97 ? 28  LEU A O   1 
ATOM   206  C  CB  . LEU A 1 28 ? 5.621   -12.722 -12.243 1.00 18.01 ? 28  LEU A CB  1 
ATOM   207  C  CG  . LEU A 1 28 ? 4.689   -13.358 -11.204 1.00 19.54 ? 28  LEU A CG  1 
ATOM   208  C  CD1 . LEU A 1 28 ? 3.253   -13.061 -11.619 1.00 19.31 ? 28  LEU A CD1 1 
ATOM   209  C  CD2 . LEU A 1 28 ? 4.963   -14.862 -11.009 1.00 21.49 ? 28  LEU A CD2 1 
ATOM   210  N  N   . GLU A 1 29 ? 8.524   -12.979 -13.711 1.00 17.91 ? 29  GLU A N   1 
ATOM   211  C  CA  . GLU A 1 29 ? 9.310   -12.470 -14.845 1.00 19.43 ? 29  GLU A CA  1 
ATOM   212  C  C   . GLU A 1 29 ? 8.555   -11.464 -15.664 1.00 17.91 ? 29  GLU A C   1 
ATOM   213  O  O   . GLU A 1 29 ? 7.397   -11.663 -16.095 1.00 20.25 ? 29  GLU A O   1 
ATOM   214  C  CB  . GLU A 1 29 ? 9.757   -13.640 -15.748 1.00 22.01 ? 29  GLU A CB  1 
ATOM   215  C  CG  . GLU A 1 29 ? 10.899  -13.210 -16.657 1.00 25.79 ? 29  GLU A CG  1 
ATOM   216  C  CD  . GLU A 1 29 ? 11.247  -14.246 -17.722 1.00 32.54 ? 29  GLU A CD  1 
ATOM   217  O  OE1 . GLU A 1 29 ? 12.226  -13.982 -18.481 1.00 32.80 ? 29  GLU A OE1 1 
ATOM   218  O  OE2 . GLU A 1 29 ? 10.556  -15.285 -17.792 1.00 31.68 ? 29  GLU A OE2 1 
ATOM   219  N  N   . GLY A 1 30 ? 9.184   -10.307 -15.916 1.00 17.02 ? 30  GLY A N   1 
ATOM   220  C  CA  . GLY A 1 30 ? 8.659   -9.245  -16.660 1.00 17.04 ? 30  GLY A CA  1 
ATOM   221  C  C   . GLY A 1 30 ? 7.966   -8.156  -15.927 1.00 15.60 ? 30  GLY A C   1 
ATOM   222  O  O   . GLY A 1 30 ? 7.582   -7.158  -16.518 1.00 16.82 ? 30  GLY A O   1 
ATOM   223  N  N   . VAL A 1 31 ? 7.758   -8.348  -14.620 1.00 16.81 ? 31  VAL A N   1 
ATOM   224  C  CA  . VAL A 1 31 ? 6.982   -7.364  -13.839 1.00 15.86 ? 31  VAL A CA  1 
ATOM   225  C  C   . VAL A 1 31 ? 7.935   -6.342  -13.238 1.00 16.38 ? 31  VAL A C   1 
ATOM   226  O  O   . VAL A 1 31 ? 8.764   -6.697  -12.404 1.00 16.14 ? 31  VAL A O   1 
ATOM   227  C  CB  . VAL A 1 31 ? 6.117   -8.040  -12.726 1.00 15.48 ? 31  VAL A CB  1 
ATOM   228  C  CG1 . VAL A 1 31 ? 5.440   -6.957  -11.907 1.00 16.53 ? 31  VAL A CG1 1 
ATOM   229  C  CG2 . VAL A 1 31 ? 5.088   -8.964  -13.379 1.00 15.78 ? 31  VAL A CG2 1 
ATOM   230  N  N   . GLN A 1 32 ? 7.802   -5.091  -13.639 1.00 16.38 ? 32  GLN A N   1 
ATOM   231  C  CA  . GLN A 1 32 ? 8.686   -4.038  -13.136 1.00 15.42 ? 32  GLN A CA  1 
ATOM   232  C  C   . GLN A 1 32 ? 8.150   -3.522  -11.800 1.00 16.52 ? 32  GLN A C   1 
ATOM   233  O  O   . GLN A 1 32 ? 8.886   -3.366  -10.850 1.00 16.19 ? 32  GLN A O   1 
ATOM   234  C  CB  . GLN A 1 32 ? 8.777   -2.919  -14.148 1.00 17.31 ? 32  GLN A CB  1 
ATOM   235  C  CG  . GLN A 1 32 ? 9.538   -1.700  -13.647 1.00 19.74 ? 32  GLN A CG  1 
ATOM   236  C  CD  . GLN A 1 32 ? 9.888   -0.766  -14.795 1.00 22.28 ? 32  GLN A CD  1 
ATOM   237  O  OE1 . GLN A 1 32 ? 10.395  -1.203  -15.821 1.00 24.76 ? 32  GLN A OE1 1 
ATOM   238  N  NE2 . GLN A 1 32 ? 9.501   0.504   -14.671 1.00 29.10 ? 32  GLN A NE2 1 
ATOM   239  N  N   A GLN A 1 33 ? 6.837   -3.305  -11.715 0.50 15.85 ? 33  GLN A N   1 
ATOM   240  N  N   B GLN A 1 33 ? 6.845   -3.217  -11.744 0.50 16.37 ? 33  GLN A N   1 
ATOM   241  C  CA  A GLN A 1 33 ? 6.289   -2.725  -10.528 0.50 17.20 ? 33  GLN A CA  1 
ATOM   242  C  CA  B GLN A 1 33 ? 6.259   -2.578  -10.573 0.50 18.01 ? 33  GLN A CA  1 
ATOM   243  C  C   A GLN A 1 33 ? 4.795   -2.977  -10.499 0.50 17.79 ? 33  GLN A C   1 
ATOM   244  C  C   B GLN A 1 33 ? 4.795   -2.994  -10.505 0.50 18.31 ? 33  GLN A C   1 
ATOM   245  O  O   A GLN A 1 33 ? 4.144   -3.060  -11.559 0.50 17.26 ? 33  GLN A O   1 
ATOM   246  O  O   B GLN A 1 33 ? 4.158   -3.195  -11.555 0.50 17.49 ? 33  GLN A O   1 
ATOM   247  C  CB  A GLN A 1 33 ? 6.610   -1.251  -10.515 0.50 19.45 ? 33  GLN A CB  1 
ATOM   248  C  CB  B GLN A 1 33 ? 6.352   -1.062  -10.696 0.50 21.95 ? 33  GLN A CB  1 
ATOM   249  C  CG  A GLN A 1 33 ? 6.058   -0.504  -9.347  0.50 22.49 ? 33  GLN A CG  1 
ATOM   250  C  CG  B GLN A 1 33 ? 5.911   -0.318  -9.465  0.50 26.36 ? 33  GLN A CG  1 
ATOM   251  C  CD  A GLN A 1 33 ? 4.788   0.206   -9.703  0.50 24.23 ? 33  GLN A CD  1 
ATOM   252  C  CD  B GLN A 1 33 ? 5.569   1.126   -9.745  0.50 30.08 ? 33  GLN A CD  1 
ATOM   253  O  OE1 A GLN A 1 33 ? 4.405   0.278   -10.876 0.50 27.23 ? 33  GLN A OE1 1 
ATOM   254  O  OE1 B GLN A 1 33 ? 6.328   1.845   -10.380 0.50 35.10 ? 33  GLN A OE1 1 
ATOM   255  N  NE2 A GLN A 1 33 ? 4.143   0.769   -8.703  0.50 25.36 ? 33  GLN A NE2 1 
ATOM   256  N  NE2 B GLN A 1 33 ? 4.405   1.554   -9.271  0.50 33.61 ? 33  GLN A NE2 1 
ATOM   257  N  N   . ILE A 1 34 ? 4.272   -3.131  -9.285  1.00 17.93 ? 34  ILE A N   1 
ATOM   258  C  CA  . ILE A 1 34 ? 2.844   -3.310  -9.055  1.00 17.21 ? 34  ILE A CA  1 
ATOM   259  C  C   . ILE A 1 34 ? 2.433   -2.320  -7.960  1.00 17.89 ? 34  ILE A C   1 
ATOM   260  O  O   . ILE A 1 34 ? 3.052   -2.310  -6.925  1.00 19.67 ? 34  ILE A O   1 
ATOM   261  C  CB  . ILE A 1 34 ? 2.450   -4.768  -8.722  1.00 17.78 ? 34  ILE A CB  1 
ATOM   262  C  CG1 . ILE A 1 34 ? 0.989   -4.850  -8.265  1.00 17.28 ? 34  ILE A CG1 1 
ATOM   263  C  CG2 . ILE A 1 34 ? 3.385   -5.443  -7.704  1.00 17.14 ? 34  ILE A CG2 1 
ATOM   264  C  CD1 . ILE A 1 34 ? 0.428   -6.227  -8.156  1.00 19.32 ? 34  ILE A CD1 1 
ATOM   265  N  N   . SER A 1 35 ? 1.361   -1.569  -8.197  1.00 16.36 ? 35  SER A N   1 
ATOM   266  C  CA  . SER A 1 35 ? 0.767   -0.658  -7.183  1.00 17.07 ? 35  SER A CA  1 
ATOM   267  C  C   . SER A 1 35 ? -0.646  -1.138  -6.874  1.00 16.67 ? 35  SER A C   1 
ATOM   268  O  O   . SER A 1 35 ? -1.549  -0.982  -7.705  1.00 18.18 ? 35  SER A O   1 
ATOM   269  C  CB  . SER A 1 35 ? 0.665   0.778   -7.686  1.00 22.82 ? 35  SER A CB  1 
ATOM   270  O  OG  . SER A 1 35 ? 1.966   1.241   -8.024  1.00 28.10 ? 35  SER A OG  1 
ATOM   271  N  N   . VAL A 1 36 ? -0.859  -1.652  -5.677  1.00 16.31 ? 36  VAL A N   1 
ATOM   272  C  CA  . VAL A 1 36 ? -2.205  -2.104  -5.217  1.00 17.13 ? 36  VAL A CA  1 
ATOM   273  C  C   . VAL A 1 36 ? -2.841  -0.978  -4.446  1.00 17.85 ? 36  VAL A C   1 
ATOM   274  O  O   . VAL A 1 36 ? -2.218  -0.398  -3.526  1.00 19.54 ? 36  VAL A O   1 
ATOM   275  C  CB  . VAL A 1 36 ? -2.104  -3.364  -4.378  1.00 17.36 ? 36  VAL A CB  1 
ATOM   276  C  CG1 . VAL A 1 36 ? -3.461  -3.721  -3.726  1.00 18.42 ? 36  VAL A CG1 1 
ATOM   277  C  CG2 . VAL A 1 36 ? -1.630  -4.498  -5.245  1.00 17.59 ? 36  VAL A CG2 1 
ATOM   278  N  N   . SER A 1 37 ? -4.060  -0.608  -4.862  1.00 16.95 ? 37  SER A N   1 
ATOM   279  C  CA  . SER A 1 37 ? -4.906  0.361   -4.132  1.00 17.72 ? 37  SER A CA  1 
ATOM   280  C  C   . SER A 1 37 ? -5.926  -0.437  -3.339  1.00 19.40 ? 37  SER A C   1 
ATOM   281  O  O   . SER A 1 37 ? -6.888  -0.934  -3.904  1.00 19.22 ? 37  SER A O   1 
ATOM   282  C  CB  . SER A 1 37 ? -5.616  1.316   -5.055  1.00 19.03 ? 37  SER A CB  1 
ATOM   283  O  OG  . SER A 1 37 ? -6.496  2.180   -4.305  1.00 20.79 ? 37  SER A OG  1 
ATOM   284  N  N   . LEU A 1 38 ? -5.739  -0.530  -2.022  1.00 19.46 ? 38  LEU A N   1 
ATOM   285  C  CA  . LEU A 1 38 ? -6.733  -1.187  -1.164  1.00 19.47 ? 38  LEU A CA  1 
ATOM   286  C  C   . LEU A 1 38 ? -8.067  -0.366  -1.249  1.00 20.56 ? 38  LEU A C   1 
ATOM   287  O  O   . LEU A 1 38 ? -9.151  -0.947  -1.302  1.00 21.19 ? 38  LEU A O   1 
ATOM   288  C  CB  . LEU A 1 38 ? -6.171  -1.329  0.235   1.00 21.85 ? 38  LEU A CB  1 
ATOM   289  C  CG  . LEU A 1 38 ? -7.017  -1.985  1.299   1.00 22.04 ? 38  LEU A CG  1 
ATOM   290  C  CD1 . LEU A 1 38 ? -7.344  -3.428  0.946   1.00 24.74 ? 38  LEU A CD1 1 
ATOM   291  C  CD2 . LEU A 1 38 ? -6.336  -1.917  2.635   1.00 22.14 ? 38  LEU A CD2 1 
ATOM   292  N  N   . ALA A 1 39 ? -7.981  0.960   -1.319  1.00 21.50 ? 39  ALA A N   1 
ATOM   293  C  CA  . ALA A 1 39 ? -9.165  1.822   -1.458  1.00 25.00 ? 39  ALA A CA  1 
ATOM   294  C  C   . ALA A 1 39 ? -9.997  1.557   -2.661  1.00 25.14 ? 39  ALA A C   1 
ATOM   295  O  O   . ALA A 1 39 ? -11.234 1.485   -2.554  1.00 27.03 ? 39  ALA A O   1 
ATOM   296  C  CB  . ALA A 1 39 ? -8.784  3.309   -1.477  1.00 26.36 ? 39  ALA A CB  1 
ATOM   297  N  N   . GLU A 1 40 ? -9.350  1.418   -3.807  1.00 22.02 ? 40  GLU A N   1 
ATOM   298  C  CA  . GLU A 1 40 ? -9.997  1.314   -5.107  1.00 24.20 ? 40  GLU A CA  1 
ATOM   299  C  C   . GLU A 1 40 ? -10.242 -0.149  -5.480  1.00 21.25 ? 40  GLU A C   1 
ATOM   300  O  O   . GLU A 1 40 ? -10.983 -0.423  -6.427  1.00 23.76 ? 40  GLU A O   1 
ATOM   301  C  CB  . GLU A 1 40 ? -9.162  2.044   -6.190  1.00 28.18 ? 40  GLU A CB  1 
ATOM   302  C  CG  . GLU A 1 40 ? -9.392  3.554   -6.189  1.00 33.50 ? 40  GLU A CG  1 
ATOM   303  C  CD  . GLU A 1 40 ? -8.176  4.432   -6.520  1.00 37.45 ? 40  GLU A CD  1 
ATOM   304  O  OE1 . GLU A 1 40 ? -7.464  4.134   -7.500  1.00 42.16 ? 40  GLU A OE1 1 
ATOM   305  O  OE2 . GLU A 1 40 ? -7.971  5.462   -5.795  1.00 48.23 ? 40  GLU A OE2 1 
ATOM   306  N  N   . GLY A 1 41 ? -9.612  -1.068  -4.745  1.00 19.52 ? 41  GLY A N   1 
ATOM   307  C  CA  . GLY A 1 41 ? -9.703  -2.491  -5.063  1.00 18.73 ? 41  GLY A CA  1 
ATOM   308  C  C   . GLY A 1 41 ? -9.082  -2.834  -6.392  1.00 18.39 ? 41  GLY A C   1 
ATOM   309  O  O   . GLY A 1 41 ? -9.636  -3.649  -7.177  1.00 17.49 ? 41  GLY A O   1 
ATOM   310  N  N   . THR A 1 42 ? -7.914  -2.232  -6.670  1.00 17.47 ? 42  THR A N   1 
ATOM   311  C  CA  . THR A 1 42 ? -7.256  -2.482  -7.969  1.00 16.23 ? 42  THR A CA  1 
ATOM   312  C  C   . THR A 1 42 ? -5.763  -2.657  -7.821  1.00 17.57 ? 42  THR A C   1 
ATOM   313  O  O   . THR A 1 42 ? -5.207  -2.257  -6.804  1.00 18.10 ? 42  THR A O   1 
ATOM   314  C  CB  . THR A 1 42 ? -7.491  -1.351  -8.960  1.00 18.90 ? 42  THR A CB  1 
ATOM   315  O  OG1 . THR A 1 42 ? -6.959  -0.128  -8.412  1.00 21.07 ? 42  THR A OG1 1 
ATOM   316  C  CG2 . THR A 1 42 ? -8.931  -1.230  -9.273  1.00 20.20 ? 42  THR A CG2 1 
ATOM   317  N  N   . ALA A 1 43 ? -5.163  -3.268  -8.832  1.00 17.08 ? 43  ALA A N   1 
ATOM   318  C  CA  . ALA A 1 43 ? -3.679  -3.283  -8.975  1.00 17.68 ? 43  ALA A CA  1 
ATOM   319  C  C   . ALA A 1 43 ? -3.372  -2.698  -10.325 1.00 18.84 ? 43  ALA A C   1 
ATOM   320  O  O   . ALA A 1 43 ? -4.012  -3.044  -11.320 1.00 18.18 ? 43  ALA A O   1 
ATOM   321  C  CB  . ALA A 1 43 ? -3.144  -4.650  -8.874  1.00 18.47 ? 43  ALA A CB  1 
ATOM   322  N  N   A THR A 1 44 ? -2.358  -1.820  -10.362 0.50 15.76 ? 44  THR A N   1 
ATOM   323  N  N   B THR A 1 44 ? -2.388  -1.781  -10.379 0.50 18.00 ? 44  THR A N   1 
ATOM   324  C  CA  A THR A 1 44 ? -1.826  -1.299  -11.602 0.50 15.55 ? 44  THR A CA  1 
ATOM   325  C  CA  B THR A 1 44 ? -1.838  -1.326  -11.654 0.50 19.44 ? 44  THR A CA  1 
ATOM   326  C  C   A THR A 1 44 ? -0.443  -1.879  -11.771 0.50 17.16 ? 44  THR A C   1 
ATOM   327  C  C   B THR A 1 44 ? -0.455  -1.893  -11.774 0.50 19.36 ? 44  THR A C   1 
ATOM   328  O  O   A THR A 1 44 ? 0.405   -1.714  -10.879 0.50 17.13 ? 44  THR A O   1 
ATOM   329  O  O   B THR A 1 44 ? 0.372   -1.729  -10.863 0.50 19.02 ? 44  THR A O   1 
ATOM   330  C  CB  A THR A 1 44 ? -1.776  0.236   -11.569 0.50 15.59 ? 44  THR A CB  1 
ATOM   331  C  CB  B THR A 1 44 ? -1.793  0.204   -11.777 0.50 22.67 ? 44  THR A CB  1 
ATOM   332  O  OG1 A THR A 1 44 ? -3.121  0.678   -11.446 0.50 14.60 ? 44  THR A OG1 1 
ATOM   333  O  OG1 B THR A 1 44 ? -0.902  0.753   -10.803 0.50 26.86 ? 44  THR A OG1 1 
ATOM   334  C  CG2 A THR A 1 44 ? -1.178  0.753   -12.833 0.50 14.22 ? 44  THR A CG2 1 
ATOM   335  C  CG2 B THR A 1 44 ? -3.137  0.672   -11.535 0.50 22.03 ? 44  THR A CG2 1 
ATOM   336  N  N   . VAL A 1 45 ? -0.211  -2.592  -12.878 1.00 16.39 ? 45  VAL A N   1 
ATOM   337  C  CA  . VAL A 1 45 ? 1.048   -3.360  -13.057 1.00 15.92 ? 45  VAL A CA  1 
ATOM   338  C  C   . VAL A 1 45 ? 1.777   -2.827  -14.283 1.00 17.30 ? 45  VAL A C   1 
ATOM   339  O  O   . VAL A 1 45 ? 1.194   -2.697  -15.349 1.00 16.17 ? 45  VAL A O   1 
ATOM   340  C  CB  . VAL A 1 45 ? 0.814   -4.858  -13.193 1.00 16.14 ? 45  VAL A CB  1 
ATOM   341  C  CG1 . VAL A 1 45 ? 2.134   -5.617  -13.160 1.00 16.97 ? 45  VAL A CG1 1 
ATOM   342  C  CG2 . VAL A 1 45 ? -0.136  -5.325  -12.105 1.00 16.32 ? 45  VAL A CG2 1 
ATOM   343  N  N   . LEU A 1 46 ? 3.040   -2.492  -14.117 1.00 16.70 ? 46  LEU A N   1 
ATOM   344  C  CA  . LEU A 1 46 ? 3.957   -2.135  -15.206 1.00 17.77 ? 46  LEU A CA  1 
ATOM   345  C  C   . LEU A 1 46 ? 4.798   -3.359  -15.554 1.00 16.37 ? 46  LEU A C   1 
ATOM   346  O  O   . LEU A 1 46 ? 5.478   -3.942  -14.678 1.00 15.92 ? 46  LEU A O   1 
ATOM   347  C  CB  . LEU A 1 46 ? 4.863   -0.996  -14.737 1.00 19.76 ? 46  LEU A CB  1 
ATOM   348  C  CG  . LEU A 1 46 ? 4.294   0.370   -14.874 1.00 27.43 ? 46  LEU A CG  1 
ATOM   349  C  CD1 . LEU A 1 46 ? 5.093   1.342   -13.999 1.00 30.71 ? 46  LEU A CD1 1 
ATOM   350  C  CD2 . LEU A 1 46 ? 4.462   0.726   -16.341 1.00 30.81 ? 46  LEU A CD2 1 
ATOM   351  N  N   . TYR A 1 47 ? 4.699   -3.841  -16.801 1.00 17.52 ? 47  TYR A N   1 
ATOM   352  C  CA  . TYR A 1 47 ? 5.210   -5.155  -17.165 1.00 17.78 ? 47  TYR A CA  1 
ATOM   353  C  C   . TYR A 1 47 ? 5.715   -5.122  -18.622 1.00 16.88 ? 47  TYR A C   1 
ATOM   354  O  O   . TYR A 1 47 ? 5.286   -4.269  -19.396 1.00 19.67 ? 47  TYR A O   1 
ATOM   355  C  CB  . TYR A 1 47 ? 4.131   -6.251  -16.952 1.00 18.04 ? 47  TYR A CB  1 
ATOM   356  C  CG  . TYR A 1 47 ? 2.992   -6.120  -17.976 1.00 19.53 ? 47  TYR A CG  1 
ATOM   357  C  CD1 . TYR A 1 47 ? 2.011   -5.137  -17.846 1.00 18.85 ? 47  TYR A CD1 1 
ATOM   358  C  CD2 . TYR A 1 47 ? 2.953   -6.966  -19.096 1.00 19.88 ? 47  TYR A CD2 1 
ATOM   359  C  CE1 . TYR A 1 47 ? 1.049   -4.958  -18.816 1.00 20.79 ? 47  TYR A CE1 1 
ATOM   360  C  CE2 . TYR A 1 47 ? 1.971   -6.795  -20.069 1.00 20.80 ? 47  TYR A CE2 1 
ATOM   361  C  CZ  . TYR A 1 47 ? 1.035   -5.809  -19.925 1.00 20.64 ? 47  TYR A CZ  1 
ATOM   362  O  OH  . TYR A 1 47 ? 0.027   -5.629  -20.885 1.00 23.98 ? 47  TYR A OH  1 
ATOM   363  N  N   . ASN A 1 48 ? 6.588   -6.064  -18.931 1.00 18.06 ? 48  ASN A N   1 
ATOM   364  C  CA  . ASN A 1 48 ? 7.078   -6.271  -20.292 1.00 21.11 ? 48  ASN A CA  1 
ATOM   365  C  C   . ASN A 1 48 ? 6.142   -7.244  -21.032 1.00 18.98 ? 48  ASN A C   1 
ATOM   366  O  O   . ASN A 1 48 ? 6.147   -8.409  -20.697 1.00 20.86 ? 48  ASN A O   1 
ATOM   367  C  CB  . ASN A 1 48 ? 8.512   -6.781  -20.226 1.00 21.07 ? 48  ASN A CB  1 
ATOM   368  C  CG  . ASN A 1 48 ? 9.091   -7.058  -21.595 1.00 23.38 ? 48  ASN A CG  1 
ATOM   369  O  OD1 . ASN A 1 48 ? 8.462   -6.773  -22.596 1.00 24.65 ? 48  ASN A OD1 1 
ATOM   370  N  ND2 . ASN A 1 48 ? 10.240  -7.690  -21.621 1.00 26.38 ? 48  ASN A ND2 1 
ATOM   371  N  N   . PRO A 1 49 ? 5.320   -6.702  -21.987 1.00 21.87 ? 49  PRO A N   1 
ATOM   372  C  CA  . PRO A 1 49 ? 4.318   -7.573  -22.641 1.00 24.41 ? 49  PRO A CA  1 
ATOM   373  C  C   . PRO A 1 49 ? 4.930   -8.664  -23.514 1.00 27.26 ? 49  PRO A C   1 
ATOM   374  O  O   . PRO A 1 49 ? 4.209   -9.595  -23.913 1.00 27.58 ? 49  PRO A O   1 
ATOM   375  C  CB  . PRO A 1 49 ? 3.550   -6.592  -23.522 1.00 23.69 ? 49  PRO A CB  1 
ATOM   376  C  CG  . PRO A 1 49 ? 4.580   -5.555  -23.865 1.00 23.78 ? 49  PRO A CG  1 
ATOM   377  C  CD  . PRO A 1 49 ? 5.275   -5.351  -22.555 1.00 22.29 ? 49  PRO A CD  1 
ATOM   378  N  N   . ALA A 1 50 ? 6.234   -8.572  -23.814 1.00 26.78 ? 50  ALA A N   1 
ATOM   379  C  CA  . ALA A 1 50 ? 6.917   -9.687  -24.514 1.00 27.27 ? 50  ALA A CA  1 
ATOM   380  C  C   . ALA A 1 50 ? 7.102   -10.915 -23.672 1.00 25.99 ? 50  ALA A C   1 
ATOM   381  O  O   . ALA A 1 50 ? 7.290   -12.016 -24.204 1.00 29.17 ? 50  ALA A O   1 
ATOM   382  C  CB  . ALA A 1 50 ? 8.286   -9.246  -25.096 1.00 28.80 ? 50  ALA A CB  1 
ATOM   383  N  N   . VAL A 1 51 ? 7.076   -10.800 -22.330 1.00 22.24 ? 51  VAL A N   1 
ATOM   384  C  CA  . VAL A 1 51 ? 7.389   -11.928 -21.502 1.00 25.75 ? 51  VAL A CA  1 
ATOM   385  C  C   . VAL A 1 51 ? 6.254   -12.381 -20.552 1.00 23.59 ? 51  VAL A C   1 
ATOM   386  O  O   . VAL A 1 51 ? 6.256   -13.487 -20.053 1.00 25.16 ? 51  VAL A O   1 
ATOM   387  C  CB  . VAL A 1 51 ? 8.698   -11.680 -20.682 1.00 30.65 ? 51  VAL A CB  1 
ATOM   388  C  CG1 . VAL A 1 51 ? 9.926   -11.485 -21.583 1.00 30.99 ? 51  VAL A CG1 1 
ATOM   389  C  CG2 . VAL A 1 51 ? 8.553   -10.514 -19.797 1.00 30.92 ? 51  VAL A CG2 1 
ATOM   390  N  N   . ILE A 1 52 ? 5.333   -11.483 -20.278 1.00 23.34 ? 52  ILE A N   1 
ATOM   391  C  CA  . ILE A 1 52 ? 4.174   -11.789 -19.408 1.00 20.95 ? 52  ILE A CA  1 
ATOM   392  C  C   . ILE A 1 52 ? 2.954   -11.067 -19.867 1.00 19.87 ? 52  ILE A C   1 
ATOM   393  O  O   . ILE A 1 52 ? 3.046   -10.018 -20.468 1.00 20.46 ? 52  ILE A O   1 
ATOM   394  C  CB  . ILE A 1 52 ? 4.486   -11.457 -17.907 1.00 20.56 ? 52  ILE A CB  1 
ATOM   395  C  CG1 . ILE A 1 52 ? 3.451   -12.126 -16.994 1.00 17.94 ? 52  ILE A CG1 1 
ATOM   396  C  CG2 . ILE A 1 52 ? 4.576   -9.974  -17.670 1.00 20.90 ? 52  ILE A CG2 1 
ATOM   397  C  CD1 . ILE A 1 52 ? 3.807   -12.119 -15.531 1.00 20.22 ? 52  ILE A CD1 1 
ATOM   398  N  N   . SER A 1 53 ? 1.761   -11.656 -19.648 1.00 21.27 ? 53  SER A N   1 
ATOM   399  C  CA  . SER A 1 53 ? 0.503   -11.006 -20.106 1.00 21.63 ? 53  SER A CA  1 
ATOM   400  C  C   . SER A 1 53 ? -0.407  -10.569 -18.954 1.00 18.85 ? 53  SER A C   1 
ATOM   401  O  O   . SER A 1 53 ? -0.267  -11.122 -17.847 1.00 19.84 ? 53  SER A O   1 
ATOM   402  C  CB  . SER A 1 53 ? -0.303  -11.980 -20.939 1.00 22.10 ? 53  SER A CB  1 
ATOM   403  O  OG  . SER A 1 53 ? -0.772  -13.056 -20.153 1.00 23.77 ? 53  SER A OG  1 
ATOM   404  N  N   . PRO A 1 54 ? -1.326  -9.630  -19.214 1.00 20.03 ? 54  PRO A N   1 
ATOM   405  C  CA  . PRO A 1 54 ? -2.306  -9.318  -18.142 1.00 19.14 ? 54  PRO A CA  1 
ATOM   406  C  C   . PRO A 1 54 ? -3.091  -10.530 -17.625 1.00 19.72 ? 54  PRO A C   1 
ATOM   407  O  O   . PRO A 1 54 ? -3.315  -10.667 -16.419 1.00 18.51 ? 54  PRO A O   1 
ATOM   408  C  CB  . PRO A 1 54 ? -3.193  -8.289  -18.795 1.00 20.04 ? 54  PRO A CB  1 
ATOM   409  C  CG  . PRO A 1 54 ? -2.331  -7.616  -19.821 1.00 20.86 ? 54  PRO A CG  1 
ATOM   410  C  CD  . PRO A 1 54 ? -1.523  -8.706  -20.354 1.00 20.83 ? 54  PRO A CD  1 
ATOM   411  N  N   A GLU A 1 55 ? -3.486  -11.440 -18.505 0.50 21.13 ? 55  GLU A N   1 
ATOM   412  N  N   B GLU A 1 55 ? -3.484  -11.445 -18.520 0.50 19.93 ? 55  GLU A N   1 
ATOM   413  C  CA  A GLU A 1 55 ? -4.209  -12.590 -18.021 0.50 22.26 ? 55  GLU A CA  1 
ATOM   414  C  CA  B GLU A 1 55 ? -4.145  -12.665 -18.066 0.50 20.18 ? 55  GLU A CA  1 
ATOM   415  C  C   A GLU A 1 55 ? -3.348  -13.543 -17.163 0.50 21.21 ? 55  GLU A C   1 
ATOM   416  C  C   B GLU A 1 55 ? -3.316  -13.473 -17.107 0.50 19.83 ? 55  GLU A C   1 
ATOM   417  O  O   A GLU A 1 55 ? -3.869  -14.209 -16.266 0.50 21.60 ? 55  GLU A O   1 
ATOM   418  O  O   B GLU A 1 55 ? -3.816  -13.988 -16.115 0.50 19.89 ? 55  GLU A O   1 
ATOM   419  C  CB  A GLU A 1 55 ? -4.957  -13.254 -19.187 0.50 23.65 ? 55  GLU A CB  1 
ATOM   420  C  CB  B GLU A 1 55 ? -4.558  -13.566 -19.233 0.50 20.44 ? 55  GLU A CB  1 
ATOM   421  C  CG  A GLU A 1 55 ? -6.205  -12.467 -19.626 0.50 25.16 ? 55  GLU A CG  1 
ATOM   422  C  CG  B GLU A 1 55 ? -4.989  -14.952 -18.762 0.50 20.10 ? 55  GLU A CG  1 
ATOM   423  C  CD  A GLU A 1 55 ? -7.372  -12.514 -18.630 0.50 24.70 ? 55  GLU A CD  1 
ATOM   424  C  CD  B GLU A 1 55 ? -6.201  -14.940 -17.810 0.50 19.37 ? 55  GLU A CD  1 
ATOM   425  O  OE1 A GLU A 1 55 ? -7.436  -13.396 -17.741 0.50 26.17 ? 55  GLU A OE1 1 
ATOM   426  O  OE1 B GLU A 1 55 ? -6.843  -13.901 -17.664 0.50 22.47 ? 55  GLU A OE1 1 
ATOM   427  O  OE2 A GLU A 1 55 ? -8.247  -11.659 -18.737 0.50 25.31 ? 55  GLU A OE2 1 
ATOM   428  O  OE2 B GLU A 1 55 ? -6.542  -15.970 -17.181 0.50 20.23 ? 55  GLU A OE2 1 
ATOM   429  N  N   . GLU A 1 56 ? -2.031  -13.628 -17.397 1.00 19.58 ? 56  GLU A N   1 
ATOM   430  C  CA  . GLU A 1 56 ? -1.155  -14.343 -16.501 1.00 19.37 ? 56  GLU A CA  1 
ATOM   431  C  C   . GLU A 1 56 ? -1.071  -13.669 -15.099 1.00 17.13 ? 56  GLU A C   1 
ATOM   432  O  O   . GLU A 1 56 ? -0.998  -14.349 -14.091 1.00 18.74 ? 56  GLU A O   1 
ATOM   433  C  CB  . GLU A 1 56 ? 0.276   -14.486 -17.088 1.00 20.98 ? 56  GLU A CB  1 
ATOM   434  C  CG  . GLU A 1 56 ? 0.340   -15.538 -18.204 1.00 24.86 ? 56  GLU A CG  1 
ATOM   435  C  CD  . GLU A 1 56 ? 1.682   -15.528 -18.935 1.00 27.73 ? 56  GLU A CD  1 
ATOM   436  O  OE1 . GLU A 1 56 ? 2.126   -14.459 -19.391 1.00 27.10 ? 56  GLU A OE1 1 
ATOM   437  O  OE2 . GLU A 1 56 ? 2.285   -16.617 -19.092 1.00 39.64 ? 56  GLU A OE2 1 
ATOM   438  N  N   . LEU A 1 57 ? -1.014  -12.357 -15.123 1.00 16.33 ? 57  LEU A N   1 
ATOM   439  C  CA  . LEU A 1 57 ? -1.022  -11.582 -13.872 1.00 17.23 ? 57  LEU A CA  1 
ATOM   440  C  C   . LEU A 1 57 ? -2.303  -11.808 -13.083 1.00 16.54 ? 57  LEU A C   1 
ATOM   441  O  O   . LEU A 1 57 ? -2.279  -12.102 -11.881 1.00 15.94 ? 57  LEU A O   1 
ATOM   442  C  CB  . LEU A 1 57 ? -0.842  -10.094 -14.137 1.00 17.41 ? 57  LEU A CB  1 
ATOM   443  C  CG  . LEU A 1 57 ? 0.542   -9.727  -14.737 1.00 18.44 ? 57  LEU A CG  1 
ATOM   444  C  CD1 . LEU A 1 57 ? 0.489   -8.354  -15.331 1.00 19.41 ? 57  LEU A CD1 1 
ATOM   445  C  CD2 . LEU A 1 57 ? 1.615   -9.868  -13.670 1.00 20.25 ? 57  LEU A CD2 1 
ATOM   446  N  N   . ARG A 1 58 ? -3.425  -11.671 -13.795 1.00 16.84 ? 58  ARG A N   1 
ATOM   447  C  CA  . ARG A 1 58 ? -4.724  -11.927 -13.210 1.00 17.77 ? 58  ARG A CA  1 
ATOM   448  C  C   . ARG A 1 58 ? -4.844  -13.337 -12.597 1.00 14.86 ? 58  ARG A C   1 
ATOM   449  O  O   . ARG A 1 58 ? -5.292  -13.525 -11.465 1.00 16.60 ? 58  ARG A O   1 
ATOM   450  C  CB  . ARG A 1 58 ? -5.796  -11.676 -14.286 1.00 17.74 ? 58  ARG A CB  1 
ATOM   451  C  CG  . ARG A 1 58 ? -7.236  -11.707 -13.792 1.00 21.60 ? 58  ARG A CG  1 
ATOM   452  C  CD  . ARG A 1 58 ? -8.160  -12.265 -14.852 1.00 23.83 ? 58  ARG A CD  1 
ATOM   453  N  NE  . ARG A 1 58 ? -7.851  -13.657 -15.136 1.00 22.60 ? 58  ARG A NE  1 
ATOM   454  C  CZ  . ARG A 1 58 ? -8.129  -14.661 -14.348 1.00 26.08 ? 58  ARG A CZ  1 
ATOM   455  N  NH1 . ARG A 1 58 ? -8.825  -14.442 -13.233 1.00 26.94 ? 58  ARG A NH1 1 
ATOM   456  N  NH2 . ARG A 1 58 ? -7.745  -15.910 -14.636 1.00 22.73 ? 58  ARG A NH2 1 
ATOM   457  N  N   . ALA A 1 59 ? -4.435  -14.340 -13.360 1.00 15.46 ? 59  ALA A N   1 
ATOM   458  C  CA  . ALA A 1 59 ? -4.484  -15.679 -12.900 1.00 16.59 ? 59  ALA A CA  1 
ATOM   459  C  C   . ALA A 1 59 ? -3.638  -15.933 -11.661 1.00 16.90 ? 59  ALA A C   1 
ATOM   460  O  O   . ALA A 1 59 ? -4.037  -16.670 -10.749 1.00 18.69 ? 59  ALA A O   1 
ATOM   461  C  CB  . ALA A 1 59 ? -4.051  -16.600 -14.042 1.00 18.12 ? 59  ALA A CB  1 
ATOM   462  N  N   . ALA A 1 60 ? -2.442  -15.290 -11.592 1.00 17.05 ? 60  ALA A N   1 
ATOM   463  C  CA  . ALA A 1 60 ? -1.594  -15.409 -10.392 1.00 17.70 ? 60  ALA A CA  1 
ATOM   464  C  C   . ALA A 1 60 ? -2.275  -14.850 -9.135  1.00 17.06 ? 60  ALA A C   1 
ATOM   465  O  O   . ALA A 1 60 ? -2.124  -15.382 -8.037  1.00 18.03 ? 60  ALA A O   1 
ATOM   466  C  CB  . ALA A 1 60 ? -0.253  -14.706 -10.639 1.00 18.46 ? 60  ALA A CB  1 
ATOM   467  N  N   . ILE A 1 61 ? -2.958  -13.733 -9.290  1.00 16.48 ? 61  ILE A N   1 
ATOM   468  C  CA  . ILE A 1 61 ? -3.689  -13.116 -8.190  1.00 16.41 ? 61  ILE A CA  1 
ATOM   469  C  C   . ILE A 1 61 ? -4.838  -14.014 -7.761  1.00 17.10 ? 61  ILE A C   1 
ATOM   470  O  O   . ILE A 1 61 ? -5.087  -14.163 -6.575  1.00 17.77 ? 61  ILE A O   1 
ATOM   471  C  CB  . ILE A 1 61 ? -4.213  -11.702 -8.571  1.00 15.51 ? 61  ILE A CB  1 
ATOM   472  C  CG1 . ILE A 1 61 ? -3.032  -10.736 -8.838  1.00 16.21 ? 61  ILE A CG1 1 
ATOM   473  C  CG2 . ILE A 1 61 ? -5.174  -11.129 -7.520  1.00 17.26 ? 61  ILE A CG2 1 
ATOM   474  C  CD1 . ILE A 1 61 ? -3.443  -9.477  -9.525  1.00 17.29 ? 61  ILE A CD1 1 
ATOM   475  N  N   A GLU A 1 62 ? -5.581  -14.561 -8.732  0.50 18.43 ? 62  GLU A N   1 
ATOM   476  N  N   B GLU A 1 62 ? -5.591  -14.542 -8.734  0.50 17.99 ? 62  GLU A N   1 
ATOM   477  C  CA  A GLU A 1 62 ? -6.668  -15.489 -8.402  0.50 19.50 ? 62  GLU A CA  1 
ATOM   478  C  CA  B GLU A 1 62 ? -6.692  -15.450 -8.417  0.50 18.90 ? 62  GLU A CA  1 
ATOM   479  C  C   A GLU A 1 62 ? -6.200  -16.673 -7.609  0.50 20.46 ? 62  GLU A C   1 
ATOM   480  C  C   B GLU A 1 62 ? -6.220  -16.674 -7.639  0.50 20.11 ? 62  GLU A C   1 
ATOM   481  O  O   A GLU A 1 62 ? -6.884  -17.111 -6.663  0.50 21.59 ? 62  GLU A O   1 
ATOM   482  O  O   B GLU A 1 62 ? -6.923  -17.134 -6.720  0.50 21.29 ? 62  GLU A O   1 
ATOM   483  C  CB  A GLU A 1 62 ? -7.410  -15.940 -9.656  0.50 20.96 ? 62  GLU A CB  1 
ATOM   484  C  CB  B GLU A 1 62 ? -7.463  -15.822 -9.694  0.50 19.63 ? 62  GLU A CB  1 
ATOM   485  C  CG  A GLU A 1 62 ? -8.252  -14.821 -10.194 0.50 22.20 ? 62  GLU A CG  1 
ATOM   486  C  CG  B GLU A 1 62 ? -8.642  -16.768 -9.505  0.50 20.41 ? 62  GLU A CG  1 
ATOM   487  C  CD  A GLU A 1 62 ? -9.638  -15.274 -10.691 0.50 22.99 ? 62  GLU A CD  1 
ATOM   488  C  CD  B GLU A 1 62 ? -9.071  -17.322 -10.849 0.50 21.03 ? 62  GLU A CD  1 
ATOM   489  O  OE1 A GLU A 1 62 ? -10.624 -14.475 -10.640 0.50 19.81 ? 62  GLU A OE1 1 
ATOM   490  O  OE1 B GLU A 1 62 ? -9.091  -16.528 -11.822 0.50 20.23 ? 62  GLU A OE1 1 
ATOM   491  O  OE2 A GLU A 1 62 ? -9.745  -16.442 -11.163 0.50 25.34 ? 62  GLU A OE2 1 
ATOM   492  O  OE2 B GLU A 1 62 ? -9.285  -18.550 -10.962 0.50 22.92 ? 62  GLU A OE2 1 
ATOM   493  N  N   . ASP A 1 63 ? -5.037  -17.193 -7.977  1.00 19.35 ? 63  ASP A N   1 
ATOM   494  C  CA  . ASP A 1 63 ? -4.446  -18.332 -7.317  1.00 20.86 ? 63  ASP A CA  1 
ATOM   495  C  C   . ASP A 1 63 ? -4.112  -18.033 -5.848  1.00 21.61 ? 63  ASP A C   1 
ATOM   496  O  O   . ASP A 1 63 ? -4.031  -18.960 -5.055  1.00 23.46 ? 63  ASP A O   1 
ATOM   497  C  CB  . ASP A 1 63 ? -3.187  -18.795 -8.031  1.00 20.25 ? 63  ASP A CB  1 
ATOM   498  C  CG  . ASP A 1 63 ? -3.457  -19.517 -9.361  1.00 21.89 ? 63  ASP A CG  1 
ATOM   499  O  OD1 . ASP A 1 63 ? -4.606  -19.843 -9.619  1.00 27.19 ? 63  ASP A OD1 1 
ATOM   500  O  OD2 . ASP A 1 63 ? -2.462  -19.718 -10.044 1.00 28.89 ? 63  ASP A OD2 1 
ATOM   501  N  N   . MET A 1 64 ? -3.985  -16.754 -5.466  1.00 19.11 ? 64  MET A N   1 
ATOM   502  C  CA  . MET A 1 64 ? -3.811  -16.403 -4.061  1.00 20.93 ? 64  MET A CA  1 
ATOM   503  C  C   . MET A 1 64 ? -5.100  -16.299 -3.268  1.00 23.03 ? 64  MET A C   1 
ATOM   504  O  O   . MET A 1 64 ? -5.075  -16.047 -2.047  1.00 23.31 ? 64  MET A O   1 
ATOM   505  C  CB  . MET A 1 64 ? -3.085  -15.051 -3.958  1.00 21.67 ? 64  MET A CB  1 
ATOM   506  C  CG  . MET A 1 64 ? -1.725  -15.093 -4.591  1.00 21.77 ? 64  MET A CG  1 
ATOM   507  S  SD  . MET A 1 64 ? -0.889  -13.460 -4.418  1.00 22.76 ? 64  MET A SD  1 
ATOM   508  C  CE  . MET A 1 64 ? -0.549  -13.480 -2.688  1.00 25.04 ? 64  MET A CE  1 
ATOM   509  N  N   . GLY A 1 65 ? -6.221  -16.523 -3.934  1.00 21.33 ? 65  GLY A N   1 
ATOM   510  C  CA  . GLY A 1 65 ? -7.524  -16.582 -3.292  1.00 21.70 ? 65  GLY A CA  1 
ATOM   511  C  C   . GLY A 1 65 ? -8.361  -15.341 -3.429  1.00 19.11 ? 65  GLY A C   1 
ATOM   512  O  O   . GLY A 1 65 ? -9.379  -15.188 -2.730  1.00 23.00 ? 65  GLY A O   1 
ATOM   513  N  N   . PHE A 1 66 ? -7.973  -14.433 -4.340  1.00 20.68 ? 66  PHE A N   1 
ATOM   514  C  CA  . PHE A 1 66 ? -8.756  -13.266 -4.633  1.00 20.87 ? 66  PHE A CA  1 
ATOM   515  C  C   . PHE A 1 66 ? -9.366  -13.326 -6.010  1.00 22.83 ? 66  PHE A C   1 
ATOM   516  O  O   . PHE A 1 66 ? -8.639  -13.541 -6.965  1.00 28.87 ? 66  PHE A O   1 
ATOM   517  C  CB  . PHE A 1 66 ? -7.892  -11.998 -4.550  1.00 20.82 ? 66  PHE A CB  1 
ATOM   518  C  CG  . PHE A 1 66 ? -7.210  -11.861 -3.239  1.00 19.17 ? 66  PHE A CG  1 
ATOM   519  C  CD1 . PHE A 1 66 ? -7.850  -11.191 -2.173  1.00 19.31 ? 66  PHE A CD1 1 
ATOM   520  C  CD2 . PHE A 1 66 ? -6.007  -12.456 -3.022  1.00 21.03 ? 66  PHE A CD2 1 
ATOM   521  C  CE1 . PHE A 1 66 ? -7.236  -11.137 -0.930  1.00 20.92 ? 66  PHE A CE1 1 
ATOM   522  C  CE2 . PHE A 1 66 ? -5.385  -12.400 -1.803  1.00 22.57 ? 66  PHE A CE2 1 
ATOM   523  C  CZ  . PHE A 1 66 ? -6.010  -11.710 -0.764  1.00 20.87 ? 66  PHE A CZ  1 
ATOM   524  N  N   . GLU A 1 67 ? -10.623 -12.961 -6.147  1.00 23.53 ? 67  GLU A N   1 
ATOM   525  C  CA  . GLU A 1 67 ? -11.225 -12.809 -7.487  1.00 24.58 ? 67  GLU A CA  1 
ATOM   526  C  C   . GLU A 1 67 ? -10.622 -11.621 -8.229  1.00 22.42 ? 67  GLU A C   1 
ATOM   527  O  O   . GLU A 1 67 ? -10.484 -10.532 -7.685  1.00 23.84 ? 67  GLU A O   1 
ATOM   528  C  CB  . GLU A 1 67 ? -12.753 -12.657 -7.405  1.00 28.95 ? 67  GLU A CB  1 
ATOM   529  C  CG  . GLU A 1 67 ? -13.441 -13.985 -7.129  1.00 36.05 ? 67  GLU A CG  1 
ATOM   530  C  CD  . GLU A 1 67 ? -13.509 -14.856 -8.392  1.00 45.28 ? 67  GLU A CD  1 
ATOM   531  O  OE1 . GLU A 1 67 ? -14.415 -14.594 -9.220  1.00 52.60 ? 67  GLU A OE1 1 
ATOM   532  O  OE2 . GLU A 1 67 ? -12.660 -15.781 -8.575  1.00 48.00 ? 67  GLU A OE2 1 
ATOM   533  N  N   . ALA A 1 68 ? -10.230 -11.829 -9.470  1.00 18.83 ? 68  ALA A N   1 
ATOM   534  C  CA  . ALA A 1 68 ? -9.525  -10.811 -10.194 1.00 18.98 ? 68  ALA A CA  1 
ATOM   535  C  C   . ALA A 1 68 ? -9.936  -10.749 -11.650 1.00 19.34 ? 68  ALA A C   1 
ATOM   536  O  O   . ALA A 1 68 ? -10.224 -11.791 -12.249 1.00 19.27 ? 68  ALA A O   1 
ATOM   537  C  CB  . ALA A 1 68 ? -8.007  -11.015 -10.091 1.00 19.17 ? 68  ALA A CB  1 
ATOM   538  N  N   A SER A 1 69 ? -9.961  -9.536  -12.180 0.50 17.42 ? 69  SER A N   1 
ATOM   539  N  N   B SER A 1 69 ? -9.996  -9.542  -12.189 0.50 18.19 ? 69  SER A N   1 
ATOM   540  C  CA  A SER A 1 69 ? -10.380 -9.262  -13.558 0.50 17.68 ? 69  SER A CA  1 
ATOM   541  C  CA  B SER A 1 69 ? -10.347 -9.331  -13.596 0.50 19.01 ? 69  SER A CA  1 
ATOM   542  C  C   A SER A 1 69 ? -9.495  -8.210  -14.210 0.50 17.43 ? 69  SER A C   1 
ATOM   543  C  C   B SER A 1 69 ? -9.491  -8.239  -14.208 0.50 18.15 ? 69  SER A C   1 
ATOM   544  O  O   A SER A 1 69 ? -9.291  -7.148  -13.638 0.50 17.72 ? 69  SER A O   1 
ATOM   545  O  O   B SER A 1 69 ? -9.291  -7.194  -13.605 0.50 18.62 ? 69  SER A O   1 
ATOM   546  C  CB  A SER A 1 69 ? -11.825 -8.742  -13.554 0.50 19.16 ? 69  SER A CB  1 
ATOM   547  C  CB  B SER A 1 69 ? -11.829 -8.947  -13.733 0.50 21.60 ? 69  SER A CB  1 
ATOM   548  O  OG  A SER A 1 69 ? -12.687 -9.675  -12.935 0.50 20.34 ? 69  SER A OG  1 
ATOM   549  O  OG  B SER A 1 69 ? -12.150 -7.890  -12.864 0.50 24.12 ? 69  SER A OG  1 
ATOM   550  N  N   . VAL A 1 70 ? -9.051  -8.454  -15.441 1.00 18.20 ? 70  VAL A N   1 
ATOM   551  C  CA  . VAL A 1 70 ? -8.356  -7.414  -16.216 1.00 17.96 ? 70  VAL A CA  1 
ATOM   552  C  C   . VAL A 1 70 ? -9.384  -6.378  -16.671 1.00 21.86 ? 70  VAL A C   1 
ATOM   553  O  O   . VAL A 1 70 ? -10.353 -6.746  -17.408 1.00 21.67 ? 70  VAL A O   1 
ATOM   554  C  CB  . VAL A 1 70 ? -7.597  -7.984  -17.439 1.00 17.63 ? 70  VAL A CB  1 
ATOM   555  C  CG1 . VAL A 1 70 ? -6.936  -6.860  -18.215 1.00 19.87 ? 70  VAL A CG1 1 
ATOM   556  C  CG2 . VAL A 1 70 ? -6.594  -9.035  -17.004 1.00 19.68 ? 70  VAL A CG2 1 
ATOM   557  N  N   . VAL A 1 71 ? -9.238  -5.129  -16.241 1.00 21.59 ? 71  VAL A N   1 
ATOM   558  C  CA  . VAL A 1 71 ? -10.163 -4.056  -16.621 1.00 23.62 ? 71  VAL A CA  1 
ATOM   559  C  C   . VAL A 1 71 ? -9.726  -3.437  -17.944 1.00 27.46 ? 71  VAL A C   1 
ATOM   560  O  O   . VAL A 1 71 ? -10.522 -3.335  -18.923 1.00 27.92 ? 71  VAL A O   1 
ATOM   561  C  CB  . VAL A 1 71 ? -10.287 -2.983  -15.508 1.00 25.25 ? 71  VAL A CB  1 
ATOM   562  C  CG1 . VAL A 1 71 ? -11.189 -1.833  -15.931 1.00 26.95 ? 71  VAL A CG1 1 
ATOM   563  C  CG2 . VAL A 1 71 ? -10.813 -3.601  -14.221 1.00 28.71 ? 71  VAL A CG2 1 
ATOM   564  N  N   . SER A 1 72 ? -8.449  -3.038  -18.001 1.00 25.49 ? 72  SER A N   1 
ATOM   565  C  CA  . SER A 1 72 ? -7.871  -2.324  -19.114 1.00 28.54 ? 72  SER A CA  1 
ATOM   566  C  C   . SER A 1 72 ? -6.320  -2.343  -18.983 1.00 33.87 ? 72  SER A C   1 
ATOM   567  O  O   . SER A 1 72 ? -5.749  -3.133  -18.216 1.00 28.31 ? 72  SER A O   1 
ATOM   568  C  CB  . SER A 1 72 ? -8.341  -0.881  -19.107 1.00 33.52 ? 72  SER A CB  1 
ATOM   569  O  OG  . SER A 1 72 ? -7.818  -0.164  -18.008 1.00 36.30 ? 72  SER A OG  1 
ATOM   570  N  N   . CYS B 1 2  ? -5.274  14.422  -2.559  1.00 42.53 ? 2   CYS B N   1 
ATOM   571  C  CA  A CYS B 1 2  ? -4.925  13.421  -1.497  0.50 39.13 ? 2   CYS B CA  1 
ATOM   572  C  CA  B CYS B 1 2  ? -4.942  13.413  -1.506  0.50 34.97 ? 2   CYS B CA  1 
ATOM   573  C  C   . CYS B 1 2  ? -6.045  13.277  -0.480  1.00 33.87 ? 2   CYS B C   1 
ATOM   574  O  O   . CYS B 1 2  ? -6.921  14.146  -0.379  1.00 34.60 ? 2   CYS B O   1 
ATOM   575  C  CB  A CYS B 1 2  ? -3.595  13.769  -0.803  0.50 41.54 ? 2   CYS B CB  1 
ATOM   576  C  CB  B CYS B 1 2  ? -3.635  13.782  -0.827  0.50 32.24 ? 2   CYS B CB  1 
ATOM   577  S  SG  A CYS B 1 2  ? -3.462  15.328  0.095   0.50 47.28 ? 2   CYS B SG  1 
ATOM   578  S  SG  B CYS B 1 2  ? -2.218  13.125  -1.750  0.50 27.10 ? 2   CYS B SG  1 
ATOM   579  N  N   . SER B 1 3  ? -6.003  12.169  0.261   1.00 26.45 ? 3   SER B N   1 
ATOM   580  C  CA  . SER B 1 3  ? -6.904  11.921  1.380   1.00 23.38 ? 3   SER B CA  1 
ATOM   581  C  C   . SER B 1 3  ? -6.132  12.150  2.693   1.00 21.15 ? 3   SER B C   1 
ATOM   582  O  O   . SER B 1 3  ? -4.903  12.239  2.683   1.00 19.79 ? 3   SER B O   1 
ATOM   583  C  CB  . SER B 1 3  ? -7.490  10.506  1.324   1.00 26.65 ? 3   SER B CB  1 
ATOM   584  O  OG  . SER B 1 3  ? -8.210  10.340  0.118   1.00 28.09 ? 3   SER B OG  1 
ATOM   585  N  N   A THR B 1 4  ? -6.895  12.277  3.777   0.50 21.19 ? 4   THR B N   1 
ATOM   586  N  N   B THR B 1 4  ? -6.876  12.302  3.785   0.50 20.49 ? 4   THR B N   1 
ATOM   587  C  CA  A THR B 1 4  ? -6.370  12.429  5.126   0.50 21.11 ? 4   THR B CA  1 
ATOM   588  C  CA  B THR B 1 4  ? -6.313  12.462  5.122   0.50 20.02 ? 4   THR B CA  1 
ATOM   589  C  C   A THR B 1 4  ? -6.830  11.313  6.025   0.50 20.49 ? 4   THR B C   1 
ATOM   590  C  C   B THR B 1 4  ? -6.818  11.366  6.039   0.50 19.93 ? 4   THR B C   1 
ATOM   591  O  O   A THR B 1 4  ? -7.990  10.845  5.975   0.50 21.49 ? 4   THR B O   1 
ATOM   592  O  O   B THR B 1 4  ? -7.991  10.947  5.996   0.50 21.85 ? 4   THR B O   1 
ATOM   593  C  CB  A THR B 1 4  ? -6.794  13.770  5.790   0.50 22.07 ? 4   THR B CB  1 
ATOM   594  C  CB  B THR B 1 4  ? -6.606  13.874  5.737   0.50 19.95 ? 4   THR B CB  1 
ATOM   595  O  OG1 A THR B 1 4  ? -6.092  13.913  7.033   0.50 23.95 ? 4   THR B OG1 1 
ATOM   596  O  OG1 B THR B 1 4  ? -6.117  14.898  4.853   0.50 19.74 ? 4   THR B OG1 1 
ATOM   597  C  CG2 A THR B 1 4  ? -8.296  13.797  6.039   0.50 23.21 ? 4   THR B CG2 1 
ATOM   598  C  CG2 B THR B 1 4  ? -5.912  14.022  7.095   0.50 20.74 ? 4   THR B CG2 1 
ATOM   599  N  N   . THR B 1 5  ? -5.904  10.853  6.852   1.00 18.87 ? 5   THR B N   1 
ATOM   600  C  CA  . THR B 1 5  ? -6.239  9.851   7.847   1.00 21.26 ? 5   THR B CA  1 
ATOM   601  C  C   . THR B 1 5  ? -5.620  10.278  9.182   1.00 20.28 ? 5   THR B C   1 
ATOM   602  O  O   . THR B 1 5  ? -4.529  10.849  9.237   1.00 20.85 ? 5   THR B O   1 
ATOM   603  C  CB  . THR B 1 5  ? -5.850  8.407   7.445   1.00 21.41 ? 5   THR B CB  1 
ATOM   604  O  OG1 . THR B 1 5  ? -6.369  7.489   8.400   1.00 22.35 ? 5   THR B OG1 1 
ATOM   605  C  CG2 . THR B 1 5  ? -4.381  8.234   7.358   1.00 20.15 ? 5   THR B CG2 1 
ATOM   606  N  N   . LEU B 1 6  ? -6.358  9.984   10.249  1.00 22.92 ? 6   LEU B N   1 
ATOM   607  C  CA  . LEU B 1 6  ? -5.891  10.209  11.628  1.00 23.18 ? 6   LEU B CA  1 
ATOM   608  C  C   . LEU B 1 6  ? -5.646  8.889   12.289  1.00 21.15 ? 6   LEU B C   1 
ATOM   609  O  O   . LEU B 1 6  ? -6.554  8.036   12.339  1.00 22.80 ? 6   LEU B O   1 
ATOM   610  C  CB  . LEU B 1 6  ? -6.978  10.979  12.400  1.00 24.83 ? 6   LEU B CB  1 
ATOM   611  C  CG  . LEU B 1 6  ? -6.626  11.289  13.850  1.00 27.51 ? 6   LEU B CG  1 
ATOM   612  C  CD1 . LEU B 1 6  ? -5.429  12.190  13.964  1.00 28.42 ? 6   LEU B CD1 1 
ATOM   613  C  CD2 . LEU B 1 6  ? -7.897  11.879  14.525  1.00 29.49 ? 6   LEU B CD2 1 
ATOM   614  N  N   . ILE B 1 7  ? -4.408  8.678   12.736  1.00 22.28 ? 7   ILE B N   1 
ATOM   615  C  CA  . ILE B 1 7  ? -3.974  7.407   13.311  1.00 22.16 ? 7   ILE B CA  1 
ATOM   616  C  C   . ILE B 1 7  ? -3.560  7.661   14.757  1.00 22.39 ? 7   ILE B C   1 
ATOM   617  O  O   . ILE B 1 7  ? -2.749  8.547   15.059  1.00 22.63 ? 7   ILE B O   1 
ATOM   618  C  CB  . ILE B 1 7  ? -2.812  6.764   12.512  1.00 21.92 ? 7   ILE B CB  1 
ATOM   619  C  CG1 . ILE B 1 7  ? -3.277  6.412   11.102  1.00 25.49 ? 7   ILE B CG1 1 
ATOM   620  C  CG2 . ILE B 1 7  ? -2.280  5.522   13.222  1.00 22.93 ? 7   ILE B CG2 1 
ATOM   621  C  CD1 . ILE B 1 7  ? -2.131  6.132   10.152  1.00 24.71 ? 7   ILE B CD1 1 
ATOM   622  N  N   . ALA B 1 8  ? -4.180  6.891   15.661  1.00 24.83 ? 8   ALA B N   1 
ATOM   623  C  CA  . ALA B 1 8  ? -3.784  6.927   17.068  1.00 27.42 ? 8   ALA B CA  1 
ATOM   624  C  C   . ALA B 1 8  ? -2.559  6.055   17.217  1.00 24.64 ? 8   ALA B C   1 
ATOM   625  O  O   . ALA B 1 8  ? -2.545  4.908   16.750  1.00 25.65 ? 8   ALA B O   1 
ATOM   626  C  CB  . ALA B 1 8  ? -4.904  6.400   17.966  1.00 29.82 ? 8   ALA B CB  1 
ATOM   627  N  N   . ILE B 1 9  ? -1.538  6.578   17.877  1.00 25.62 ? 9   ILE B N   1 
ATOM   628  C  CA  . ILE B 1 9  ? -0.292  5.842   18.092  1.00 23.17 ? 9   ILE B CA  1 
ATOM   629  C  C   . ILE B 1 9  ? 0.030   5.855   19.581  1.00 26.41 ? 9   ILE B C   1 
ATOM   630  O  O   . ILE B 1 9  ? 0.184   6.930   20.129  1.00 26.11 ? 9   ILE B O   1 
ATOM   631  C  CB  . ILE B 1 9  ? 0.898   6.493   17.349  1.00 23.65 ? 9   ILE B CB  1 
ATOM   632  C  CG1 . ILE B 1 9  ? 0.594   6.709   15.854  1.00 22.36 ? 9   ILE B CG1 1 
ATOM   633  C  CG2 . ILE B 1 9  ? 2.164   5.678   17.554  1.00 22.83 ? 9   ILE B CG2 1 
ATOM   634  C  CD1 . ILE B 1 9  ? 1.629   7.527   15.118  1.00 21.58 ? 9   ILE B CD1 1 
ATOM   635  N  N   . ALA B 1 10 ? 0.162   4.674   20.163  1.00 25.31 ? 10  ALA B N   1 
ATOM   636  C  CA  . ALA B 1 10 ? 0.479   4.505   21.594  1.00 27.10 ? 10  ALA B CA  1 
ATOM   637  C  C   . ALA B 1 10 ? 1.979   4.409   21.726  1.00 28.06 ? 10  ALA B C   1 
ATOM   638  O  O   . ALA B 1 10 ? 2.640   3.748   20.921  1.00 27.57 ? 10  ALA B O   1 
ATOM   639  C  CB  . ALA B 1 10 ? -0.159  3.235   22.142  1.00 28.91 ? 10  ALA B CB  1 
ATOM   640  N  N   . GLY B 1 11 ? 2.521   5.045   22.762  1.00 27.21 ? 11  GLY B N   1 
ATOM   641  C  CA  . GLY B 1 11 ? 3.891   4.770   23.137  1.00 25.96 ? 11  GLY B CA  1 
ATOM   642  C  C   . GLY B 1 11 ? 4.928   5.761   22.691  1.00 24.37 ? 11  GLY B C   1 
ATOM   643  O  O   . GLY B 1 11 ? 6.145   5.488   22.824  1.00 24.33 ? 11  GLY B O   1 
ATOM   644  N  N   . MET B 1 12 ? 4.490   6.876   22.088  1.00 22.84 ? 12  MET B N   1 
ATOM   645  C  CA  . MET B 1 12 ? 5.428   7.928   21.710  1.00 21.45 ? 12  MET B CA  1 
ATOM   646  C  C   . MET B 1 12 ? 5.801   8.709   22.967  1.00 24.20 ? 12  MET B C   1 
ATOM   647  O  O   . MET B 1 12 ? 4.957   9.431   23.446  1.00 27.41 ? 12  MET B O   1 
ATOM   648  C  CB  . MET B 1 12 ? 4.835   8.874   20.655  1.00 23.47 ? 12  MET B CB  1 
ATOM   649  C  CG  . MET B 1 12 ? 4.518   8.135   19.357  1.00 21.87 ? 12  MET B CG  1 
ATOM   650  S  SD  . MET B 1 12 ? 3.938   9.265   18.064  1.00 25.12 ? 12  MET B SD  1 
ATOM   651  C  CE  . MET B 1 12 ? 2.425   9.913   18.813  1.00 25.03 ? 12  MET B CE  1 
ATOM   652  N  N   . THR B 1 13 ? 7.020   8.511   23.480  1.00 22.18 ? 13  THR B N   1 
ATOM   653  C  CA  . THR B 1 13 ? 7.476   9.137   24.740  1.00 22.91 ? 13  THR B CA  1 
ATOM   654  C  C   . THR B 1 13 ? 8.840   9.805   24.609  1.00 23.95 ? 13  THR B C   1 
ATOM   655  O  O   . THR B 1 13 ? 9.524   10.113  25.624  1.00 25.82 ? 13  THR B O   1 
ATOM   656  C  CB  . THR B 1 13 ? 7.514   8.049   25.876  1.00 20.66 ? 13  THR B CB  1 
ATOM   657  O  OG1 . THR B 1 13 ? 8.360   6.981   25.420  1.00 21.53 ? 13  THR B OG1 1 
ATOM   658  C  CG2 . THR B 1 13 ? 6.107   7.511   26.182  1.00 21.89 ? 13  THR B CG2 1 
ATOM   659  N  N   . CYS B 1 14 ? 9.273   10.096  23.375  1.00 19.55 ? 14  CYS B N   1 
ATOM   660  C  CA  . CYS B 1 14 ? 10.475  10.846  23.119  1.00 19.63 ? 14  CYS B CA  1 
ATOM   661  C  C   . CYS B 1 14 ? 10.441  11.539  21.777  1.00 23.06 ? 14  CYS B C   1 
ATOM   662  O  O   . CYS B 1 14 ? 9.731   11.088  20.854  1.00 22.46 ? 14  CYS B O   1 
ATOM   663  C  CB  . CYS B 1 14 ? 11.736  10.031  23.165  1.00 19.12 ? 14  CYS B CB  1 
ATOM   664  S  SG  . CYS B 1 14 ? 11.812  8.739   21.896  1.00 21.15 ? 14  CYS B SG  1 
ATOM   665  N  N   . ALA B 1 15 ? 11.202  12.622  21.668  1.00 22.12 ? 15  ALA B N   1 
ATOM   666  C  CA  . ALA B 1 15 ? 11.330  13.332  20.365  1.00 23.59 ? 15  ALA B CA  1 
ATOM   667  C  C   . ALA B 1 15 ? 11.966  12.485  19.275  1.00 22.04 ? 15  ALA B C   1 
ATOM   668  O  O   . ALA B 1 15 ? 11.557  12.550  18.093  1.00 24.17 ? 15  ALA B O   1 
ATOM   669  C  CB  . ALA B 1 15 ? 12.134  14.609  20.574  1.00 23.54 ? 15  ALA B CB  1 
ATOM   670  N  N   . SER B 1 16 ? 12.964  11.684  19.626  1.00 23.12 ? 16  SER B N   1 
ATOM   671  C  CA  . SER B 1 16 ? 13.695  10.849  18.649  1.00 23.36 ? 16  SER B CA  1 
ATOM   672  C  C   . SER B 1 16 ? 12.665  9.907   17.921  1.00 23.25 ? 16  SER B C   1 
ATOM   673  O  O   . SER B 1 16 ? 12.702  9.771   16.681  1.00 20.88 ? 16  SER B O   1 
ATOM   674  C  CB  . SER B 1 16 ? 14.813  10.042  19.318  1.00 24.96 ? 16  SER B CB  1 
ATOM   675  O  OG  . SER B 1 16 ? 15.300  9.066   18.438  1.00 30.69 ? 16  SER B OG  1 
ATOM   676  N  N   . CYS B 1 17 ? 11.778  9.284   18.696  1.00 21.90 ? 17  CYS B N   1 
ATOM   677  C  CA  . CYS B 1 17 ? 10.774  8.364   18.127  1.00 19.03 ? 17  CYS B CA  1 
ATOM   678  C  C   . CYS B 1 17 ? 9.762   9.095   17.247  1.00 18.75 ? 17  CYS B C   1 
ATOM   679  O  O   . CYS B 1 17 ? 9.415   8.606   16.142  1.00 19.32 ? 17  CYS B O   1 
ATOM   680  C  CB  . CYS B 1 17 ? 10.002  7.604   19.202  1.00 19.78 ? 17  CYS B CB  1 
ATOM   681  S  SG  . CYS B 1 17 ? 11.080  6.367   20.052  1.00 19.81 ? 17  CYS B SG  1 
ATOM   682  N  N   A VAL B 1 18 ? 9.309   10.261  17.704  0.50 17.59 ? 18  VAL B N   1 
ATOM   683  N  N   B VAL B 1 18 ? 9.286   10.259  17.681  0.50 19.76 ? 18  VAL B N   1 
ATOM   684  C  CA  A VAL B 1 18 ? 8.410   11.103  16.888  0.50 16.81 ? 18  VAL B CA  1 
ATOM   685  C  CA  B VAL B 1 18 ? 8.338   11.001  16.823  0.50 20.14 ? 18  VAL B CA  1 
ATOM   686  C  C   A VAL B 1 18 ? 9.009   11.385  15.503  0.50 17.65 ? 18  VAL B C   1 
ATOM   687  C  C   B VAL B 1 18 ? 9.001   11.382  15.471  0.50 19.64 ? 18  VAL B C   1 
ATOM   688  O  O   A VAL B 1 18 ? 8.353   11.155  14.457  0.50 18.05 ? 18  VAL B O   1 
ATOM   689  O  O   B VAL B 1 18 ? 8.375   11.203  14.402  0.50 19.55 ? 18  VAL B O   1 
ATOM   690  C  CB  A VAL B 1 18 ? 8.117   12.433  17.602  0.50 16.45 ? 18  VAL B CB  1 
ATOM   691  C  CB  B VAL B 1 18 ? 7.710   12.217  17.532  0.50 22.76 ? 18  VAL B CB  1 
ATOM   692  C  CG1 A VAL B 1 18 ? 7.441   13.431  16.640  0.50 15.15 ? 18  VAL B CG1 1 
ATOM   693  C  CG1 B VAL B 1 18 ? 6.897   11.776  18.735  0.50 22.78 ? 18  VAL B CG1 1 
ATOM   694  C  CG2 A VAL B 1 18 ? 7.240   12.183  18.791  0.50 16.84 ? 18  VAL B CG2 1 
ATOM   695  C  CG2 B VAL B 1 18 ? 8.769   13.198  17.923  0.50 25.45 ? 18  VAL B CG2 1 
ATOM   696  N  N   . HIS B 1 19 ? 10.273  11.794  15.486  1.00 16.92 ? 19  HIS B N   1 
ATOM   697  C  CA  . HIS B 1 19 ? 10.989  12.113  14.244  1.00 18.44 ? 19  HIS B CA  1 
ATOM   698  C  C   . HIS B 1 19 ? 11.242  10.876  13.411  1.00 19.01 ? 19  HIS B C   1 
ATOM   699  O  O   . HIS B 1 19 ? 11.182  10.955  12.171  1.00 18.53 ? 19  HIS B O   1 
ATOM   700  C  CB  . HIS B 1 19 ? 12.262  12.874  14.509  1.00 19.72 ? 19  HIS B CB  1 
ATOM   701  C  CG  . HIS B 1 19 ? 11.996  14.244  15.069  1.00 21.58 ? 19  HIS B CG  1 
ATOM   702  N  ND1 . HIS B 1 19 ? 12.578  14.717  16.223  1.00 28.36 ? 19  HIS B ND1 1 
ATOM   703  C  CD2 . HIS B 1 19 ? 11.118  15.190  14.675  1.00 22.30 ? 19  HIS B CD2 1 
ATOM   704  C  CE1 . HIS B 1 19 ? 12.089  15.913  16.490  1.00 24.02 ? 19  HIS B CE1 1 
ATOM   705  N  NE2 . HIS B 1 19 ? 11.192  16.218  15.574  1.00 27.92 ? 19  HIS B NE2 1 
ATOM   706  N  N   A SER B 1 20 ? 11.509  9.748   14.075  0.50 18.47 ? 20  SER B N   1 
ATOM   707  N  N   B SER B 1 20 ? 11.514  9.740   14.057  0.50 18.15 ? 20  SER B N   1 
ATOM   708  C  CA  A SER B 1 20 ? 11.693  8.472   13.386  0.50 18.64 ? 20  SER B CA  1 
ATOM   709  C  CA  B SER B 1 20 ? 11.719  8.488   13.325  0.50 17.87 ? 20  SER B CA  1 
ATOM   710  C  C   A SER B 1 20 ? 10.433  8.084   12.610  0.50 18.83 ? 20  SER B C   1 
ATOM   711  C  C   B SER B 1 20 ? 10.429  8.062   12.601  0.50 18.45 ? 20  SER B C   1 
ATOM   712  O  O   A SER B 1 20 ? 10.506  7.643   11.445  0.50 19.00 ? 20  SER B O   1 
ATOM   713  O  O   B SER B 1 20 ? 10.476  7.592   11.444  0.50 18.43 ? 20  SER B O   1 
ATOM   714  C  CB  A SER B 1 20 ? 12.043  7.385   14.396  0.50 19.35 ? 20  SER B CB  1 
ATOM   715  C  CB  B SER B 1 20 ? 12.243  7.407   14.269  0.50 18.06 ? 20  SER B CB  1 
ATOM   716  O  OG  A SER B 1 20 ? 12.364  6.196   13.715  0.50 23.21 ? 20  SER B OG  1 
ATOM   717  O  OG  B SER B 1 20 ? 13.606  7.668   14.602  0.50 20.19 ? 20  SER B OG  1 
ATOM   718  N  N   . ILE B 1 21 ? 9.287   8.205   13.265  1.00 17.57 ? 21  ILE B N   1 
ATOM   719  C  CA  . ILE B 1 21 ? 8.013   7.859   12.681  1.00 16.58 ? 21  ILE B CA  1 
ATOM   720  C  C   . ILE B 1 21 ? 7.755   8.834   11.539  1.00 17.73 ? 21  ILE B C   1 
ATOM   721  O  O   . ILE B 1 21 ? 7.332   8.416   10.461  1.00 18.43 ? 21  ILE B O   1 
ATOM   722  C  CB  . ILE B 1 21 ? 6.843   7.901   13.721  1.00 18.84 ? 21  ILE B CB  1 
ATOM   723  C  CG1 . ILE B 1 21 ? 7.007   6.771   14.759  1.00 18.40 ? 21  ILE B CG1 1 
ATOM   724  C  CG2 . ILE B 1 21 ? 5.479   7.890   13.072  1.00 18.71 ? 21  ILE B CG2 1 
ATOM   725  C  CD1 . ILE B 1 21 ? 6.233   7.090   16.040  1.00 19.48 ? 21  ILE B CD1 1 
ATOM   726  N  N   . GLU B 1 22 ? 7.960   10.127  11.772  1.00 17.31 ? 22  GLU B N   1 
ATOM   727  C  CA  . GLU B 1 22 ? 7.779   11.102  10.674  1.00 18.34 ? 22  GLU B CA  1 
ATOM   728  C  C   . GLU B 1 22 ? 8.618   10.747  9.489   1.00 16.80 ? 22  GLU B C   1 
ATOM   729  O  O   . GLU B 1 22 ? 8.124   10.808  8.340   1.00 18.30 ? 22  GLU B O   1 
ATOM   730  C  CB  . GLU B 1 22 ? 8.123   12.545  11.087  1.00 21.04 ? 22  GLU B CB  1 
ATOM   731  C  CG  . GLU B 1 22 ? 7.187   13.186  12.066  1.00 25.23 ? 22  GLU B CG  1 
ATOM   732  C  CD  . GLU B 1 22 ? 7.839   14.446  12.707  1.00 31.09 ? 22  GLU B CD  1 
ATOM   733  O  OE1 . GLU B 1 22 ? 9.067   14.655  12.560  1.00 33.73 ? 22  GLU B OE1 1 
ATOM   734  O  OE2 . GLU B 1 22 ? 7.154   15.213  13.399  1.00 37.06 ? 22  GLU B OE2 1 
ATOM   735  N  N   . GLY B 1 23 ? 9.877   10.413  9.695   1.00 16.54 ? 23  GLY B N   1 
ATOM   736  C  CA  . GLY B 1 23 ? 10.752  10.142  8.613   1.00 17.47 ? 23  GLY B CA  1 
ATOM   737  C  C   . GLY B 1 23 ? 10.356  8.912   7.837   1.00 18.31 ? 23  GLY B C   1 
ATOM   738  O  O   . GLY B 1 23 ? 10.297  8.898   6.591   1.00 20.31 ? 23  GLY B O   1 
ATOM   739  N  N   . MET B 1 24 ? 10.111  7.828   8.548   1.00 16.89 ? 24  MET B N   1 
ATOM   740  C  CA  . MET B 1 24 ? 9.812   6.589   7.910   1.00 18.78 ? 24  MET B CA  1 
ATOM   741  C  C   . MET B 1 24 ? 8.500   6.698   7.127   1.00 18.04 ? 24  MET B C   1 
ATOM   742  O  O   . MET B 1 24 ? 8.427   6.257   5.972   1.00 18.50 ? 24  MET B O   1 
ATOM   743  C  CB  . MET B 1 24 ? 9.677   5.509   8.989   1.00 24.64 ? 24  MET B CB  1 
ATOM   744  C  CG  . MET B 1 24 ? 9.716   4.106   8.452   1.00 34.85 ? 24  MET B CG  1 
ATOM   745  S  SD  . MET B 1 24 ? 11.394  3.459   8.414   1.00 54.17 ? 24  MET B SD  1 
ATOM   746  C  CE  . MET B 1 24 ? 11.721  3.250   10.178  1.00 47.23 ? 24  MET B CE  1 
ATOM   747  N  N   . ILE B 1 25 ? 7.481   7.265   7.742   1.00 15.11 ? 25  ILE B N   1 
ATOM   748  C  CA  . ILE B 1 25 ? 6.174   7.322   7.105   1.00 15.79 ? 25  ILE B CA  1 
ATOM   749  C  C   . ILE B 1 25 ? 6.175   8.334   5.968   1.00 15.76 ? 25  ILE B C   1 
ATOM   750  O  O   . ILE B 1 25 ? 5.660   8.049   4.869   1.00 15.02 ? 25  ILE B O   1 
ATOM   751  C  CB  . ILE B 1 25 ? 5.028   7.589   8.107   1.00 18.60 ? 25  ILE B CB  1 
ATOM   752  C  CG1 . ILE B 1 25 ? 4.988   6.449   9.167   1.00 19.35 ? 25  ILE B CG1 1 
ATOM   753  C  CG2 . ILE B 1 25 ? 3.679   7.802   7.402   1.00 18.73 ? 25  ILE B CG2 1 
ATOM   754  C  CD1 . ILE B 1 25 ? 4.712   5.030   8.651   1.00 22.35 ? 25  ILE B CD1 1 
ATOM   755  N  N   . SER B 1 26 ? 6.738   9.512   6.187   1.00 15.47 ? 26  SER B N   1 
ATOM   756  C  CA  . SER B 1 26 ? 6.756   10.515  5.126   1.00 15.46 ? 26  SER B CA  1 
ATOM   757  C  C   . SER B 1 26 ? 7.454   10.068  3.853   1.00 14.17 ? 26  SER B C   1 
ATOM   758  O  O   . SER B 1 26 ? 7.079   10.526  2.782   1.00 14.71 ? 26  SER B O   1 
ATOM   759  C  CB  . SER B 1 26 ? 7.449   11.797  5.582   1.00 16.19 ? 26  SER B CB  1 
ATOM   760  O  OG  . SER B 1 26 ? 8.831   11.643  5.713   1.00 16.66 ? 26  SER B OG  1 
ATOM   761  N  N   . GLN B 1 27 ? 8.443   9.201   3.970   1.00 15.10 ? 27  GLN B N   1 
ATOM   762  C  CA  . GLN B 1 27 ? 9.195   8.732   2.801   1.00 14.99 ? 27  GLN B CA  1 
ATOM   763  C  C   . GLN B 1 27 ? 8.570   7.592   2.057   1.00 13.80 ? 27  GLN B C   1 
ATOM   764  O  O   . GLN B 1 27 ? 9.117   7.219   1.005   1.00 15.25 ? 27  GLN B O   1 
ATOM   765  C  CB  . GLN B 1 27 ? 10.646  8.432   3.195   1.00 16.71 ? 27  GLN B CB  1 
ATOM   766  C  CG  . GLN B 1 27 ? 11.387  9.678   3.705   1.00 18.91 ? 27  GLN B CG  1 
ATOM   767  C  CD  . GLN B 1 27 ? 12.682  9.381   4.401   1.00 20.73 ? 27  GLN B CD  1 
ATOM   768  O  OE1 . GLN B 1 27 ? 13.206  10.185  5.256   1.00 24.60 ? 27  GLN B OE1 1 
ATOM   769  N  NE2 . GLN B 1 27 ? 13.192  8.248   4.114   1.00 18.10 ? 27  GLN B NE2 1 
ATOM   770  N  N   . LEU B 1 28 ? 7.497   7.032   2.554   1.00 12.68 ? 28  LEU B N   1 
ATOM   771  C  CA  . LEU B 1 28 ? 6.808   5.945   1.827   1.00 13.50 ? 28  LEU B CA  1 
ATOM   772  C  C   . LEU B 1 28 ? 6.243   6.526   0.537   1.00 13.64 ? 28  LEU B C   1 
ATOM   773  O  O   . LEU B 1 28 ? 5.725   7.649   0.506   1.00 14.08 ? 28  LEU B O   1 
ATOM   774  C  CB  . LEU B 1 28 ? 5.702   5.309   2.650   1.00 13.95 ? 28  LEU B CB  1 
ATOM   775  C  CG  . LEU B 1 28 ? 6.074   4.510   3.914   1.00 15.79 ? 28  LEU B CG  1 
ATOM   776  C  CD1 . LEU B 1 28 ? 4.860   4.221   4.761   1.00 16.19 ? 28  LEU B CD1 1 
ATOM   777  C  CD2 . LEU B 1 28 ? 6.896   3.280   3.514   1.00 16.64 ? 28  LEU B CD2 1 
ATOM   778  N  N   . GLU B 1 29 ? 6.271   5.737   -0.520  1.00 13.67 ? 29  GLU B N   1 
ATOM   779  C  CA  . GLU B 1 29 ? 5.630   6.167   -1.751  1.00 14.46 ? 29  GLU B CA  1 
ATOM   780  C  C   . GLU B 1 29 ? 4.154   6.426   -1.505  1.00 13.73 ? 29  GLU B C   1 
ATOM   781  O  O   . GLU B 1 29 ? 3.483   5.644   -0.832  1.00 14.66 ? 29  GLU B O   1 
ATOM   782  C  CB  . GLU B 1 29 ? 5.762   5.042   -2.819  1.00 15.95 ? 29  GLU B CB  1 
ATOM   783  C  CG  . GLU B 1 29 ? 5.280   5.451   -4.196  1.00 18.94 ? 29  GLU B CG  1 
ATOM   784  C  CD  . GLU B 1 29 ? 5.364   4.339   -5.214  1.00 24.01 ? 29  GLU B CD  1 
ATOM   785  O  OE1 . GLU B 1 29 ? 5.957   3.282   -4.930  1.00 25.52 ? 29  GLU B OE1 1 
ATOM   786  O  OE2 . GLU B 1 29 ? 4.780   4.552   -6.302  1.00 33.11 ? 29  GLU B OE2 1 
ATOM   787  N  N   . GLY B 1 30 ? 3.641   7.555   -2.023  1.00 13.55 ? 30  GLY B N   1 
ATOM   788  C  CA  . GLY B 1 30 ? 2.289   7.941   -1.810  1.00 14.13 ? 30  GLY B CA  1 
ATOM   789  C  C   . GLY B 1 30 ? 1.990   8.876   -0.689  1.00 13.86 ? 30  GLY B C   1 
ATOM   790  O  O   . GLY B 1 30 ? 0.865   9.331   -0.553  1.00 15.83 ? 30  GLY B O   1 
ATOM   791  N  N   . VAL B 1 31 ? 2.979   9.090   0.187   1.00 14.03 ? 31  VAL B N   1 
ATOM   792  C  CA  . VAL B 1 31 ? 2.727   9.923   1.387   1.00 13.96 ? 31  VAL B CA  1 
ATOM   793  C  C   . VAL B 1 31 ? 3.231   11.312  1.095   1.00 15.10 ? 31  VAL B C   1 
ATOM   794  O  O   . VAL B 1 31 ? 4.427   11.552  0.898   1.00 14.98 ? 31  VAL B O   1 
ATOM   795  C  CB  . VAL B 1 31 ? 3.378   9.327   2.651   1.00 14.51 ? 31  VAL B CB  1 
ATOM   796  C  CG1 . VAL B 1 31 ? 3.183   10.316  3.801   1.00 14.58 ? 31  VAL B CG1 1 
ATOM   797  C  CG2 . VAL B 1 31 ? 2.765   7.983   2.968   1.00 14.24 ? 31  VAL B CG2 1 
ATOM   798  N  N   . GLN B 1 32 ? 2.314   12.274  1.107   1.00 15.57 ? 32  GLN B N   1 
ATOM   799  C  CA  . GLN B 1 32 ? 2.636   13.693  0.923   1.00 15.79 ? 32  GLN B CA  1 
ATOM   800  C  C   . GLN B 1 32 ? 3.109   14.394  2.169   1.00 17.06 ? 32  GLN B C   1 
ATOM   801  O  O   . GLN B 1 32 ? 4.063   15.171  2.120   1.00 18.33 ? 32  GLN B O   1 
ATOM   802  C  CB  . GLN B 1 32 ? 1.392   14.410  0.357   1.00 17.64 ? 32  GLN B CB  1 
ATOM   803  C  CG  . GLN B 1 32 ? 1.632   15.868  0.028   1.00 18.06 ? 32  GLN B CG  1 
ATOM   804  C  CD  . GLN B 1 32 ? 0.835   16.390  -1.151  1.00 20.40 ? 32  GLN B CD  1 
ATOM   805  O  OE1 . GLN B 1 32 ? 0.301   15.644  -1.945  1.00 20.07 ? 32  GLN B OE1 1 
ATOM   806  N  NE2 . GLN B 1 32 ? 0.796   17.691  -1.265  1.00 25.38 ? 32  GLN B NE2 1 
ATOM   807  N  N   . GLN B 1 33 ? 2.433   14.148  3.267   1.00 18.34 ? 33  GLN B N   1 
ATOM   808  C  CA  . GLN B 1 33 ? 2.767   14.799  4.547   1.00 20.97 ? 33  GLN B CA  1 
ATOM   809  C  C   . GLN B 1 33 ? 2.332   13.955  5.716   1.00 18.15 ? 33  GLN B C   1 
ATOM   810  O  O   . GLN B 1 33 ? 1.378   13.216  5.645   1.00 16.83 ? 33  GLN B O   1 
ATOM   811  C  CB  . GLN B 1 33 ? 2.015   16.192  4.573   1.00 22.81 ? 33  GLN B CB  1 
ATOM   812  C  CG  . GLN B 1 33 ? 2.516   17.221  5.590   1.00 31.99 ? 33  GLN B CG  1 
ATOM   813  C  CD  . GLN B 1 33 ? 3.775   17.967  5.155   1.00 37.10 ? 33  GLN B CD  1 
ATOM   814  O  OE1 . GLN B 1 33 ? 4.110   18.050  3.959   1.00 52.53 ? 33  GLN B OE1 1 
ATOM   815  N  NE2 . GLN B 1 33 ? 4.471   18.545  6.137   1.00 52.26 ? 33  GLN B NE2 1 
ATOM   816  N  N   . ILE B 1 34 ? 3.022   14.152  6.851   1.00 22.10 ? 34  ILE B N   1 
ATOM   817  C  CA  . ILE B 1 34 ? 2.581   13.574  8.119   1.00 19.91 ? 34  ILE B CA  1 
ATOM   818  C  C   . ILE B 1 34 ? 2.895   14.589  9.221   1.00 21.30 ? 34  ILE B C   1 
ATOM   819  O  O   . ILE B 1 34 ? 3.979   15.140  9.220   1.00 25.27 ? 34  ILE B O   1 
ATOM   820  C  CB  . ILE B 1 34 ? 3.254   12.200  8.412   1.00 20.62 ? 34  ILE B CB  1 
ATOM   821  C  CG1 . ILE B 1 34 ? 2.926   11.683  9.836   1.00 21.24 ? 34  ILE B CG1 1 
ATOM   822  C  CG2 . ILE B 1 34 ? 4.791   12.293  8.287   1.00 23.04 ? 34  ILE B CG2 1 
ATOM   823  C  CD1 . ILE B 1 34 ? 3.255   10.196  10.037  1.00 21.17 ? 34  ILE B CD1 1 
ATOM   824  N  N   . SER B 1 35 ? 1.943   14.811  10.097  1.00 22.27 ? 35  SER B N   1 
ATOM   825  C  CA  . SER B 1 35 ? 2.208   15.578  11.320  1.00 24.84 ? 35  SER B CA  1 
ATOM   826  C  C   . SER B 1 35 ? 1.889   14.669  12.528  1.00 22.32 ? 35  SER B C   1 
ATOM   827  O  O   . SER B 1 35 ? 0.807   14.137  12.652  1.00 26.11 ? 35  SER B O   1 
ATOM   828  C  CB  . SER B 1 35 ? 1.417   16.880  11.378  1.00 32.46 ? 35  SER B CB  1 
ATOM   829  O  OG  . SER B 1 35 ? 0.029   16.607  11.360  1.00 40.83 ? 35  SER B OG  1 
ATOM   830  N  N   . VAL B 1 36 ? 2.859   14.535  13.418  1.00 26.10 ? 36  VAL B N   1 
ATOM   831  C  CA  . VAL B 1 36 ? 2.720   13.704  14.610  1.00 27.12 ? 36  VAL B CA  1 
ATOM   832  C  C   . VAL B 1 36 ? 2.464   14.622  15.828  1.00 28.93 ? 36  VAL B C   1 
ATOM   833  O  O   . VAL B 1 36 ? 3.146   15.619  15.988  1.00 33.49 ? 36  VAL B O   1 
ATOM   834  C  CB  . VAL B 1 36 ? 3.957   12.796  14.761  1.00 28.53 ? 36  VAL B CB  1 
ATOM   835  C  CG1 . VAL B 1 36 ? 3.890   11.988  16.033  1.00 28.83 ? 36  VAL B CG1 1 
ATOM   836  C  CG2 . VAL B 1 36 ? 4.065   11.829  13.582  1.00 30.08 ? 36  VAL B CG2 1 
ATOM   837  N  N   . SER B 1 37 ? 1.463   14.308  16.642  1.00 31.81 ? 37  SER B N   1 
ATOM   838  C  CA  . SER B 1 37 ? 1.252   15.033  17.921  1.00 33.97 ? 37  SER B CA  1 
ATOM   839  C  C   . SER B 1 37 ? 1.585   14.114  19.089  1.00 31.66 ? 37  SER B C   1 
ATOM   840  O  O   . SER B 1 37 ? 0.833   13.183  19.403  1.00 34.01 ? 37  SER B O   1 
ATOM   841  C  CB  . SER B 1 37 ? -0.182  15.545  18.025  1.00 36.17 ? 37  SER B CB  1 
ATOM   842  O  OG  . SER B 1 37 ? -0.444  16.079  19.333  1.00 37.71 ? 37  SER B OG  1 
ATOM   843  N  N   . LEU B 1 38 ? 2.723   14.375  19.705  1.00 31.84 ? 38  LEU B N   1 
ATOM   844  C  CA  . LEU B 1 38 ? 3.131   13.693  20.939  1.00 33.28 ? 38  LEU B CA  1 
ATOM   845  C  C   . LEU B 1 38 ? 2.086   13.856  22.080  1.00 34.27 ? 38  LEU B C   1 
ATOM   846  O  O   . LEU B 1 38 ? 1.760   12.866  22.733  1.00 33.15 ? 38  LEU B O   1 
ATOM   847  C  CB  . LEU B 1 38 ? 4.537   14.181  21.349  1.00 35.49 ? 38  LEU B CB  1 
ATOM   848  C  CG  . LEU B 1 38 ? 5.333   13.620  22.537  1.00 40.53 ? 38  LEU B CG  1 
ATOM   849  C  CD1 . LEU B 1 38 ? 5.566   12.129  22.427  1.00 37.97 ? 38  LEU B CD1 1 
ATOM   850  C  CD2 . LEU B 1 38 ? 6.681   14.327  22.591  1.00 40.84 ? 38  LEU B CD2 1 
ATOM   851  N  N   . ALA B 1 39 ? 1.516   15.059  22.243  1.00 34.32 ? 39  ALA B N   1 
ATOM   852  C  CA  . ALA B 1 39 ? 0.541   15.359  23.316  1.00 34.47 ? 39  ALA B CA  1 
ATOM   853  C  C   . ALA B 1 39 ? -0.759  14.617  23.122  1.00 34.47 ? 39  ALA B C   1 
ATOM   854  O  O   . ALA B 1 39 ? -1.352  14.081  24.081  1.00 34.04 ? 39  ALA B O   1 
ATOM   855  C  CB  . ALA B 1 39 ? 0.253   16.857  23.338  1.00 38.57 ? 39  ALA B CB  1 
ATOM   856  N  N   . GLU B 1 40 ? -1.205  14.571  21.868  1.00 34.66 ? 40  GLU B N   1 
ATOM   857  C  CA  . GLU B 1 40 ? -2.496  13.961  21.509  1.00 34.66 ? 40  GLU B CA  1 
ATOM   858  C  C   . GLU B 1 40 ? -2.348  12.487  21.164  1.00 30.88 ? 40  GLU B C   1 
ATOM   859  O  O   . GLU B 1 40 ? -3.351  11.738  21.166  1.00 32.73 ? 40  GLU B O   1 
ATOM   860  C  CB  . GLU B 1 40 ? -3.160  14.749  20.363  1.00 39.54 ? 40  GLU B CB  1 
ATOM   861  C  CG  . GLU B 1 40 ? -3.307  16.248  20.659  1.00 44.95 ? 40  GLU B CG  1 
ATOM   862  C  CD  . GLU B 1 40 ? -3.656  17.094  19.439  1.00 52.75 ? 40  GLU B CD  1 
ATOM   863  O  OE1 . GLU B 1 40 ? -4.397  16.616  18.555  1.00 54.60 ? 40  GLU B OE1 1 
ATOM   864  O  OE2 . GLU B 1 40 ? -3.183  18.251  19.349  1.00 57.91 ? 40  GLU B OE2 1 
ATOM   865  N  N   . GLY B 1 41 ? -1.117  12.025  20.969  1.00 28.72 ? 41  GLY B N   1 
ATOM   866  C  CA  . GLY B 1 41 ? -0.887  10.614  20.673  1.00 26.33 ? 41  GLY B CA  1 
ATOM   867  C  C   . GLY B 1 41 ? -1.404  10.179  19.291  1.00 24.88 ? 41  GLY B C   1 
ATOM   868  O  O   . GLY B 1 41 ? -1.924  9.056   19.122  1.00 25.37 ? 41  GLY B O   1 
ATOM   869  N  N   . THR B 1 42 ? -1.300  11.092  18.347  1.00 25.18 ? 42  THR B N   1 
ATOM   870  C  CA  . THR B 1 42 ? -1.831  10.879  16.998  1.00 27.06 ? 42  THR B CA  1 
ATOM   871  C  C   . THR B 1 42 ? -0.861  11.280  15.874  1.00 24.38 ? 42  THR B C   1 
ATOM   872  O  O   . THR B 1 42 ? 0.059   12.078  16.041  1.00 22.37 ? 42  THR B O   1 
ATOM   873  C  CB  . THR B 1 42 ? -3.159  11.617  16.747  1.00 26.87 ? 42  THR B CB  1 
ATOM   874  O  OG1 . THR B 1 42 ? -2.930  13.018  16.765  1.00 27.50 ? 42  THR B OG1 1 
ATOM   875  C  CG2 . THR B 1 42 ? -4.244  11.211  17.732  1.00 27.29 ? 42  THR B CG2 1 
ATOM   876  N  N   . ALA B 1 43 ? -1.071  10.663  14.708  1.00 23.52 ? 43  ALA B N   1 
ATOM   877  C  CA  . ALA B 1 43 ? -0.463  11.150  13.444  1.00 23.39 ? 43  ALA B CA  1 
ATOM   878  C  C   . ALA B 1 43 ? -1.573  11.429  12.435  1.00 20.07 ? 43  ALA B C   1 
ATOM   879  O  O   . ALA B 1 43 ? -2.504  10.660  12.305  1.00 23.11 ? 43  ALA B O   1 
ATOM   880  C  CB  . ALA B 1 43 ? 0.534   10.140  12.857  1.00 23.01 ? 43  ALA B CB  1 
ATOM   881  N  N   . THR B 1 44 ? -1.446  12.543  11.723  1.00 19.61 ? 44  THR B N   1 
ATOM   882  C  CA  . THR B 1 44 ? -2.350  12.935  10.637  1.00 20.92 ? 44  THR B CA  1 
ATOM   883  C  C   . THR B 1 44 ? -1.512  12.859  9.354   1.00 17.17 ? 44  THR B C   1 
ATOM   884  O  O   . THR B 1 44 ? -0.461  13.453  9.229   1.00 18.93 ? 44  THR B O   1 
ATOM   885  C  CB  . THR B 1 44 ? -2.899  14.369  10.818  1.00 24.79 ? 44  THR B CB  1 
ATOM   886  O  OG1 . THR B 1 44 ? -3.667  14.432  12.041  1.00 27.97 ? 44  THR B OG1 1 
ATOM   887  C  CG2 . THR B 1 44 ? -3.790  14.789  9.655   1.00 24.71 ? 44  THR B CG2 1 
ATOM   888  N  N   . VAL B 1 45 ? -1.964  12.013  8.447   1.00 17.90 ? 45  VAL B N   1 
ATOM   889  C  CA  . VAL B 1 45 ? -1.228  11.722  7.236   1.00 17.56 ? 45  VAL B CA  1 
ATOM   890  C  C   . VAL B 1 45 ? -2.056  12.089  6.019   1.00 15.96 ? 45  VAL B C   1 
ATOM   891  O  O   . VAL B 1 45 ? -3.238  11.680  5.895   1.00 17.37 ? 45  VAL B O   1 
ATOM   892  C  CB  . VAL B 1 45 ? -0.896  10.218  7.166   1.00 16.81 ? 45  VAL B CB  1 
ATOM   893  C  CG1 . VAL B 1 45 ? 0.040   9.926   5.996   1.00 17.72 ? 45  VAL B CG1 1 
ATOM   894  C  CG2 . VAL B 1 45 ? -0.281  9.710   8.487   1.00 18.80 ? 45  VAL B CG2 1 
ATOM   895  N  N   A LEU B 1 46 ? -1.414  12.843  5.122   0.50 15.65 ? 46  LEU B N   1 
ATOM   896  N  N   B LEU B 1 46 ? -1.407  12.852  5.131   0.50 16.79 ? 46  LEU B N   1 
ATOM   897  C  CA  A LEU B 1 46 ? -1.956  13.182  3.809   0.50 15.52 ? 46  LEU B CA  1 
ATOM   898  C  CA  B LEU B 1 46 ? -1.909  13.188  3.801   0.50 17.37 ? 46  LEU B CA  1 
ATOM   899  C  C   A LEU B 1 46 ? -1.336  12.238  2.793   0.50 15.69 ? 46  LEU B C   1 
ATOM   900  C  C   B LEU B 1 46 ? -1.322  12.208  2.809   0.50 16.68 ? 46  LEU B C   1 
ATOM   901  O  O   A LEU B 1 46 ? -0.125  12.208  2.652   0.50 15.35 ? 46  LEU B O   1 
ATOM   902  O  O   B LEU B 1 46 ? -0.113  12.133  2.690   0.50 16.35 ? 46  LEU B O   1 
ATOM   903  C  CB  A LEU B 1 46 ? -1.641  14.639  3.451   0.50 16.51 ? 46  LEU B CB  1 
ATOM   904  C  CB  B LEU B 1 46 ? -1.479  14.599  3.397   0.50 20.04 ? 46  LEU B CB  1 
ATOM   905  C  CG  A LEU B 1 46 ? -2.236  15.234  2.162   0.50 17.16 ? 46  LEU B CG  1 
ATOM   906  C  CG  B LEU B 1 46 ? -2.250  15.745  4.037   0.50 22.40 ? 46  LEU B CG  1 
ATOM   907  C  CD1 A LEU B 1 46 ? -3.759  15.298  2.166   0.50 17.04 ? 46  LEU B CD1 1 
ATOM   908  C  CD1 B LEU B 1 46 ? -2.324  15.528  5.530   0.50 25.26 ? 46  LEU B CD1 1 
ATOM   909  C  CD2 A LEU B 1 46 ? -1.625  16.603  1.922   0.50 18.36 ? 46  LEU B CD2 1 
ATOM   910  C  CD2 B LEU B 1 46 ? -1.627  17.090  3.700   0.50 23.41 ? 46  LEU B CD2 1 
ATOM   911  N  N   . TYR B 1 47 ? -2.170  11.497  2.088   1.00 16.03 ? 47  TYR B N   1 
ATOM   912  C  CA  . TYR B 1 47 ? -1.673  10.359  1.238   1.00 15.53 ? 47  TYR B CA  1 
ATOM   913  C  C   . TYR B 1 47 ? -2.529  10.186  -0.018  1.00 17.41 ? 47  TYR B C   1 
ATOM   914  O  O   . TYR B 1 47 ? -3.690  10.614  -0.076  1.00 17.92 ? 47  TYR B O   1 
ATOM   915  C  CB  . TYR B 1 47 ? -1.647  9.062   2.099   1.00 16.11 ? 47  TYR B CB  1 
ATOM   916  C  CG  . TYR B 1 47 ? -3.027  8.564   2.413   1.00 16.64 ? 47  TYR B CG  1 
ATOM   917  C  CD1 . TYR B 1 47 ? -3.797  9.155   3.443   1.00 17.02 ? 47  TYR B CD1 1 
ATOM   918  C  CD2 . TYR B 1 47 ? -3.651  7.643   1.613   1.00 16.02 ? 47  TYR B CD2 1 
ATOM   919  C  CE1 . TYR B 1 47 ? -5.091  8.751   3.677   1.00 17.92 ? 47  TYR B CE1 1 
ATOM   920  C  CE2 . TYR B 1 47 ? -4.933  7.220   1.842   1.00 16.20 ? 47  TYR B CE2 1 
ATOM   921  C  CZ  . TYR B 1 47 ? -5.680  7.807   2.859   1.00 18.57 ? 47  TYR B CZ  1 
ATOM   922  O  OH  . TYR B 1 47 ? -7.015  7.497   3.068   1.00 18.28 ? 47  TYR B OH  1 
ATOM   923  N  N   . ASN B 1 48 ? -1.956  9.502   -0.984  1.00 15.77 ? 48  ASN B N   1 
ATOM   924  C  CA  . ASN B 1 48 ? -2.615  9.179   -2.226  1.00 17.32 ? 48  ASN B CA  1 
ATOM   925  C  C   . ASN B 1 48 ? -3.235  7.803   -2.161  1.00 15.86 ? 48  ASN B C   1 
ATOM   926  O  O   . ASN B 1 48 ? -2.540  6.777   -2.184  1.00 16.32 ? 48  ASN B O   1 
ATOM   927  C  CB  . ASN B 1 48 ? -1.612  9.233   -3.348  1.00 17.01 ? 48  ASN B CB  1 
ATOM   928  C  CG  . ASN B 1 48 ? -2.230  8.966   -4.719  1.00 18.59 ? 48  ASN B CG  1 
ATOM   929  O  OD1 . ASN B 1 48 ? -3.425  8.667   -4.850  1.00 18.50 ? 48  ASN B OD1 1 
ATOM   930  N  ND2 . ASN B 1 48 ? -1.385  8.952   -5.714  1.00 24.66 ? 48  ASN B ND2 1 
ATOM   931  N  N   . PRO B 1 49 ? -4.565  7.717   -2.082  1.00 16.55 ? 49  PRO B N   1 
ATOM   932  C  CA  . PRO B 1 49 ? -5.213  6.411   -1.938  1.00 16.76 ? 49  PRO B CA  1 
ATOM   933  C  C   . PRO B 1 49 ? -5.050  5.499   -3.154  1.00 16.93 ? 49  PRO B C   1 
ATOM   934  O  O   . PRO B 1 49 ? -5.340  4.310   -3.035  1.00 18.68 ? 49  PRO B O   1 
ATOM   935  C  CB  . PRO B 1 49 ? -6.667  6.764   -1.658  1.00 18.19 ? 49  PRO B CB  1 
ATOM   936  C  CG  . PRO B 1 49 ? -6.818  8.099   -2.287  1.00 21.00 ? 49  PRO B CG  1 
ATOM   937  C  CD  . PRO B 1 49 ? -5.537  8.835   -2.061  1.00 18.92 ? 49  PRO B CD  1 
ATOM   938  N  N   . ALA B 1 50 ? -4.614  6.026   -4.292  1.00 18.32 ? 50  ALA B N   1 
ATOM   939  C  CA  . ALA B 1 50 ? -4.246  5.140   -5.396  1.00 17.36 ? 50  ALA B CA  1 
ATOM   940  C  C   . ALA B 1 50 ? -3.061  4.256   -5.090  1.00 17.62 ? 50  ALA B C   1 
ATOM   941  O  O   . ALA B 1 50 ? -2.878  3.260   -5.776  1.00 19.24 ? 50  ALA B O   1 
ATOM   942  C  CB  . ALA B 1 50 ? -4.017  5.900   -6.677  1.00 19.87 ? 50  ALA B CB  1 
ATOM   943  N  N   . VAL B 1 51 ? -2.217  4.686   -4.146  1.00 17.23 ? 51  VAL B N   1 
ATOM   944  C  CA  . VAL B 1 51 ? -0.933  4.098   -3.884  1.00 17.88 ? 51  VAL B CA  1 
ATOM   945  C  C   . VAL B 1 51 ? -0.781  3.491   -2.478  1.00 17.09 ? 51  VAL B C   1 
ATOM   946  O  O   . VAL B 1 51 ? -0.037  2.514   -2.313  1.00 16.35 ? 51  VAL B O   1 
ATOM   947  C  CB  . VAL B 1 51 ? 0.138   5.184   -4.189  1.00 20.44 ? 51  VAL B CB  1 
ATOM   948  C  CG1 . VAL B 1 51 ? 1.507   4.912   -3.644  1.00 22.82 ? 51  VAL B CG1 1 
ATOM   949  C  CG2 . VAL B 1 51 ? 0.194   5.289   -5.737  1.00 23.30 ? 51  VAL B CG2 1 
ATOM   950  N  N   . ILE B 1 52 ? -1.477  4.057   -1.476  1.00 15.06 ? 52  ILE B N   1 
ATOM   951  C  CA  . ILE B 1 52 ? -1.306  3.613   -0.097  1.00 15.33 ? 52  ILE B CA  1 
ATOM   952  C  C   . ILE B 1 52 ? -2.605  3.876   0.665   1.00 15.71 ? 52  ILE B C   1 
ATOM   953  O  O   . ILE B 1 52 ? -3.353  4.734   0.266   1.00 15.51 ? 52  ILE B O   1 
ATOM   954  C  CB  . ILE B 1 52 ? -0.045  4.213   0.552   1.00 15.81 ? 52  ILE B CB  1 
ATOM   955  C  CG1 . ILE B 1 52 ? 0.376   3.495   1.861   1.00 16.56 ? 52  ILE B CG1 1 
ATOM   956  C  CG2 . ILE B 1 52 ? -0.252  5.697   0.803   1.00 14.70 ? 52  ILE B CG2 1 
ATOM   957  C  CD1 . ILE B 1 52 ? 1.729   3.875   2.383   1.00 18.17 ? 52  ILE B CD1 1 
ATOM   958  N  N   . SER B 1 53 ? -2.825  3.093   1.700   1.00 14.42 ? 53  SER B N   1 
ATOM   959  C  CA  . SER B 1 53 ? -4.039  3.078   2.524   1.00 15.28 ? 53  SER B CA  1 
ATOM   960  C  C   . SER B 1 53 ? -3.776  3.393   3.980   1.00 15.91 ? 53  SER B C   1 
ATOM   961  O  O   . SER B 1 53 ? -2.668  3.213   4.467   1.00 16.85 ? 53  SER B O   1 
ATOM   962  C  CB  . SER B 1 53 ? -4.694  1.715   2.436   1.00 16.08 ? 53  SER B CB  1 
ATOM   963  O  OG  . SER B 1 53 ? -3.883  0.730   3.062   1.00 16.64 ? 53  SER B OG  1 
ATOM   964  N  N   . PRO B 1 54 ? -4.807  3.849   4.704   1.00 16.86 ? 54  PRO B N   1 
ATOM   965  C  CA  . PRO B 1 54 ? -4.688  3.961   6.140   1.00 17.95 ? 54  PRO B CA  1 
ATOM   966  C  C   . PRO B 1 54 ? -4.252  2.657   6.828   1.00 15.75 ? 54  PRO B C   1 
ATOM   967  O  O   . PRO B 1 54 ? -3.445  2.705   7.754   1.00 15.73 ? 54  PRO B O   1 
ATOM   968  C  CB  . PRO B 1 54 ? -6.077  4.378   6.570   1.00 18.05 ? 54  PRO B CB  1 
ATOM   969  C  CG  . PRO B 1 54 ? -6.587  5.151   5.373   1.00 17.82 ? 54  PRO B CG  1 
ATOM   970  C  CD  . PRO B 1 54 ? -6.076  4.382   4.207   1.00 17.17 ? 54  PRO B CD  1 
ATOM   971  N  N   . GLU B 1 55 ? -4.750  1.508   6.342   1.00 17.63 ? 55  GLU B N   1 
ATOM   972  C  CA  . GLU B 1 55 ? -4.396  0.209   6.897   1.00 19.43 ? 55  GLU B CA  1 
ATOM   973  C  C   . GLU B 1 55 ? -2.895  -0.040  6.769   1.00 17.98 ? 55  GLU B C   1 
ATOM   974  O  O   . GLU B 1 55 ? -2.256  -0.462  7.726   1.00 17.21 ? 55  GLU B O   1 
ATOM   975  C  CB  . GLU B 1 55 ? -5.163  -0.917  6.187   1.00 21.47 ? 55  GLU B CB  1 
ATOM   976  C  CG  . GLU B 1 55 ? -6.650  -0.919  6.485   1.00 25.36 ? 55  GLU B CG  1 
ATOM   977  C  CD  . GLU B 1 55 ? -7.562  -0.107  5.533   1.00 28.84 ? 55  GLU B CD  1 
ATOM   978  O  OE1 . GLU B 1 55 ? -7.162  0.931   4.874   1.00 23.13 ? 55  GLU B OE1 1 
ATOM   979  O  OE2 . GLU B 1 55 ? -8.768  -0.541  5.495   1.00 31.61 ? 55  GLU B OE2 1 
ATOM   980  N  N   . GLU B 1 56 ? -2.345  0.256   5.596   1.00 17.02 ? 56  GLU B N   1 
ATOM   981  C  CA  . GLU B 1 56 ? -0.917  0.096   5.383   1.00 16.14 ? 56  GLU B CA  1 
ATOM   982  C  C   . GLU B 1 56 ? -0.095  1.059   6.246   1.00 15.45 ? 56  GLU B C   1 
ATOM   983  O  O   . GLU B 1 56 ? 0.968   0.710   6.748   1.00 16.14 ? 56  GLU B O   1 
ATOM   984  C  CB  . GLU B 1 56 ? -0.590  0.273   3.906   1.00 16.49 ? 56  GLU B CB  1 
ATOM   985  C  CG  . GLU B 1 56 ? -1.071  -0.898  3.039   1.00 18.12 ? 56  GLU B CG  1 
ATOM   986  C  CD  . GLU B 1 56 ? -1.118  -0.504  1.602   1.00 18.57 ? 56  GLU B CD  1 
ATOM   987  O  OE1 . GLU B 1 56 ? -2.117  0.053   1.189   1.00 20.88 ? 56  GLU B OE1 1 
ATOM   988  O  OE2 . GLU B 1 56 ? -0.134  -0.769  0.873   1.00 21.99 ? 56  GLU B OE2 1 
ATOM   989  N  N   . LEU B 1 57 ? -0.553  2.314   6.383   1.00 15.99 ? 57  LEU B N   1 
ATOM   990  C  CA  . LEU B 1 57 ? 0.119   3.301   7.227   1.00 15.40 ? 57  LEU B CA  1 
ATOM   991  C  C   . LEU B 1 57 ? 0.191   2.840   8.676   1.00 15.85 ? 57  LEU B C   1 
ATOM   992  O  O   . LEU B 1 57 ? 1.237   2.855   9.324   1.00 15.40 ? 57  LEU B O   1 
ATOM   993  C  CB  . LEU B 1 57 ? -0.567  4.659   7.074   1.00 15.38 ? 57  LEU B CB  1 
ATOM   994  C  CG  . LEU B 1 57 ? -0.372  5.308   5.706   1.00 16.19 ? 57  LEU B CG  1 
ATOM   995  C  CD1 . LEU B 1 57 ? -1.428  6.382   5.379   1.00 17.55 ? 57  LEU B CD1 1 
ATOM   996  C  CD2 . LEU B 1 57 ? 1.048   5.794   5.520   1.00 16.45 ? 57  LEU B CD2 1 
ATOM   997  N  N   . ARG B 1 58 ? -0.957  2.378   9.142   1.00 16.08 ? 58  ARG B N   1 
ATOM   998  C  CA  . ARG B 1 58 ? -1.067  1.846   10.498  1.00 18.60 ? 58  ARG B CA  1 
ATOM   999  C  C   . ARG B 1 58 ? -0.163  0.627   10.704  1.00 18.31 ? 58  ARG B C   1 
ATOM   1000 O  O   . ARG B 1 58 ? 0.579   0.568   11.686  1.00 17.24 ? 58  ARG B O   1 
ATOM   1001 C  CB  . ARG B 1 58 ? -2.507  1.468   10.715  1.00 19.77 ? 58  ARG B CB  1 
ATOM   1002 C  CG  . ARG B 1 58 ? -2.884  1.021   12.123  1.00 23.42 ? 58  ARG B CG  1 
ATOM   1003 C  CD  . ARG B 1 58 ? -3.961  -0.041  12.080  1.00 27.34 ? 58  ARG B CD  1 
ATOM   1004 N  NE  . ARG B 1 58 ? -3.429  -1.251  11.481  1.00 26.89 ? 58  ARG B NE  1 
ATOM   1005 C  CZ  . ARG B 1 58 ? -2.577  -2.044  12.102  1.00 27.51 ? 58  ARG B CZ  1 
ATOM   1006 N  NH1 . ARG B 1 58 ? -2.200  -1.734  13.367  1.00 31.81 ? 58  ARG B NH1 1 
ATOM   1007 N  NH2 . ARG B 1 58 ? -2.076  -3.139  11.525  1.00 28.08 ? 58  ARG B NH2 1 
ATOM   1008 N  N   . ALA B 1 59 ? -0.156  -0.300  9.746   1.00 16.18 ? 59  ALA B N   1 
ATOM   1009 C  CA  . ALA B 1 59 ? 0.707   -1.482  9.849   1.00 18.12 ? 59  ALA B CA  1 
ATOM   1010 C  C   . ALA B 1 59 ? 2.196   -1.091  9.856   1.00 17.52 ? 59  ALA B C   1 
ATOM   1011 O  O   . ALA B 1 59 ? 2.997   -1.720  10.550  1.00 18.38 ? 59  ALA B O   1 
ATOM   1012 C  CB  . ALA B 1 59 ? 0.461   -2.443  8.680   1.00 20.23 ? 59  ALA B CB  1 
ATOM   1013 N  N   . ALA B 1 60 ? 2.581   -0.073  9.060   1.00 16.78 ? 60  ALA B N   1 
ATOM   1014 C  CA  . ALA B 1 60 ? 3.982   0.381   9.012   1.00 16.52 ? 60  ALA B CA  1 
ATOM   1015 C  C   . ALA B 1 60 ? 4.422   0.921   10.393  1.00 17.20 ? 60  ALA B C   1 
ATOM   1016 O  O   . ALA B 1 60 ? 5.548   0.677   10.828  1.00 17.99 ? 60  ALA B O   1 
ATOM   1017 C  CB  . ALA B 1 60 ? 4.174   1.441   7.918   1.00 16.83 ? 60  ALA B CB  1 
ATOM   1018 N  N   . ILE B 1 61 ? 3.556   1.686   11.041  1.00 17.95 ? 61  ILE B N   1 
ATOM   1019 C  CA  . ILE B 1 61 ? 3.812   2.263   12.373  1.00 18.22 ? 61  ILE B CA  1 
ATOM   1020 C  C   . ILE B 1 61 ? 3.954   1.139   13.351  1.00 18.52 ? 61  ILE B C   1 
ATOM   1021 O  O   . ILE B 1 61 ? 4.850   1.145   14.208  1.00 18.34 ? 61  ILE B O   1 
ATOM   1022 C  CB  . ILE B 1 61 ? 2.724   3.252   12.739  1.00 18.21 ? 61  ILE B CB  1 
ATOM   1023 C  CG1 . ILE B 1 61 ? 2.842   4.497   11.833  1.00 17.54 ? 61  ILE B CG1 1 
ATOM   1024 C  CG2 . ILE B 1 61 ? 2.868   3.700   14.198  1.00 18.43 ? 61  ILE B CG2 1 
ATOM   1025 C  CD1 . ILE B 1 61 ? 1.584   5.355   11.823  1.00 19.46 ? 61  ILE B CD1 1 
ATOM   1026 N  N   . GLU B 1 62 ? 3.042   0.186   13.242  1.00 18.69 ? 62  GLU B N   1 
ATOM   1027 C  CA  . GLU B 1 62 ? 3.113   -0.963  14.143  1.00 22.13 ? 62  GLU B CA  1 
ATOM   1028 C  C   . GLU B 1 62 ? 4.401   -1.710  13.954  1.00 21.34 ? 62  GLU B C   1 
ATOM   1029 O  O   . GLU B 1 62 ? 5.055   -2.054  14.962  1.00 26.22 ? 62  GLU B O   1 
ATOM   1030 C  CB  . GLU B 1 62 ? 1.853   -1.808  14.011  1.00 25.70 ? 62  GLU B CB  1 
ATOM   1031 C  CG  . GLU B 1 62 ? 0.604   -1.235  14.673  1.00 30.72 ? 62  GLU B CG  1 
ATOM   1032 C  CD  . GLU B 1 62 ? -0.300  -2.295  15.369  1.00 38.49 ? 62  GLU B CD  1 
ATOM   1033 O  OE1 . GLU B 1 62 ? -1.027  -1.899  16.358  1.00 37.26 ? 62  GLU B OE1 1 
ATOM   1034 O  OE2 . GLU B 1 62 ? -0.295  -3.499  14.906  1.00 37.14 ? 62  GLU B OE2 1 
ATOM   1035 N  N   . ASP B 1 63 ? 4.873   -1.885  12.716  1.00 20.23 ? 63  ASP B N   1 
ATOM   1036 C  CA  . ASP B 1 63 ? 6.108   -2.563  12.448  1.00 22.64 ? 63  ASP B CA  1 
ATOM   1037 C  C   . ASP B 1 63 ? 7.346   -1.881  13.080  1.00 24.31 ? 63  ASP B C   1 
ATOM   1038 O  O   . ASP B 1 63 ? 8.365   -2.556  13.317  1.00 25.68 ? 63  ASP B O   1 
ATOM   1039 C  CB  . ASP B 1 63 ? 6.337   -2.667  10.944  1.00 23.99 ? 63  ASP B CB  1 
ATOM   1040 C  CG  . ASP B 1 63 ? 5.380   -3.640  10.255  1.00 32.48 ? 63  ASP B CG  1 
ATOM   1041 O  OD1 . ASP B 1 63 ? 4.736   -4.505  10.906  1.00 35.00 ? 63  ASP B OD1 1 
ATOM   1042 O  OD2 . ASP B 1 63 ? 5.263   -3.519  9.025   1.00 38.48 ? 63  ASP B OD2 1 
ATOM   1043 N  N   . MET B 1 64 ? 7.263   -0.577  13.321  1.00 22.72 ? 64  MET B N   1 
ATOM   1044 C  CA  . MET B 1 64 ? 8.308   0.184   14.026  1.00 24.39 ? 64  MET B CA  1 
ATOM   1045 C  C   . MET B 1 64 ? 8.314   -0.039  15.525  1.00 25.55 ? 64  MET B C   1 
ATOM   1046 O  O   . MET B 1 64 ? 9.277   0.368   16.176  1.00 28.32 ? 64  MET B O   1 
ATOM   1047 C  CB  . MET B 1 64 ? 8.150   1.684   13.781  1.00 24.71 ? 64  MET B CB  1 
ATOM   1048 C  CG  . MET B 1 64 ? 8.316   2.071   12.330  1.00 25.77 ? 64  MET B CG  1 
ATOM   1049 S  SD  . MET B 1 64 ? 8.111   3.882   12.101  1.00 25.80 ? 64  MET B SD  1 
ATOM   1050 C  CE  . MET B 1 64 ? 9.584   4.390   12.993  1.00 27.22 ? 64  MET B CE  1 
ATOM   1051 N  N   . GLY B 1 65 ? 7.267   -0.654  16.063  1.00 24.27 ? 65  GLY B N   1 
ATOM   1052 C  CA  . GLY B 1 65 ? 7.167   -1.020  17.499  1.00 26.80 ? 65  GLY B CA  1 
ATOM   1053 C  C   . GLY B 1 65 ? 6.153   -0.231  18.313  1.00 28.08 ? 65  GLY B C   1 
ATOM   1054 O  O   . GLY B 1 65 ? 6.183   -0.299  19.528  1.00 26.36 ? 65  GLY B O   1 
ATOM   1055 N  N   . PHE B 1 66 ? 5.232   0.507   17.671  1.00 22.34 ? 66  PHE B N   1 
ATOM   1056 C  CA  . PHE B 1 66 ? 4.236   1.314   18.341  1.00 24.15 ? 66  PHE B CA  1 
ATOM   1057 C  C   . PHE B 1 66 ? 2.879   0.793   17.945  1.00 29.59 ? 66  PHE B C   1 
ATOM   1058 O  O   . PHE B 1 66 ? 2.582   0.718   16.738  1.00 30.14 ? 66  PHE B O   1 
ATOM   1059 C  CB  . PHE B 1 66 ? 4.334   2.787   17.888  1.00 22.41 ? 66  PHE B CB  1 
ATOM   1060 C  CG  . PHE B 1 66 ? 5.678   3.368   18.094  1.00 23.89 ? 66  PHE B CG  1 
ATOM   1061 C  CD1 . PHE B 1 66 ? 6.012   3.916   19.321  1.00 24.00 ? 66  PHE B CD1 1 
ATOM   1062 C  CD2 . PHE B 1 66 ? 6.628   3.350   17.081  1.00 24.43 ? 66  PHE B CD2 1 
ATOM   1063 C  CE1 . PHE B 1 66 ? 7.254   4.428   19.535  1.00 22.73 ? 66  PHE B CE1 1 
ATOM   1064 C  CE2 . PHE B 1 66 ? 7.890   3.840   17.298  1.00 25.11 ? 66  PHE B CE2 1 
ATOM   1065 C  CZ  . PHE B 1 66 ? 8.191   4.400   18.527  1.00 23.22 ? 66  PHE B CZ  1 
ATOM   1066 N  N   . GLU B 1 67 ? 2.015   0.607   18.917  1.00 26.44 ? 67  GLU B N   1 
ATOM   1067 C  CA  . GLU B 1 67 ? 0.613   0.184   18.652  1.00 28.48 ? 67  GLU B CA  1 
ATOM   1068 C  C   . GLU B 1 67 ? -0.117  1.325   17.977  1.00 25.34 ? 67  GLU B C   1 
ATOM   1069 O  O   . GLU B 1 67 ? 0.037   2.469   18.348  1.00 25.93 ? 67  GLU B O   1 
ATOM   1070 C  CB  . GLU B 1 67 ? -0.087  -0.240  19.956  1.00 35.06 ? 67  GLU B CB  1 
ATOM   1071 C  CG  . GLU B 1 67 ? 0.646   -1.343  20.720  1.00 41.21 ? 67  GLU B CG  1 
ATOM   1072 C  CD  . GLU B 1 67 ? 0.452   -2.762  20.168  1.00 50.89 ? 67  GLU B CD  1 
ATOM   1073 O  OE1 . GLU B 1 67 ? 0.191   -2.967  18.945  1.00 51.93 ? 67  GLU B OE1 1 
ATOM   1074 O  OE2 . GLU B 1 67 ? 0.576   -3.702  20.992  1.00 60.11 ? 67  GLU B OE2 1 
ATOM   1075 N  N   . ALA B 1 68 ? -0.870  1.007   16.936  1.00 22.63 ? 68  ALA B N   1 
ATOM   1076 C  CA  . ALA B 1 68 ? -1.554  2.004   16.135  1.00 23.38 ? 68  ALA B CA  1 
ATOM   1077 C  C   . ALA B 1 68 ? -2.942  1.518   15.746  1.00 22.64 ? 68  ALA B C   1 
ATOM   1078 O  O   . ALA B 1 68 ? -3.154  0.321   15.518  1.00 25.01 ? 68  ALA B O   1 
ATOM   1079 C  CB  . ALA B 1 68 ? -0.732  2.315   14.878  1.00 23.57 ? 68  ALA B CB  1 
ATOM   1080 N  N   . SER B 1 69 ? -3.848  2.474   15.603  1.00 23.73 ? 69  SER B N   1 
ATOM   1081 C  CA  . SER B 1 69 ? -5.179  2.206   15.096  1.00 24.40 ? 69  SER B CA  1 
ATOM   1082 C  C   . SER B 1 69 ? -5.688  3.403   14.284  1.00 23.61 ? 69  SER B C   1 
ATOM   1083 O  O   . SER B 1 69 ? -5.468  4.570   14.634  1.00 25.77 ? 69  SER B O   1 
ATOM   1084 C  CB  . SER B 1 69 ? -6.147  1.879   16.245  1.00 29.48 ? 69  SER B CB  1 
ATOM   1085 O  OG  . SER B 1 69 ? -6.244  2.978   17.125  1.00 31.16 ? 69  SER B OG  1 
ATOM   1086 N  N   . VAL B 1 70 ? -6.405  3.114   13.208  1.00 25.53 ? 70  VAL B N   1 
ATOM   1087 C  CA  . VAL B 1 70 ? -7.033  4.143   12.410  1.00 25.66 ? 70  VAL B CA  1 
ATOM   1088 C  C   . VAL B 1 70 ? -8.268  4.646   13.165  1.00 27.79 ? 70  VAL B C   1 
ATOM   1089 O  O   . VAL B 1 70 ? -9.145  3.861   13.486  1.00 30.06 ? 70  VAL B O   1 
ATOM   1090 C  CB  . VAL B 1 70 ? -7.443  3.620   11.017  1.00 27.44 ? 70  VAL B CB  1 
ATOM   1091 C  CG1 . VAL B 1 70 ? -8.131  4.718   10.224  1.00 28.52 ? 70  VAL B CG1 1 
ATOM   1092 C  CG2 . VAL B 1 70 ? -6.207  3.158   10.229  1.00 27.16 ? 70  VAL B CG2 1 
ATOM   1093 N  N   . VAL B 1 71 ? -8.291  5.942   13.416  1.00 29.96 ? 71  VAL B N   1 
ATOM   1094 C  CA  . VAL B 1 71 ? -9.400  6.605   14.091  1.00 33.56 ? 71  VAL B CA  1 
ATOM   1095 C  C   . VAL B 1 71 ? -10.467 7.013   13.072  1.00 37.65 ? 71  VAL B C   1 
ATOM   1096 O  O   . VAL B 1 71 ? -11.652 6.674   13.263  1.00 37.93 ? 71  VAL B O   1 
ATOM   1097 C  CB  . VAL B 1 71 ? -8.911  7.831   14.905  1.00 33.58 ? 71  VAL B CB  1 
ATOM   1098 C  CG1 . VAL B 1 71 ? -10.076 8.580   15.558  1.00 34.08 ? 71  VAL B CG1 1 
ATOM   1099 C  CG2 . VAL B 1 71 ? -7.885  7.407   15.949  1.00 32.42 ? 71  VAL B CG2 1 
ATOM   1100 N  N   . SER B 1 72 ? -10.051 7.711   12.002  1.00 35.51 ? 72  SER B N   1 
ATOM   1101 C  CA  . SER B 1 72 ? -10.967 8.202   10.954  1.00 39.53 ? 72  SER B CA  1 
ATOM   1102 C  C   . SER B 1 72 ? -10.175 8.554   9.678   1.00 38.64 ? 72  SER B C   1 
ATOM   1103 O  O   . SER B 1 72 ? -8.950  8.676   9.763   1.00 32.64 ? 72  SER B O   1 
ATOM   1104 C  CB  . SER B 1 72 ? -11.710 9.448   11.465  1.00 43.87 ? 72  SER B CB  1 
ATOM   1105 O  OG  . SER B 1 72 ? -10.791 10.484  11.836  1.00 40.60 ? 72  SER B OG  1 
HETATM 1106 C  C1  . PEG C 2 .  ? -1.881  -13.659 0.858   1.00 49.97 ? 101 PEG A C1  1 
HETATM 1107 O  O1  . PEG C 2 .  ? -1.174  -14.793 0.361   1.00 52.89 ? 101 PEG A O1  1 
HETATM 1108 C  C2  . PEG C 2 .  ? -3.386  -13.845 0.747   1.00 48.26 ? 101 PEG A C2  1 
HETATM 1109 O  O2  . PEG C 2 .  ? -3.996  -14.385 1.925   1.00 49.22 ? 101 PEG A O2  1 
HETATM 1110 C  C3  . PEG C 2 .  ? -3.344  -15.466 2.600   1.00 45.67 ? 101 PEG A C3  1 
HETATM 1111 C  C4  . PEG C 2 .  ? -4.398  -16.196 3.422   1.00 47.64 ? 101 PEG A C4  1 
HETATM 1112 O  O4  . PEG C 2 .  ? -4.232  -17.611 3.321   1.00 49.75 ? 101 PEG A O4  1 
HETATM 1113 C  C1  . GOL D 3 .  ? -3.492  -10.621 9.219   1.00 53.67 ? 102 GOL A C1  1 
HETATM 1114 O  O1  . GOL D 3 .  ? -4.069  -9.320  9.389   1.00 43.10 ? 102 GOL A O1  1 
HETATM 1115 C  C2  . GOL D 3 .  ? -4.383  -11.554 8.393   1.00 56.49 ? 102 GOL A C2  1 
HETATM 1116 O  O2  . GOL D 3 .  ? -4.040  -11.449 7.007   1.00 57.80 ? 102 GOL A O2  1 
HETATM 1117 C  C3  . GOL D 3 .  ? -4.213  -13.023 8.802   1.00 57.09 ? 102 GOL A C3  1 
HETATM 1118 O  O3  . GOL D 3 .  ? -4.515  -13.956 7.738   1.00 57.78 ? 102 GOL A O3  1 
HETATM 1119 CA CA  . CA  E 4 .  ? 2.418   -0.622  -2.634  1.00 16.14 ? 103 CA  A CA  1 
HETATM 1120 MO MO1 . 9UX F 5 .  ? 11.542  4.854   24.688  1.00 18.89 ? 101 9UX B MO1 1 
HETATM 1121 MO MO2 . 9UX F 5 .  ? 10.814  6.610   22.491  1.00 19.66 ? 101 9UX B MO2 1 
HETATM 1122 O  O1  . 9UX F 5 .  ? 10.179  4.256   25.171  1.00 17.15 ? 101 9UX B O1  1 
HETATM 1123 O  O2  . 9UX F 5 .  ? 9.342   6.592   22.569  1.00 16.58 ? 101 9UX B O2  1 
HETATM 1124 S  S1  . 9UX F 5 .  ? 11.516  7.147   24.632  1.00 16.91 ? 101 9UX B S1  1 
HETATM 1125 S  S2  . 9UX F 5 .  ? 11.701  4.454   22.391  1.00 17.63 ? 101 9UX B S2  1 
HETATM 1126 O  O   . HOH G 6 .  ? 2.262   0.361   -11.015 1.00 33.27 ? 201 HOH A O   1 
HETATM 1127 O  O   . HOH G 6 .  ? 6.298   -15.572 -20.755 1.00 21.82 ? 202 HOH A O   1 
HETATM 1128 O  O   . HOH G 6 .  ? -5.353  -18.732 5.036   1.00 37.92 ? 204 HOH A O   1 
HETATM 1129 O  O   . HOH G 6 .  ? -10.534 -18.534 -12.958 1.00 22.69 ? 205 HOH A O   1 
HETATM 1130 O  O   . HOH G 6 .  ? -3.777  -6.922  9.347   1.00 39.60 ? 206 HOH A O   1 
HETATM 1131 O  O   . HOH G 6 .  ? -13.100 -12.074 -13.185 1.00 45.01 ? 207 HOH A O   1 
HETATM 1132 O  O   . HOH G 6 .  ? -11.927 -13.786 -12.608 1.00 27.59 ? 208 HOH A O   1 
HETATM 1133 O  O   . HOH G 6 .  ? -12.658 -15.666 -11.377 1.00 47.17 ? 209 HOH A O   1 
HETATM 1134 O  O   . HOH G 6 .  ? -8.186  -9.916  -20.555 1.00 41.04 ? 210 HOH A O   1 
HETATM 1135 O  O   . HOH G 6 .  ? -12.548 0.923   -7.953  1.00 47.23 ? 211 HOH A O   1 
HETATM 1136 O  O   . HOH G 6 .  ? 3.077   2.110   -5.871  1.00 24.15 ? 212 HOH A O   1 
HETATM 1137 O  O   . HOH G 6 .  ? -2.611  -11.641 4.857   1.00 35.85 ? 213 HOH A O   1 
HETATM 1138 O  O   . HOH G 6 .  ? -0.550  -12.118 3.796   1.00 43.27 ? 214 HOH A O   1 
HETATM 1139 O  O   . HOH G 6 .  ? 11.121  0.150   -17.936 1.00 31.81 ? 215 HOH A O   1 
HETATM 1140 O  O   . HOH G 6 .  ? -1.862  -3.815  -20.982 1.00 28.67 ? 216 HOH A O   1 
HETATM 1141 O  O   . HOH G 6 .  ? -10.424 -3.213  -1.684  1.00 28.06 ? 217 HOH A O   1 
HETATM 1142 O  O   . HOH G 6 .  ? -4.909  -18.013 -17.549 1.00 39.36 ? 218 HOH A O   1 
HETATM 1143 O  O   . HOH G 6 .  ? 5.080   -1.877  -23.875 1.00 37.54 ? 219 HOH A O   1 
HETATM 1144 O  O   . HOH G 6 .  ? -10.074 -16.896 -0.824  1.00 35.70 ? 220 HOH A O   1 
HETATM 1145 O  O   . HOH G 6 .  ? -0.081  -16.941 -7.374  1.00 25.18 ? 221 HOH A O   1 
HETATM 1146 O  O   . HOH G 6 .  ? -7.773  2.165   -9.473  1.00 36.86 ? 222 HOH A O   1 
HETATM 1147 O  O   . HOH G 6 .  ? 4.233   -4.112  -0.682  1.00 22.05 ? 223 HOH A O   1 
HETATM 1148 O  O   . HOH G 6 .  ? -10.518 -5.710  -2.820  1.00 20.93 ? 224 HOH A O   1 
HETATM 1149 O  O   . HOH G 6 .  ? -1.798  -15.004 -21.677 1.00 37.70 ? 225 HOH A O   1 
HETATM 1150 O  O   . HOH G 6 .  ? -1.774  -18.929 -12.538 1.00 33.62 ? 226 HOH A O   1 
HETATM 1151 O  O   . HOH G 6 .  ? 13.874  -12.707 -16.750 1.00 48.32 ? 227 HOH A O   1 
HETATM 1152 O  O   . HOH G 6 .  ? -0.028  -7.105  -23.178 1.00 29.78 ? 228 HOH A O   1 
HETATM 1153 O  O   . HOH G 6 .  ? 5.021   -15.515 -18.710 1.00 36.56 ? 229 HOH A O   1 
HETATM 1154 O  O   . HOH G 6 .  ? -5.732  -2.077  -20.733 1.00 43.26 ? 230 HOH A O   1 
HETATM 1155 O  O   . HOH G 6 .  ? -2.975  -16.700 -0.399  1.00 49.15 ? 231 HOH A O   1 
HETATM 1156 O  O   . HOH G 6 .  ? -12.197 -12.414 -3.787  1.00 29.35 ? 233 HOH A O   1 
HETATM 1157 O  O   . HOH G 6 .  ? -4.211  2.790   -12.818 1.00 32.74 ? 234 HOH A O   1 
HETATM 1158 O  O   . HOH G 6 .  ? -0.106  -16.925 -13.776 1.00 25.25 ? 235 HOH A O   1 
HETATM 1159 O  O   . HOH G 6 .  ? 3.028   1.862   -19.578 1.00 42.36 ? 236 HOH A O   1 
HETATM 1160 O  O   . HOH G 6 .  ? -10.745 -2.768  -21.624 1.00 42.40 ? 238 HOH A O   1 
HETATM 1161 O  O   . HOH G 6 .  ? 6.076   -15.004 -7.413  1.00 22.63 ? 239 HOH A O   1 
HETATM 1162 O  O   . HOH G 6 .  ? 3.701   -0.641  -4.788  1.00 17.26 ? 240 HOH A O   1 
HETATM 1163 O  O   . HOH G 6 .  ? -4.262  -4.763  -19.988 1.00 34.07 ? 241 HOH A O   1 
HETATM 1164 O  O   . HOH G 6 .  ? -6.045  -18.585 -11.657 1.00 28.02 ? 242 HOH A O   1 
HETATM 1165 O  O   . HOH G 6 .  ? 3.772   -13.020 -1.381  1.00 31.32 ? 243 HOH A O   1 
HETATM 1166 O  O   . HOH G 6 .  ? 8.310   1.477   -12.328 1.00 38.61 ? 244 HOH A O   1 
HETATM 1167 O  O   . HOH G 6 .  ? 2.379   -9.662  3.931   1.00 25.32 ? 245 HOH A O   1 
HETATM 1168 O  O   . HOH G 6 .  ? 10.309  -15.372 -7.169  1.00 26.12 ? 246 HOH A O   1 
HETATM 1169 O  O   . HOH G 6 .  ? 5.495   -6.612  -0.741  1.00 25.75 ? 247 HOH A O   1 
HETATM 1170 O  O   . HOH G 6 .  ? -3.813  -0.220  -20.063 1.00 44.54 ? 248 HOH A O   1 
HETATM 1171 O  O   . HOH G 6 .  ? 8.696   -5.330  -25.013 1.00 38.88 ? 249 HOH A O   1 
HETATM 1172 O  O   . HOH G 6 .  ? 14.036  -11.812 -18.372 1.00 33.37 ? 250 HOH A O   1 
HETATM 1173 O  O   . HOH G 6 .  ? -4.177  0.267   -8.754  1.00 21.48 ? 251 HOH A O   1 
HETATM 1174 O  O   . HOH G 6 .  ? 8.521   -13.020 -18.418 1.00 69.98 ? 252 HOH A O   1 
HETATM 1175 O  O   . HOH G 6 .  ? 11.075  -14.983 -20.867 1.00 49.92 ? 253 HOH A O   1 
HETATM 1176 O  O   . HOH G 6 .  ? -9.084  -20.740 -9.173  1.00 50.90 ? 254 HOH A O   1 
HETATM 1177 O  O   . HOH G 6 .  ? 7.699   -15.699 -13.788 1.00 27.39 ? 256 HOH A O   1 
HETATM 1178 O  O   . HOH G 6 .  ? 3.188   -14.312 -22.026 1.00 34.65 ? 257 HOH A O   1 
HETATM 1179 O  O   . HOH G 6 .  ? 1.275   3.453   -9.678  1.00 42.10 ? 258 HOH A O   1 
HETATM 1180 O  O   . HOH G 6 .  ? -10.188 -10.823 -16.815 1.00 25.58 ? 259 HOH A O   1 
HETATM 1181 O  O   . HOH G 6 .  ? 7.065   -15.328 -4.868  1.00 30.37 ? 260 HOH A O   1 
HETATM 1182 O  O   . HOH G 6 .  ? -12.387 -4.451  -6.967  1.00 30.09 ? 261 HOH A O   1 
HETATM 1183 O  O   . HOH G 6 .  ? -13.934 -6.346  -2.678  1.00 36.59 ? 262 HOH A O   1 
HETATM 1184 O  O   . HOH G 6 .  ? -10.005 -20.835 -12.582 1.00 41.80 ? 263 HOH A O   1 
HETATM 1185 O  O   . HOH G 6 .  ? -2.711  -6.586  7.906   1.00 22.07 ? 264 HOH A O   1 
HETATM 1186 O  O   . HOH G 6 .  ? 6.431   -14.364 -16.625 1.00 38.22 ? 265 HOH A O   1 
HETATM 1187 O  O   . HOH G 6 .  ? 0.950   -4.398  -24.482 1.00 39.32 ? 266 HOH A O   1 
HETATM 1188 O  O   . HOH G 6 .  ? 6.313   -3.281  -7.168  1.00 25.98 ? 267 HOH A O   1 
HETATM 1189 O  O   . HOH G 6 .  ? 0.155   0.034   -21.829 1.00 30.95 ? 268 HOH A O   1 
HETATM 1190 O  O   . HOH G 6 .  ? 6.613   2.615   -20.310 1.00 66.36 ? 269 HOH A O   1 
HETATM 1191 O  O   . HOH G 6 .  ? -11.238 -3.103  1.862   1.00 44.00 ? 270 HOH A O   1 
HETATM 1192 O  O   . HOH G 6 .  ? 5.522   -3.256  -4.265  1.00 31.28 ? 271 HOH A O   1 
HETATM 1193 O  O   . HOH G 6 .  ? 1.326   -9.682  -23.183 1.00 32.77 ? 272 HOH A O   1 
HETATM 1194 O  O   . HOH G 6 .  ? 8.522   -13.369 -1.205  1.00 41.50 ? 273 HOH A O   1 
HETATM 1195 O  O   . HOH G 6 .  ? -9.893  -7.671  -20.239 1.00 36.08 ? 274 HOH A O   1 
HETATM 1196 O  O   . HOH G 6 .  ? -3.807  -11.152 -21.509 1.00 25.23 ? 275 HOH A O   1 
HETATM 1197 O  O   . HOH G 6 .  ? -6.779  -21.532 -8.347  1.00 44.44 ? 276 HOH A O   1 
HETATM 1198 O  O   . HOH G 6 .  ? -1.995  -21.203 -5.214  1.00 44.08 ? 277 HOH A O   1 
HETATM 1199 O  O   . HOH G 6 .  ? -4.964  -4.089  7.904   1.00 26.22 ? 278 HOH A O   1 
HETATM 1200 O  O   . HOH G 6 .  ? 11.600  -8.425  -24.248 1.00 33.09 ? 279 HOH A O   1 
HETATM 1201 O  O   . HOH G 6 .  ? -4.767  0.144   -18.028 1.00 41.84 ? 280 HOH A O   1 
HETATM 1202 O  O   . HOH G 6 .  ? -9.852  6.441   -3.472  1.00 39.34 ? 281 HOH A O   1 
HETATM 1203 O  O   . HOH G 6 .  ? -12.514 -8.477  -9.589  1.00 33.60 ? 282 HOH A O   1 
HETATM 1204 O  O   . HOH G 6 .  ? 4.303   -16.681 -21.580 1.00 59.21 ? 283 HOH A O   1 
HETATM 1205 O  O   . HOH G 6 .  ? -11.510 -16.370 -13.917 1.00 45.70 ? 284 HOH A O   1 
HETATM 1206 O  O   . HOH G 6 .  ? 1.549   -15.476 -1.289  1.00 74.86 ? 285 HOH A O   1 
HETATM 1207 O  O   . HOH G 6 .  ? -6.425  -21.163 -5.318  1.00 47.92 ? 286 HOH A O   1 
HETATM 1208 O  O   . HOH G 6 .  ? 4.722   -0.413  -1.995  1.00 20.48 ? 287 HOH A O   1 
HETATM 1209 O  O   . HOH G 6 .  ? 2.318   2.501   -12.159 1.00 38.74 ? 288 HOH A O   1 
HETATM 1210 O  O   . HOH G 6 .  ? 8.555   -15.469 -21.373 1.00 47.03 ? 289 HOH A O   1 
HETATM 1211 O  O   . HOH G 6 .  ? -13.590 -6.627  -0.312  1.00 49.17 ? 290 HOH A O   1 
HETATM 1212 O  O   . HOH G 6 .  ? -1.568  3.911   -9.846  1.00 42.01 ? 291 HOH A O   1 
HETATM 1213 O  O   . HOH G 6 .  ? 11.607  0.322   -12.001 1.00 46.65 ? 292 HOH A O   1 
HETATM 1214 O  O   . HOH G 6 .  ? 8.413   -15.695 -8.944  1.00 37.70 ? 293 HOH A O   1 
HETATM 1215 O  O   . HOH G 6 .  ? 5.490   -14.818 -23.365 1.00 47.39 ? 294 HOH A O   1 
HETATM 1216 O  O   . HOH G 6 .  ? 9.741   1.081   -10.186 1.00 49.89 ? 295 HOH A O   1 
HETATM 1217 O  O   . HOH G 6 .  ? -10.715 -0.266  1.788   1.00 46.79 ? 296 HOH A O   1 
HETATM 1218 O  O   . HOH G 6 .  ? -7.978  -5.945  9.286   1.00 53.78 ? 297 HOH A O   1 
HETATM 1219 O  O   . HOH G 6 .  ? -3.213  0.705   -16.547 1.00 43.24 ? 298 HOH A O   1 
HETATM 1220 O  O   . HOH G 6 .  ? 1.502   -5.627  6.745   1.00 28.82 ? 299 HOH A O   1 
HETATM 1221 O  O   . HOH G 6 .  ? -6.995  3.550   1.169   1.00 25.52 ? 300 HOH A O   1 
HETATM 1222 O  O   . HOH G 6 .  ? 4.776   -9.314  2.341   1.00 41.23 ? 301 HOH A O   1 
HETATM 1223 O  O   . HOH G 6 .  ? -2.415  -17.428 -17.485 1.00 39.43 ? 302 HOH A O   1 
HETATM 1224 O  O   . HOH G 6 .  ? 5.546   -10.921 0.293   1.00 43.51 ? 303 HOH A O   1 
HETATM 1225 O  O   . HOH G 6 .  ? 4.072   0.265   4.120   1.00 32.87 ? 304 HOH A O   1 
HETATM 1226 O  O   . HOH G 6 .  ? -12.842 -2.330  -2.975  1.00 44.09 ? 305 HOH A O   1 
HETATM 1227 O  O   . HOH G 6 .  ? -5.821  6.660   -9.967  1.00 45.39 ? 306 HOH A O   1 
HETATM 1228 O  O   . HOH G 6 .  ? 5.732   -14.365 -2.632  1.00 34.89 ? 307 HOH A O   1 
HETATM 1229 O  O   . HOH G 6 .  ? 5.559   -5.182  4.510   1.00 49.06 ? 308 HOH A O   1 
HETATM 1230 O  O   . HOH G 6 .  ? 13.524  -9.886  -21.400 1.00 42.46 ? 309 HOH A O   1 
HETATM 1231 O  O   . HOH G 6 .  ? -0.087  -6.339  8.799   1.00 32.00 ? 310 HOH A O   1 
HETATM 1232 O  O   . HOH G 6 .  ? -9.560  -7.873  9.061   1.00 46.64 ? 311 HOH A O   1 
HETATM 1233 O  O   . HOH G 6 .  ? -2.752  -16.664 -20.180 1.00 54.01 ? 312 HOH A O   1 
HETATM 1234 O  O   . HOH G 6 .  ? -13.817 -6.289  -8.297  1.00 34.45 ? 313 HOH A O   1 
HETATM 1235 O  O   . HOH G 6 .  ? 2.901   -7.650  5.580   1.00 35.53 ? 314 HOH A O   1 
HETATM 1236 O  O   . HOH G 6 .  ? 0.306   -18.338 -5.054  1.00 40.92 ? 315 HOH A O   1 
HETATM 1237 O  O   . HOH G 6 .  ? -6.756  3.402   -11.807 1.00 42.45 ? 316 HOH A O   1 
HETATM 1238 O  O   . HOH G 6 .  ? -0.230  4.019   -14.432 1.00 41.56 ? 317 HOH A O   1 
HETATM 1239 O  O   . HOH G 6 .  ? 5.279   -15.935 -14.637 1.00 47.35 ? 318 HOH A O   1 
HETATM 1240 O  O   . HOH G 6 .  ? -0.671  -18.440 -16.022 1.00 36.28 ? 319 HOH A O   1 
HETATM 1241 O  O   . HOH G 6 .  ? -8.010  9.956   -5.077  1.00 46.37 ? 320 HOH A O   1 
HETATM 1242 O  O   . HOH G 6 .  ? 2.185   -16.674 -9.051  1.00 40.34 ? 321 HOH A O   1 
HETATM 1243 O  O   . HOH G 6 .  ? 4.716   -17.260 -8.048  1.00 31.93 ? 322 HOH A O   1 
HETATM 1244 O  O   . HOH G 6 .  ? 1.943   -17.391 -11.702 1.00 39.47 ? 323 HOH A O   1 
HETATM 1245 O  O   . HOH G 6 .  ? -5.456  -6.510  -21.850 1.00 35.69 ? 324 HOH A O   1 
HETATM 1246 O  O   . HOH G 6 .  ? 6.607   -0.362  1.699   1.00 43.97 ? 325 HOH A O   1 
HETATM 1247 O  O   . HOH G 6 .  ? 6.518   -0.102  4.878   1.00 35.37 ? 326 HOH A O   1 
HETATM 1248 O  O   . HOH H 6 .  ? 10.757  15.010  11.517  1.00 42.70 ? 201 HOH B O   1 
HETATM 1249 O  O   . HOH H 6 .  ? 7.799   4.956   24.156  1.00 12.92 ? 202 HOH B O   1 
HETATM 1250 O  O   . HOH H 6 .  ? 5.063   15.597  12.771  1.00 47.47 ? 203 HOH B O   1 
HETATM 1251 O  O   . HOH H 6 .  ? 4.730   16.286  6.469   1.00 38.69 ? 205 HOH B O   1 
HETATM 1252 O  O   . HOH H 6 .  ? -5.024  2.246   19.034  1.00 47.48 ? 206 HOH B O   1 
HETATM 1253 O  O   . HOH H 6 .  ? 1.775   10.487  22.900  1.00 36.62 ? 207 HOH B O   1 
HETATM 1254 O  O   . HOH H 6 .  ? 2.343   -4.493  11.082  1.00 33.40 ? 208 HOH B O   1 
HETATM 1255 O  O   . HOH H 6 .  ? 3.606   -3.235  7.147   1.00 29.89 ? 209 HOH B O   1 
HETATM 1256 O  O   . HOH H 6 .  ? 14.185  6.535   16.780  1.00 48.38 ? 210 HOH B O   1 
HETATM 1257 O  O   . HOH H 6 .  ? 6.194   13.779  2.225   0.50 28.19 ? 211 HOH B O   1 
HETATM 1258 O  O   . HOH H 6 .  ? -4.814  16.920  5.725   1.00 72.97 ? 212 HOH B O   1 
HETATM 1259 O  O   . HOH H 6 .  ? -5.064  14.427  17.326  1.00 35.19 ? 213 HOH B O   1 
HETATM 1260 O  O   . HOH H 6 .  ? 5.964   4.171   -8.592  1.00 40.78 ? 214 HOH B O   1 
HETATM 1261 O  O   . HOH H 6 .  ? -5.282  9.662   -6.396  1.00 35.18 ? 215 HOH B O   1 
HETATM 1262 O  O   . HOH H 6 .  ? -3.200  0.749   -1.092  1.00 20.44 ? 217 HOH B O   1 
HETATM 1263 O  O   . HOH H 6 .  ? -8.642  8.543   4.833   1.00 23.41 ? 218 HOH B O   1 
HETATM 1264 O  O   . HOH H 6 .  ? 13.383  6.636   2.032   1.00 22.66 ? 219 HOH B O   1 
HETATM 1265 O  O   . HOH H 6 .  ? 14.213  6.751   19.137  1.00 41.96 ? 220 HOH B O   1 
HETATM 1266 O  O   . HOH H 6 .  ? -3.657  3.002   -8.302  1.00 30.08 ? 221 HOH B O   1 
HETATM 1267 O  O   . HOH H 6 .  ? 1.714   7.954   22.046  1.00 26.31 ? 222 HOH B O   1 
HETATM 1268 O  O   . HOH H 6 .  ? -8.334  5.804   1.486   1.00 22.15 ? 223 HOH B O   1 
HETATM 1269 O  O   . HOH H 6 .  ? 10.277  4.741   4.731   1.00 22.62 ? 224 HOH B O   1 
HETATM 1270 O  O   . HOH H 6 .  ? 2.448   1.591   -1.783  1.00 26.80 ? 225 HOH B O   1 
HETATM 1271 O  O   . HOH H 6 .  ? 2.416   -1.311  5.684   1.00 21.26 ? 226 HOH B O   1 
HETATM 1272 O  O   . HOH H 6 .  ? 8.400   -1.371  20.643  1.00 41.90 ? 227 HOH B O   1 
HETATM 1273 O  O   . HOH H 6 .  ? 1.078   0.872   -4.167  1.00 18.00 ? 228 HOH B O   1 
HETATM 1274 O  O   . HOH H 6 .  ? -6.028  16.238  -4.445  1.00 47.76 ? 229 HOH B O   1 
HETATM 1275 O  O   . HOH H 6 .  ? -5.467  2.493   -1.007  1.00 19.78 ? 230 HOH B O   1 
HETATM 1276 O  O   . HOH H 6 .  ? -10.291 10.927  7.497   1.00 38.39 ? 231 HOH B O   1 
HETATM 1277 O  O   . HOH H 6 .  ? -8.438  1.435   2.485   1.00 25.82 ? 232 HOH B O   1 
HETATM 1278 O  O   . HOH H 6 .  ? 4.142   3.049   -0.182  1.00 16.84 ? 233 HOH B O   1 
HETATM 1279 O  O   . HOH H 6 .  ? 3.894   10.974  25.473  1.00 42.92 ? 234 HOH B O   1 
HETATM 1280 O  O   . HOH H 6 .  ? 3.095   1.163   21.781  1.00 37.50 ? 235 HOH B O   1 
HETATM 1281 O  O   . HOH H 6 .  ? -11.120 0.876   5.112   1.00 45.96 ? 236 HOH B O   1 
HETATM 1282 O  O   . HOH H 6 .  ? 0.040   -0.596  -1.889  1.00 19.58 ? 237 HOH B O   1 
HETATM 1283 O  O   . HOH H 6 .  ? 6.661   1.627   -2.816  1.00 28.09 ? 238 HOH B O   1 
HETATM 1284 O  O   . HOH H 6 .  ? 2.004   -0.003  2.477   1.00 65.60 ? 239 HOH B O   1 
HETATM 1285 O  O   . HOH H 6 .  ? 12.942  5.873   5.546   1.00 31.81 ? 240 HOH B O   1 
HETATM 1286 O  O   . HOH H 6 .  ? 14.993  10.363  15.192  1.00 30.55 ? 241 HOH B O   1 
HETATM 1287 O  O   . HOH H 6 .  ? -2.009  14.442  14.541  1.00 34.58 ? 242 HOH B O   1 
HETATM 1288 O  O   . HOH H 6 .  ? 4.194   -0.959  21.391  1.00 39.11 ? 243 HOH B O   1 
HETATM 1289 O  O   . HOH H 6 .  ? 12.896  6.565   10.422  1.00 40.11 ? 244 HOH B O   1 
HETATM 1290 O  O   . HOH H 6 .  ? 1.079   6.309   24.825  1.00 42.38 ? 245 HOH B O   1 
HETATM 1291 O  O   . HOH H 6 .  ? -9.633  -3.025  4.487   1.00 42.32 ? 246 HOH B O   1 
HETATM 1292 O  O   . HOH H 6 .  ? 6.917   -1.825  7.494   1.00 29.74 ? 247 HOH B O   1 
HETATM 1293 O  O   . HOH H 6 .  ? -2.696  7.332   21.222  1.00 33.13 ? 248 HOH B O   1 
HETATM 1294 O  O   . HOH H 6 .  ? -6.558  12.176  -3.707  1.00 45.00 ? 249 HOH B O   1 
HETATM 1295 O  O   . HOH H 6 .  ? -0.338  15.980  7.923   1.00 35.76 ? 250 HOH B O   1 
HETATM 1296 O  O   . HOH H 6 .  ? -8.971  7.027   7.338   1.00 31.15 ? 251 HOH B O   1 
HETATM 1297 O  O   . HOH H 6 .  ? 12.224  13.092  10.595  1.00 25.85 ? 252 HOH B O   1 
HETATM 1298 O  O   . HOH H 6 .  ? 7.778   0.207   9.097   1.00 23.10 ? 253 HOH B O   1 
HETATM 1299 O  O   . HOH H 6 .  ? 3.836   18.113  8.907   1.00 45.02 ? 254 HOH B O   1 
HETATM 1300 O  O   . HOH H 6 .  ? 14.588  11.976  22.008  1.00 28.81 ? 255 HOH B O   1 
HETATM 1301 O  O   . HOH H 6 .  ? 5.194   17.679  1.206   1.00 42.58 ? 256 HOH B O   1 
HETATM 1302 O  O   . HOH H 6 .  ? 7.041   2.931   -0.482  1.00 19.57 ? 257 HOH B O   1 
HETATM 1303 O  O   . HOH H 6 .  ? 2.564   -1.203  -0.172  1.00 21.92 ? 258 HOH B O   1 
HETATM 1304 O  O   . HOH H 6 .  ? 10.307  4.759   2.061   1.00 28.76 ? 259 HOH B O   1 
HETATM 1305 O  O   . HOH H 6 .  ? 4.402   16.604  18.781  1.00 35.85 ? 260 HOH B O   1 
HETATM 1306 O  O   . HOH H 6 .  ? -4.795  -2.861  9.433   1.00 52.02 ? 261 HOH B O   1 
HETATM 1307 O  O   . HOH H 6 .  ? 3.079   6.900   -6.800  1.00 36.12 ? 262 HOH B O   1 
HETATM 1308 O  O   . HOH H 6 .  ? -9.803  12.559  3.382   1.00 30.51 ? 263 HOH B O   1 
HETATM 1309 O  O   . HOH H 6 .  ? -7.979  15.360  2.613   1.00 43.45 ? 264 HOH B O   1 
HETATM 1310 O  O   . HOH H 6 .  ? 5.856   0.567   -6.083  1.00 44.44 ? 265 HOH B O   1 
HETATM 1311 O  O   . HOH H 6 .  ? -7.124  0.261   12.782  1.00 34.30 ? 266 HOH B O   1 
HETATM 1312 O  O   . HOH H 6 .  ? 2.770   17.564  21.233  1.00 38.85 ? 267 HOH B O   1 
HETATM 1313 O  O   . HOH H 6 .  ? 12.035  4.309   15.997  1.00 40.08 ? 268 HOH B O   1 
HETATM 1314 O  O   . HOH H 6 .  ? 1.886   19.314  1.054   1.00 42.79 ? 269 HOH B O   1 
HETATM 1315 O  O   . HOH H 6 .  ? 6.024   -6.378  8.329   1.00 43.50 ? 270 HOH B O   1 
HETATM 1316 O  O   . HOH H 6 .  ? -1.401  7.696   -8.599  1.00 37.30 ? 271 HOH B O   1 
HETATM 1317 O  O   . HOH H 6 .  ? -2.836  3.031   19.566  1.00 38.11 ? 272 HOH B O   1 
HETATM 1318 O  O   . HOH H 6 .  ? 7.810   -5.213  11.293  1.00 56.68 ? 273 HOH B O   1 
HETATM 1319 O  O   . HOH H 6 .  ? -11.495 2.908   11.543  1.00 48.07 ? 274 HOH B O   1 
HETATM 1320 O  O   . HOH H 6 .  ? 3.700   -3.102  17.725  1.00 38.07 ? 275 HOH B O   1 
HETATM 1321 O  O   . HOH H 6 .  ? -4.420  11.850  -4.372  1.00 40.80 ? 276 HOH B O   1 
HETATM 1322 O  O   . HOH H 6 .  ? 13.688  17.117  13.532  1.00 36.01 ? 277 HOH B O   1 
HETATM 1323 O  O   . HOH H 6 .  ? 7.203   3.867   8.049   1.00 27.30 ? 278 HOH B O   1 
HETATM 1324 O  O   . HOH H 6 .  ? 8.960   18.130  13.332  1.00 47.22 ? 279 HOH B O   1 
HETATM 1325 O  O   . HOH H 6 .  ? 11.268  17.538  12.333  1.00 36.18 ? 280 HOH B O   1 
HETATM 1326 O  O   . HOH H 6 .  ? 14.643  10.533  12.515  1.00 35.82 ? 281 HOH B O   1 
HETATM 1327 O  O   . HOH H 6 .  ? -6.694  -0.647  10.047  1.00 43.32 ? 282 HOH B O   1 
HETATM 1328 O  O   . HOH H 6 .  ? 7.141   6.744   -8.017  1.00 34.46 ? 283 HOH B O   1 
HETATM 1329 O  O   . HOH H 6 .  ? 0.287   4.080   25.706  1.00 51.12 ? 284 HOH B O   1 
HETATM 1330 O  O   . HOH H 6 .  ? -11.340 12.790  5.857   1.00 55.11 ? 285 HOH B O   1 
HETATM 1331 O  O   . HOH H 6 .  ? -9.124  1.059   9.014   1.00 47.46 ? 286 HOH B O   1 
HETATM 1332 O  O   . HOH H 6 .  ? -10.000 6.794   -0.441  1.00 31.19 ? 287 HOH B O   1 
HETATM 1333 O  O   . HOH H 6 .  ? -1.782  7.578   23.730  1.00 39.39 ? 288 HOH B O   1 
HETATM 1334 O  O   . HOH H 6 .  ? -4.502  13.366  -6.525  1.00 50.92 ? 289 HOH B O   1 
HETATM 1335 O  O   . HOH H 6 .  ? 3.867   0.767   1.444   1.00 25.26 ? 290 HOH B O   1 
HETATM 1336 O  O   . HOH H 6 .  ? 9.851   2.162   5.454   1.00 36.01 ? 291 HOH B O   1 
HETATM 1337 O  O   . HOH H 6 .  ? 7.769   1.553   6.766   1.00 37.82 ? 292 HOH B O   1 
HETATM 1338 O  O   . HOH H 6 .  ? -10.088 4.497   6.745   1.00 40.50 ? 293 HOH B O   1 
# 
loop_
_pdbx_poly_seq_scheme.asym_id 
_pdbx_poly_seq_scheme.entity_id 
_pdbx_poly_seq_scheme.seq_id 
_pdbx_poly_seq_scheme.mon_id 
_pdbx_poly_seq_scheme.ndb_seq_num 
_pdbx_poly_seq_scheme.pdb_seq_num 
_pdbx_poly_seq_scheme.auth_seq_num 
_pdbx_poly_seq_scheme.pdb_mon_id 
_pdbx_poly_seq_scheme.auth_mon_id 
_pdbx_poly_seq_scheme.pdb_strand_id 
_pdbx_poly_seq_scheme.pdb_ins_code 
_pdbx_poly_seq_scheme.hetero 
A 1 1  THR 1  1  1  THR THR A . n 
A 1 2  CYS 2  2  2  CYS CYS A . n 
A 1 3  SER 3  3  3  SER SER A . n 
A 1 4  THR 4  4  4  THR THR A . n 
A 1 5  THR 5  5  5  THR THR A . n 
A 1 6  LEU 6  6  6  LEU LEU A . n 
A 1 7  ILE 7  7  7  ILE ILE A . n 
A 1 8  ALA 8  8  8  ALA ALA A . n 
A 1 9  ILE 9  9  9  ILE ILE A . n 
A 1 10 ALA 10 10 10 ALA ALA A . n 
A 1 11 GLY 11 11 11 GLY GLY A . n 
A 1 12 MET 12 12 12 MET MET A . n 
A 1 13 THR 13 13 13 THR THR A . n 
A 1 14 CYS 14 14 14 CYS CYS A . n 
A 1 15 ALA 15 15 15 ALA ALA A . n 
A 1 16 SER 16 16 16 SER SER A . n 
A 1 17 CYS 17 17 17 CYS CYS A . n 
A 1 18 VAL 18 18 18 VAL VAL A . n 
A 1 19 HIS 19 19 19 HIS HIS A . n 
A 1 20 SER 20 20 20 SER SER A . n 
A 1 21 ILE 21 21 21 ILE ILE A . n 
A 1 22 GLU 22 22 22 GLU GLU A . n 
A 1 23 GLY 23 23 23 GLY GLY A . n 
A 1 24 MET 24 24 24 MET MET A . n 
A 1 25 ILE 25 25 25 ILE ILE A . n 
A 1 26 SER 26 26 26 SER SER A . n 
A 1 27 GLN 27 27 27 GLN GLN A . n 
A 1 28 LEU 28 28 28 LEU LEU A . n 
A 1 29 GLU 29 29 29 GLU GLU A . n 
A 1 30 GLY 30 30 30 GLY GLY A . n 
A 1 31 VAL 31 31 31 VAL VAL A . n 
A 1 32 GLN 32 32 32 GLN GLN A . n 
A 1 33 GLN 33 33 33 GLN GLN A . n 
A 1 34 ILE 34 34 34 ILE ILE A . n 
A 1 35 SER 35 35 35 SER SER A . n 
A 1 36 VAL 36 36 36 VAL VAL A . n 
A 1 37 SER 37 37 37 SER SER A . n 
A 1 38 LEU 38 38 38 LEU LEU A . n 
A 1 39 ALA 39 39 39 ALA ALA A . n 
A 1 40 GLU 40 40 40 GLU GLU A . n 
A 1 41 GLY 41 41 41 GLY GLY A . n 
A 1 42 THR 42 42 42 THR THR A . n 
A 1 43 ALA 43 43 43 ALA ALA A . n 
A 1 44 THR 44 44 44 THR THR A . n 
A 1 45 VAL 45 45 45 VAL VAL A . n 
A 1 46 LEU 46 46 46 LEU LEU A . n 
A 1 47 TYR 47 47 47 TYR TYR A . n 
A 1 48 ASN 48 48 48 ASN ASN A . n 
A 1 49 PRO 49 49 49 PRO PRO A . n 
A 1 50 ALA 50 50 50 ALA ALA A . n 
A 1 51 VAL 51 51 51 VAL VAL A . n 
A 1 52 ILE 52 52 52 ILE ILE A . n 
A 1 53 SER 53 53 53 SER SER A . n 
A 1 54 PRO 54 54 54 PRO PRO A . n 
A 1 55 GLU 55 55 55 GLU GLU A . n 
A 1 56 GLU 56 56 56 GLU GLU A . n 
A 1 57 LEU 57 57 57 LEU LEU A . n 
A 1 58 ARG 58 58 58 ARG ARG A . n 
A 1 59 ALA 59 59 59 ALA ALA A . n 
A 1 60 ALA 60 60 60 ALA ALA A . n 
A 1 61 ILE 61 61 61 ILE ILE A . n 
A 1 62 GLU 62 62 62 GLU GLU A . n 
A 1 63 ASP 63 63 63 ASP ASP A . n 
A 1 64 MET 64 64 64 MET MET A . n 
A 1 65 GLY 65 65 65 GLY GLY A . n 
A 1 66 PHE 66 66 66 PHE PHE A . n 
A 1 67 GLU 67 67 67 GLU GLU A . n 
A 1 68 ALA 68 68 68 ALA ALA A . n 
A 1 69 SER 69 69 69 SER SER A . n 
A 1 70 VAL 70 70 70 VAL VAL A . n 
A 1 71 VAL 71 71 71 VAL VAL A . n 
A 1 72 SER 72 72 72 SER SER A . n 
B 1 1  THR 1  1  ?  ?   ?   B . n 
B 1 2  CYS 2  2  2  CYS CYS B . n 
B 1 3  SER 3  3  3  SER SER B . n 
B 1 4  THR 4  4  4  THR THR B . n 
B 1 5  THR 5  5  5  THR THR B . n 
B 1 6  LEU 6  6  6  LEU LEU B . n 
B 1 7  ILE 7  7  7  ILE ILE B . n 
B 1 8  ALA 8  8  8  ALA ALA B . n 
B 1 9  ILE 9  9  9  ILE ILE B . n 
B 1 10 ALA 10 10 10 ALA ALA B . n 
B 1 11 GLY 11 11 11 GLY GLY B . n 
B 1 12 MET 12 12 12 MET MET B . n 
B 1 13 THR 13 13 13 THR THR B . n 
B 1 14 CYS 14 14 14 CYS CYS B . n 
B 1 15 ALA 15 15 15 ALA ALA B . n 
B 1 16 SER 16 16 16 SER SER B . n 
B 1 17 CYS 17 17 17 CYS CYS B . n 
B 1 18 VAL 18 18 18 VAL VAL B . n 
B 1 19 HIS 19 19 19 HIS HIS B . n 
B 1 20 SER 20 20 20 SER SER B . n 
B 1 21 ILE 21 21 21 ILE ILE B . n 
B 1 22 GLU 22 22 22 GLU GLU B . n 
B 1 23 GLY 23 23 23 GLY GLY B . n 
B 1 24 MET 24 24 24 MET MET B . n 
B 1 25 ILE 25 25 25 ILE ILE B . n 
B 1 26 SER 26 26 26 SER SER B . n 
B 1 27 GLN 27 27 27 GLN GLN B . n 
B 1 28 LEU 28 28 28 LEU LEU B . n 
B 1 29 GLU 29 29 29 GLU GLU B . n 
B 1 30 GLY 30 30 30 GLY GLY B . n 
B 1 31 VAL 31 31 31 VAL VAL B . n 
B 1 32 GLN 32 32 32 GLN GLN B . n 
B 1 33 GLN 33 33 33 GLN GLN B . n 
B 1 34 ILE 34 34 34 ILE ILE B . n 
B 1 35 SER 35 35 35 SER SER B . n 
B 1 36 VAL 36 36 36 VAL VAL B . n 
B 1 37 SER 37 37 37 SER SER B . n 
B 1 38 LEU 38 38 38 LEU LEU B . n 
B 1 39 ALA 39 39 39 ALA ALA B . n 
B 1 40 GLU 40 40 40 GLU GLU B . n 
B 1 41 GLY 41 41 41 GLY GLY B . n 
B 1 42 THR 42 42 42 THR THR B . n 
B 1 43 ALA 43 43 43 ALA ALA B . n 
B 1 44 THR 44 44 44 THR THR B . n 
B 1 45 VAL 45 45 45 VAL VAL B . n 
B 1 46 LEU 46 46 46 LEU LEU B . n 
B 1 47 TYR 47 47 47 TYR TYR B . n 
B 1 48 ASN 48 48 48 ASN ASN B . n 
B 1 49 PRO 49 49 49 PRO PRO B . n 
B 1 50 ALA 50 50 50 ALA ALA B . n 
B 1 51 VAL 51 51 51 VAL VAL B . n 
B 1 52 ILE 52 52 52 ILE ILE B . n 
B 1 53 SER 53 53 53 SER SER B . n 
B 1 54 PRO 54 54 54 PRO PRO B . n 
B 1 55 GLU 55 55 55 GLU GLU B . n 
B 1 56 GLU 56 56 56 GLU GLU B . n 
B 1 57 LEU 57 57 57 LEU LEU B . n 
B 1 58 ARG 58 58 58 ARG ARG B . n 
B 1 59 ALA 59 59 59 ALA ALA B . n 
B 1 60 ALA 60 60 60 ALA ALA B . n 
B 1 61 ILE 61 61 61 ILE ILE B . n 
B 1 62 GLU 62 62 62 GLU GLU B . n 
B 1 63 ASP 63 63 63 ASP ASP B . n 
B 1 64 MET 64 64 64 MET MET B . n 
B 1 65 GLY 65 65 65 GLY GLY B . n 
B 1 66 PHE 66 66 66 PHE PHE B . n 
B 1 67 GLU 67 67 67 GLU GLU B . n 
B 1 68 ALA 68 68 68 ALA ALA B . n 
B 1 69 SER 69 69 69 SER SER B . n 
B 1 70 VAL 70 70 70 VAL VAL B . n 
B 1 71 VAL 71 71 71 VAL VAL B . n 
B 1 72 SER 72 72 72 SER SER B . n 
# 
loop_
_pdbx_nonpoly_scheme.asym_id 
_pdbx_nonpoly_scheme.entity_id 
_pdbx_nonpoly_scheme.mon_id 
_pdbx_nonpoly_scheme.ndb_seq_num 
_pdbx_nonpoly_scheme.pdb_seq_num 
_pdbx_nonpoly_scheme.auth_seq_num 
_pdbx_nonpoly_scheme.pdb_mon_id 
_pdbx_nonpoly_scheme.auth_mon_id 
_pdbx_nonpoly_scheme.pdb_strand_id 
_pdbx_nonpoly_scheme.pdb_ins_code 
C 2 PEG 1   101 1   PEG PEG A . 
D 3 GOL 1   102 1   GOL GOL A . 
E 4 CA  1   103 1   CA  CA  A . 
F 5 9UX 1   101 1   9UX SM2 B . 
G 6 HOH 1   201 47  HOH HOH A . 
G 6 HOH 2   202 7   HOH HOH A . 
G 6 HOH 3   204 84  HOH HOH A . 
G 6 HOH 4   205 13  HOH HOH A . 
G 6 HOH 5   206 194 HOH HOH A . 
G 6 HOH 6   207 198 HOH HOH A . 
G 6 HOH 7   208 32  HOH HOH A . 
G 6 HOH 8   209 201 HOH HOH A . 
G 6 HOH 9   210 200 HOH HOH A . 
G 6 HOH 10  211 179 HOH HOH A . 
G 6 HOH 11  212 40  HOH HOH A . 
G 6 HOH 12  213 159 HOH HOH A . 
G 6 HOH 13  214 160 HOH HOH A . 
G 6 HOH 14  215 65  HOH HOH A . 
G 6 HOH 15  216 80  HOH HOH A . 
G 6 HOH 16  217 46  HOH HOH A . 
G 6 HOH 17  218 144 HOH HOH A . 
G 6 HOH 18  219 78  HOH HOH A . 
G 6 HOH 19  220 98  HOH HOH A . 
G 6 HOH 20  221 18  HOH HOH A . 
G 6 HOH 21  222 177 HOH HOH A . 
G 6 HOH 22  223 30  HOH HOH A . 
G 6 HOH 23  224 8   HOH HOH A . 
G 6 HOH 24  225 116 HOH HOH A . 
G 6 HOH 25  226 92  HOH HOH A . 
G 6 HOH 26  227 231 HOH HOH A . 
G 6 HOH 27  228 44  HOH HOH A . 
G 6 HOH 28  229 64  HOH HOH A . 
G 6 HOH 29  230 221 HOH HOH A . 
G 6 HOH 30  231 173 HOH HOH A . 
G 6 HOH 31  233 81  HOH HOH A . 
G 6 HOH 32  234 61  HOH HOH A . 
G 6 HOH 33  235 34  HOH HOH A . 
G 6 HOH 34  236 175 HOH HOH A . 
G 6 HOH 35  238 74  HOH HOH A . 
G 6 HOH 36  239 2   HOH HOH A . 
G 6 HOH 37  240 128 HOH HOH A . 
G 6 HOH 38  241 79  HOH HOH A . 
G 6 HOH 39  242 55  HOH HOH A . 
G 6 HOH 40  243 70  HOH HOH A . 
G 6 HOH 41  244 197 HOH HOH A . 
G 6 HOH 42  245 57  HOH HOH A . 
G 6 HOH 43  246 56  HOH HOH A . 
G 6 HOH 44  247 48  HOH HOH A . 
G 6 HOH 45  248 222 HOH HOH A . 
G 6 HOH 46  249 90  HOH HOH A . 
G 6 HOH 47  250 118 HOH HOH A . 
G 6 HOH 48  251 5   HOH HOH A . 
G 6 HOH 49  252 225 HOH HOH A . 
G 6 HOH 50  253 154 HOH HOH A . 
G 6 HOH 51  254 214 HOH HOH A . 
G 6 HOH 52  256 41  HOH HOH A . 
G 6 HOH 53  257 27  HOH HOH A . 
G 6 HOH 54  258 186 HOH HOH A . 
G 6 HOH 55  259 26  HOH HOH A . 
G 6 HOH 56  260 9   HOH HOH A . 
G 6 HOH 57  261 50  HOH HOH A . 
G 6 HOH 58  262 58  HOH HOH A . 
G 6 HOH 59  263 157 HOH HOH A . 
G 6 HOH 60  264 17  HOH HOH A . 
G 6 HOH 61  265 88  HOH HOH A . 
G 6 HOH 62  266 164 HOH HOH A . 
G 6 HOH 63  267 49  HOH HOH A . 
G 6 HOH 64  268 60  HOH HOH A . 
G 6 HOH 65  269 232 HOH HOH A . 
G 6 HOH 66  270 180 HOH HOH A . 
G 6 HOH 67  271 85  HOH HOH A . 
G 6 HOH 68  272 119 HOH HOH A . 
G 6 HOH 69  273 77  HOH HOH A . 
G 6 HOH 70  274 199 HOH HOH A . 
G 6 HOH 71  275 21  HOH HOH A . 
G 6 HOH 72  276 137 HOH HOH A . 
G 6 HOH 73  277 208 HOH HOH A . 
G 6 HOH 74  278 24  HOH HOH A . 
G 6 HOH 75  279 91  HOH HOH A . 
G 6 HOH 76  280 223 HOH HOH A . 
G 6 HOH 77  281 148 HOH HOH A . 
G 6 HOH 78  282 62  HOH HOH A . 
G 6 HOH 79  283 192 HOH HOH A . 
G 6 HOH 80  284 108 HOH HOH A . 
G 6 HOH 81  285 230 HOH HOH A . 
G 6 HOH 82  286 213 HOH HOH A . 
G 6 HOH 83  287 12  HOH HOH A . 
G 6 HOH 84  288 120 HOH HOH A . 
G 6 HOH 85  289 191 HOH HOH A . 
G 6 HOH 86  290 161 HOH HOH A . 
G 6 HOH 87  291 142 HOH HOH A . 
G 6 HOH 88  292 203 HOH HOH A . 
G 6 HOH 89  293 174 HOH HOH A . 
G 6 HOH 90  294 136 HOH HOH A . 
G 6 HOH 91  295 165 HOH HOH A . 
G 6 HOH 92  296 181 HOH HOH A . 
G 6 HOH 93  297 209 HOH HOH A . 
G 6 HOH 94  298 156 HOH HOH A . 
G 6 HOH 95  299 73  HOH HOH A . 
G 6 HOH 96  300 35  HOH HOH A . 
G 6 HOH 97  301 123 HOH HOH A . 
G 6 HOH 98  302 143 HOH HOH A . 
G 6 HOH 99  303 212 HOH HOH A . 
G 6 HOH 100 304 111 HOH HOH A . 
G 6 HOH 101 305 89  HOH HOH A . 
G 6 HOH 102 306 185 HOH HOH A . 
G 6 HOH 103 307 107 HOH HOH A . 
G 6 HOH 104 308 140 HOH HOH A . 
G 6 HOH 105 309 106 HOH HOH A . 
G 6 HOH 106 310 83  HOH HOH A . 
G 6 HOH 107 311 99  HOH HOH A . 
G 6 HOH 108 312 215 HOH HOH A . 
G 6 HOH 109 313 121 HOH HOH A . 
G 6 HOH 110 314 124 HOH HOH A . 
G 6 HOH 111 315 113 HOH HOH A . 
G 6 HOH 112 316 178 HOH HOH A . 
G 6 HOH 113 317 138 HOH HOH A . 
G 6 HOH 114 318 125 HOH HOH A . 
G 6 HOH 115 319 202 HOH HOH A . 
G 6 HOH 116 320 122 HOH HOH A . 
G 6 HOH 117 321 86  HOH HOH A . 
G 6 HOH 118 322 67  HOH HOH A . 
G 6 HOH 119 323 87  HOH HOH A . 
G 6 HOH 120 324 152 HOH HOH A . 
G 6 HOH 121 325 193 HOH HOH A . 
G 6 HOH 122 326 112 HOH HOH A . 
H 6 HOH 1   201 204 HOH HOH B . 
H 6 HOH 2   202 1   HOH HOH B . 
H 6 HOH 3   203 236 HOH HOH B . 
H 6 HOH 4   205 217 HOH HOH B . 
H 6 HOH 5   206 166 HOH HOH B . 
H 6 HOH 6   207 117 HOH HOH B . 
H 6 HOH 7   208 72  HOH HOH B . 
H 6 HOH 8   209 54  HOH HOH B . 
H 6 HOH 9   210 163 HOH HOH B . 
H 6 HOH 10  211 184 HOH HOH B . 
H 6 HOH 11  212 211 HOH HOH B . 
H 6 HOH 12  213 182 HOH HOH B . 
H 6 HOH 13  214 196 HOH HOH B . 
H 6 HOH 14  215 66  HOH HOH B . 
H 6 HOH 15  217 11  HOH HOH B . 
H 6 HOH 16  218 20  HOH HOH B . 
H 6 HOH 17  219 28  HOH HOH B . 
H 6 HOH 18  220 228 HOH HOH B . 
H 6 HOH 19  221 45  HOH HOH B . 
H 6 HOH 20  222 37  HOH HOH B . 
H 6 HOH 21  223 19  HOH HOH B . 
H 6 HOH 22  224 14  HOH HOH B . 
H 6 HOH 23  225 132 HOH HOH B . 
H 6 HOH 24  226 16  HOH HOH B . 
H 6 HOH 25  227 172 HOH HOH B . 
H 6 HOH 26  228 131 HOH HOH B . 
H 6 HOH 27  229 127 HOH HOH B . 
H 6 HOH 28  230 6   HOH HOH B . 
H 6 HOH 29  231 149 HOH HOH B . 
H 6 HOH 30  232 39  HOH HOH B . 
H 6 HOH 31  233 3   HOH HOH B . 
H 6 HOH 32  234 97  HOH HOH B . 
H 6 HOH 33  235 151 HOH HOH B . 
H 6 HOH 34  236 188 HOH HOH B . 
H 6 HOH 35  237 130 HOH HOH B . 
H 6 HOH 36  238 63  HOH HOH B . 
H 6 HOH 37  239 210 HOH HOH B . 
H 6 HOH 38  240 110 HOH HOH B . 
H 6 HOH 39  241 53  HOH HOH B . 
H 6 HOH 40  242 104 HOH HOH B . 
H 6 HOH 41  243 150 HOH HOH B . 
H 6 HOH 42  244 100 HOH HOH B . 
H 6 HOH 43  245 82  HOH HOH B . 
H 6 HOH 44  246 171 HOH HOH B . 
H 6 HOH 45  247 139 HOH HOH B . 
H 6 HOH 46  248 95  HOH HOH B . 
H 6 HOH 47  249 169 HOH HOH B . 
H 6 HOH 48  250 103 HOH HOH B . 
H 6 HOH 49  251 42  HOH HOH B . 
H 6 HOH 50  252 51  HOH HOH B . 
H 6 HOH 51  253 23  HOH HOH B . 
H 6 HOH 52  254 219 HOH HOH B . 
H 6 HOH 53  255 33  HOH HOH B . 
H 6 HOH 54  256 218 HOH HOH B . 
H 6 HOH 55  257 4   HOH HOH B . 
H 6 HOH 56  258 22  HOH HOH B . 
H 6 HOH 57  259 43  HOH HOH B . 
H 6 HOH 58  260 170 HOH HOH B . 
H 6 HOH 59  261 224 HOH HOH B . 
H 6 HOH 60  262 195 HOH HOH B . 
H 6 HOH 61  263 31  HOH HOH B . 
H 6 HOH 62  264 93  HOH HOH B . 
H 6 HOH 63  265 235 HOH HOH B . 
H 6 HOH 64  266 153 HOH HOH B . 
H 6 HOH 65  267 146 HOH HOH B . 
H 6 HOH 66  268 229 HOH HOH B . 
H 6 HOH 67  269 147 HOH HOH B . 
H 6 HOH 68  270 206 HOH HOH B . 
H 6 HOH 69  271 158 HOH HOH B . 
H 6 HOH 70  272 96  HOH HOH B . 
H 6 HOH 71  273 207 HOH HOH B . 
H 6 HOH 72  274 227 HOH HOH B . 
H 6 HOH 73  275 68  HOH HOH B . 
H 6 HOH 74  276 52  HOH HOH B . 
H 6 HOH 75  277 205 HOH HOH B . 
H 6 HOH 76  278 29  HOH HOH B . 
H 6 HOH 77  279 216 HOH HOH B . 
H 6 HOH 78  280 145 HOH HOH B . 
H 6 HOH 79  281 101 HOH HOH B . 
H 6 HOH 80  282 162 HOH HOH B . 
H 6 HOH 81  283 105 HOH HOH B . 
H 6 HOH 82  284 176 HOH HOH B . 
H 6 HOH 83  285 220 HOH HOH B . 
H 6 HOH 84  286 226 HOH HOH B . 
H 6 HOH 85  287 114 HOH HOH B . 
H 6 HOH 86  288 233 HOH HOH B . 
H 6 HOH 87  289 126 HOH HOH B . 
H 6 HOH 88  290 102 HOH HOH B . 
H 6 HOH 89  291 109 HOH HOH B . 
H 6 HOH 90  292 141 HOH HOH B . 
H 6 HOH 91  293 187 HOH HOH B . 
# 
_pdbx_struct_assembly.id                   1 
_pdbx_struct_assembly.details              author_defined_assembly 
_pdbx_struct_assembly.method_details       ? 
_pdbx_struct_assembly.oligomeric_details   dimeric 
_pdbx_struct_assembly.oligomeric_count     2 
# 
_pdbx_struct_assembly_gen.assembly_id       1 
_pdbx_struct_assembly_gen.oper_expression   1 
_pdbx_struct_assembly_gen.asym_id_list      A,B,C,D,E,F,G,H 
# 
_pdbx_struct_oper_list.id                   1 
_pdbx_struct_oper_list.type                 'identity operation' 
_pdbx_struct_oper_list.name                 1_555 
_pdbx_struct_oper_list.symmetry_operation   x,y,z 
_pdbx_struct_oper_list.matrix[1][1]         1.0000000000 
_pdbx_struct_oper_list.matrix[1][2]         0.0000000000 
_pdbx_struct_oper_list.matrix[1][3]         0.0000000000 
_pdbx_struct_oper_list.vector[1]            0.0000000000 
_pdbx_struct_oper_list.matrix[2][1]         0.0000000000 
_pdbx_struct_oper_list.matrix[2][2]         1.0000000000 
_pdbx_struct_oper_list.matrix[2][3]         0.0000000000 
_pdbx_struct_oper_list.vector[2]            0.0000000000 
_pdbx_struct_oper_list.matrix[3][1]         0.0000000000 
_pdbx_struct_oper_list.matrix[3][2]         0.0000000000 
_pdbx_struct_oper_list.matrix[3][3]         1.0000000000 
_pdbx_struct_oper_list.vector[3]            0.0000000000 
# 
_pdbx_struct_special_symmetry.id              1 
_pdbx_struct_special_symmetry.PDB_model_num   1 
_pdbx_struct_special_symmetry.auth_asym_id    B 
_pdbx_struct_special_symmetry.auth_comp_id    HOH 
_pdbx_struct_special_symmetry.auth_seq_id     211 
_pdbx_struct_special_symmetry.PDB_ins_code    ? 
_pdbx_struct_special_symmetry.label_asym_id   H 
_pdbx_struct_special_symmetry.label_comp_id   HOH 
_pdbx_struct_special_symmetry.label_seq_id    . 
# 
loop_
_pdbx_struct_conn_angle.id 
_pdbx_struct_conn_angle.ptnr1_label_atom_id 
_pdbx_struct_conn_angle.ptnr1_label_alt_id 
_pdbx_struct_conn_angle.ptnr1_label_asym_id 
_pdbx_struct_conn_angle.ptnr1_label_comp_id 
_pdbx_struct_conn_angle.ptnr1_label_seq_id 
_pdbx_struct_conn_angle.ptnr1_auth_atom_id 
_pdbx_struct_conn_angle.ptnr1_auth_asym_id 
_pdbx_struct_conn_angle.ptnr1_auth_comp_id 
_pdbx_struct_conn_angle.ptnr1_auth_seq_id 
_pdbx_struct_conn_angle.ptnr1_PDB_ins_code 
_pdbx_struct_conn_angle.ptnr1_symmetry 
_pdbx_struct_conn_angle.ptnr2_label_atom_id 
_pdbx_struct_conn_angle.ptnr2_label_alt_id 
_pdbx_struct_conn_angle.ptnr2_label_asym_id 
_pdbx_struct_conn_angle.ptnr2_label_comp_id 
_pdbx_struct_conn_angle.ptnr2_label_seq_id 
_pdbx_struct_conn_angle.ptnr2_auth_atom_id 
_pdbx_struct_conn_angle.ptnr2_auth_asym_id 
_pdbx_struct_conn_angle.ptnr2_auth_comp_id 
_pdbx_struct_conn_angle.ptnr2_auth_seq_id 
_pdbx_struct_conn_angle.ptnr2_PDB_ins_code 
_pdbx_struct_conn_angle.ptnr2_symmetry 
_pdbx_struct_conn_angle.ptnr3_label_atom_id 
_pdbx_struct_conn_angle.ptnr3_label_alt_id 
_pdbx_struct_conn_angle.ptnr3_label_asym_id 
_pdbx_struct_conn_angle.ptnr3_label_comp_id 
_pdbx_struct_conn_angle.ptnr3_label_seq_id 
_pdbx_struct_conn_angle.ptnr3_auth_atom_id 
_pdbx_struct_conn_angle.ptnr3_auth_asym_id 
_pdbx_struct_conn_angle.ptnr3_auth_comp_id 
_pdbx_struct_conn_angle.ptnr3_auth_seq_id 
_pdbx_struct_conn_angle.ptnr3_PDB_ins_code 
_pdbx_struct_conn_angle.ptnr3_symmetry 
_pdbx_struct_conn_angle.value 
_pdbx_struct_conn_angle.value_esd 
1  SG  ? A CYS 14 ? A CYS 14  ? 1_555 MO1 ? F 9UX . ? B 9UX 101 ? 8_545 O1  ? F 9UX .  ? B 9UX 101 ? 8_545 113.2 ? 
2  SG  ? A CYS 14 ? A CYS 14  ? 1_555 MO1 ? F 9UX . ? B 9UX 101 ? 8_545 S1  ? F 9UX .  ? B 9UX 101 ? 8_545 131.3 ? 
3  O1  ? F 9UX .  ? B 9UX 101 ? 8_545 MO1 ? F 9UX . ? B 9UX 101 ? 8_545 S1  ? F 9UX .  ? B 9UX 101 ? 8_545 112.3 ? 
4  SG  ? A CYS 14 ? A CYS 14  ? 1_555 MO1 ? F 9UX . ? B 9UX 101 ? 8_545 S2  ? F 9UX .  ? B 9UX 101 ? 8_545 84.0  ? 
5  O1  ? F 9UX .  ? B 9UX 101 ? 8_545 MO1 ? F 9UX . ? B 9UX 101 ? 8_545 S2  ? F 9UX .  ? B 9UX 101 ? 8_545 107.3 ? 
6  S1  ? F 9UX .  ? B 9UX 101 ? 8_545 MO1 ? F 9UX . ? B 9UX 101 ? 8_545 S2  ? F 9UX .  ? B 9UX 101 ? 8_545 98.5  ? 
7  SG  ? A CYS 14 ? A CYS 14  ? 1_555 MO1 ? F 9UX . ? B 9UX 101 ? 8_545 SG  ? A CYS 17 ? A CYS 17  ? 1_555 78.4  ? 
8  O1  ? F 9UX .  ? B 9UX 101 ? 8_545 MO1 ? F 9UX . ? B 9UX 101 ? 8_545 SG  ? A CYS 17 ? A CYS 17  ? 1_555 99.6  ? 
9  S1  ? F 9UX .  ? B 9UX 101 ? 8_545 MO1 ? F 9UX . ? B 9UX 101 ? 8_545 SG  ? A CYS 17 ? A CYS 17  ? 1_555 77.8  ? 
10 S2  ? F 9UX .  ? B 9UX 101 ? 8_545 MO1 ? F 9UX . ? B 9UX 101 ? 8_545 SG  ? A CYS 17 ? A CYS 17  ? 1_555 152.0 ? 
11 OE1 ? A GLU 22 ? A GLU 22  ? 1_555 CA  ? E CA  . ? A CA  103 ? 1_555 OE2 ? A GLU 22 ? A GLU 22  ? 1_555 50.9  ? 
12 OE1 ? A GLU 22 ? A GLU 22  ? 1_555 CA  ? E CA  . ? A CA  103 ? 1_555 O   ? G HOH .  ? A HOH 240 ? 1_555 80.6  ? 
13 OE2 ? A GLU 22 ? A GLU 22  ? 1_555 CA  ? E CA  . ? A CA  103 ? 1_555 O   ? G HOH .  ? A HOH 240 ? 1_555 75.1  ? 
14 OE1 ? A GLU 22 ? A GLU 22  ? 1_555 CA  ? E CA  . ? A CA  103 ? 1_555 O   ? G HOH .  ? A HOH 287 ? 1_555 84.1  ? 
15 OE2 ? A GLU 22 ? A GLU 22  ? 1_555 CA  ? E CA  . ? A CA  103 ? 1_555 O   ? G HOH .  ? A HOH 287 ? 1_555 129.0 ? 
16 O   ? G HOH .  ? A HOH 240 ? 1_555 CA  ? E CA  . ? A CA  103 ? 1_555 O   ? G HOH .  ? A HOH 287 ? 1_555 74.8  ? 
17 OE1 ? A GLU 22 ? A GLU 22  ? 1_555 CA  ? E CA  . ? A CA  103 ? 1_555 O   ? H HOH .  ? B HOH 225 ? 1_555 158.1 ? 
18 OE2 ? A GLU 22 ? A GLU 22  ? 1_555 CA  ? E CA  . ? A CA  103 ? 1_555 O   ? H HOH .  ? B HOH 225 ? 1_555 150.0 ? 
19 O   ? G HOH .  ? A HOH 240 ? 1_555 CA  ? E CA  . ? A CA  103 ? 1_555 O   ? H HOH .  ? B HOH 225 ? 1_555 108.0 ? 
20 O   ? G HOH .  ? A HOH 287 ? 1_555 CA  ? E CA  . ? A CA  103 ? 1_555 O   ? H HOH .  ? B HOH 225 ? 1_555 79.1  ? 
21 OE1 ? A GLU 22 ? A GLU 22  ? 1_555 CA  ? E CA  . ? A CA  103 ? 1_555 O   ? H HOH .  ? B HOH 228 ? 1_555 131.0 ? 
22 OE2 ? A GLU 22 ? A GLU 22  ? 1_555 CA  ? E CA  . ? A CA  103 ? 1_555 O   ? H HOH .  ? B HOH 228 ? 1_555 81.5  ? 
23 O   ? G HOH .  ? A HOH 240 ? 1_555 CA  ? E CA  . ? A CA  103 ? 1_555 O   ? H HOH .  ? B HOH 228 ? 1_555 75.8  ? 
24 O   ? G HOH .  ? A HOH 287 ? 1_555 CA  ? E CA  . ? A CA  103 ? 1_555 O   ? H HOH .  ? B HOH 228 ? 1_555 128.3 ? 
25 O   ? H HOH .  ? B HOH 225 ? 1_555 CA  ? E CA  . ? A CA  103 ? 1_555 O   ? H HOH .  ? B HOH 228 ? 1_555 70.9  ? 
26 OE1 ? A GLU 22 ? A GLU 22  ? 1_555 CA  ? E CA  . ? A CA  103 ? 1_555 O   ? H HOH .  ? B HOH 237 ? 1_555 103.2 ? 
27 OE2 ? A GLU 22 ? A GLU 22  ? 1_555 CA  ? E CA  . ? A CA  103 ? 1_555 O   ? H HOH .  ? B HOH 237 ? 1_555 75.8  ? 
28 O   ? G HOH .  ? A HOH 240 ? 1_555 CA  ? E CA  . ? A CA  103 ? 1_555 O   ? H HOH .  ? B HOH 237 ? 1_555 138.2 ? 
29 O   ? G HOH .  ? A HOH 287 ? 1_555 CA  ? E CA  . ? A CA  103 ? 1_555 O   ? H HOH .  ? B HOH 237 ? 1_555 146.7 ? 
30 O   ? H HOH .  ? B HOH 225 ? 1_555 CA  ? E CA  . ? A CA  103 ? 1_555 O   ? H HOH .  ? B HOH 237 ? 1_555 84.0  ? 
31 O   ? H HOH .  ? B HOH 228 ? 1_555 CA  ? E CA  . ? A CA  103 ? 1_555 O   ? H HOH .  ? B HOH 237 ? 1_555 70.7  ? 
32 OE1 ? A GLU 22 ? A GLU 22  ? 1_555 CA  ? E CA  . ? A CA  103 ? 1_555 O   ? H HOH .  ? B HOH 258 ? 1_555 79.6  ? 
33 OE2 ? A GLU 22 ? A GLU 22  ? 1_555 CA  ? E CA  . ? A CA  103 ? 1_555 O   ? H HOH .  ? B HOH 258 ? 1_555 113.6 ? 
34 O   ? G HOH .  ? A HOH 240 ? 1_555 CA  ? E CA  . ? A CA  103 ? 1_555 O   ? H HOH .  ? B HOH 258 ? 1_555 143.5 ? 
35 O   ? G HOH .  ? A HOH 287 ? 1_555 CA  ? E CA  . ? A CA  103 ? 1_555 O   ? H HOH .  ? B HOH 258 ? 1_555 72.9  ? 
36 O   ? H HOH .  ? B HOH 225 ? 1_555 CA  ? E CA  . ? A CA  103 ? 1_555 O   ? H HOH .  ? B HOH 258 ? 1_555 82.2  ? 
37 O   ? H HOH .  ? B HOH 228 ? 1_555 CA  ? E CA  . ? A CA  103 ? 1_555 O   ? H HOH .  ? B HOH 258 ? 1_555 139.1 ? 
38 O   ? H HOH .  ? B HOH 237 ? 1_555 CA  ? E CA  . ? A CA  103 ? 1_555 O   ? H HOH .  ? B HOH 258 ? 1_555 76.5  ? 
39 SG  ? B CYS 14 ? B CYS 14  ? 1_555 MO2 ? F 9UX . ? B 9UX 101 ? 1_555 O2  ? F 9UX .  ? B 9UX 101 ? 1_555 115.8 ? 
40 SG  ? B CYS 14 ? B CYS 14  ? 1_555 MO2 ? F 9UX . ? B 9UX 101 ? 1_555 S1  ? F 9UX .  ? B 9UX 101 ? 1_555 84.2  ? 
41 O2  ? F 9UX .  ? B 9UX 101 ? 1_555 MO2 ? F 9UX . ? B 9UX 101 ? 1_555 S1  ? F 9UX .  ? B 9UX 101 ? 1_555 104.9 ? 
42 SG  ? B CYS 14 ? B CYS 14  ? 1_555 MO2 ? F 9UX . ? B 9UX 101 ? 1_555 S2  ? F 9UX .  ? B 9UX 101 ? 1_555 130.1 ? 
43 O2  ? F 9UX .  ? B 9UX 101 ? 1_555 MO2 ? F 9UX . ? B 9UX 101 ? 1_555 S2  ? F 9UX .  ? B 9UX 101 ? 1_555 111.8 ? 
44 S1  ? F 9UX .  ? B 9UX 101 ? 1_555 MO2 ? F 9UX . ? B 9UX 101 ? 1_555 S2  ? F 9UX .  ? B 9UX 101 ? 1_555 97.9  ? 
45 SG  ? B CYS 14 ? B CYS 14  ? 1_555 MO2 ? F 9UX . ? B 9UX 101 ? 1_555 SG  ? B CYS 17 ? B CYS 17  ? 1_555 78.4  ? 
46 O2  ? F 9UX .  ? B 9UX 101 ? 1_555 MO2 ? F 9UX . ? B 9UX 101 ? 1_555 SG  ? B CYS 17 ? B CYS 17  ? 1_555 99.2  ? 
47 S1  ? F 9UX .  ? B 9UX 101 ? 1_555 MO2 ? F 9UX . ? B 9UX 101 ? 1_555 SG  ? B CYS 17 ? B CYS 17  ? 1_555 154.7 ? 
48 S2  ? F 9UX .  ? B 9UX 101 ? 1_555 MO2 ? F 9UX . ? B 9UX 101 ? 1_555 SG  ? B CYS 17 ? B CYS 17  ? 1_555 80.0  ? 
# 
loop_
_pdbx_audit_revision_history.ordinal 
_pdbx_audit_revision_history.data_content_type 
_pdbx_audit_revision_history.major_revision 
_pdbx_audit_revision_history.minor_revision 
_pdbx_audit_revision_history.revision_date 
1 'Structure model' 1 0 2019-04-03 
2 'Structure model' 1 1 2023-11-22 
# 
_pdbx_audit_revision_details.ordinal             1 
_pdbx_audit_revision_details.revision_ordinal    1 
_pdbx_audit_revision_details.data_content_type   'Structure model' 
_pdbx_audit_revision_details.provider            repository 
_pdbx_audit_revision_details.type                'Initial release' 
_pdbx_audit_revision_details.description         ? 
_pdbx_audit_revision_details.details             ? 
# 
loop_
_pdbx_audit_revision_group.ordinal 
_pdbx_audit_revision_group.revision_ordinal 
_pdbx_audit_revision_group.data_content_type 
_pdbx_audit_revision_group.group 
1 2 'Structure model' 'Data collection'        
2 2 'Structure model' 'Database references'    
3 2 'Structure model' 'Derived calculations'   
4 2 'Structure model' 'Refinement description' 
# 
loop_
_pdbx_audit_revision_category.ordinal 
_pdbx_audit_revision_category.revision_ordinal 
_pdbx_audit_revision_category.data_content_type 
_pdbx_audit_revision_category.category 
1 2 'Structure model' chem_comp_atom                
2 2 'Structure model' chem_comp_bond                
3 2 'Structure model' database_2                    
4 2 'Structure model' pdbx_initial_refinement_model 
5 2 'Structure model' pdbx_struct_conn_angle        
6 2 'Structure model' struct_conn                   
# 
loop_
_pdbx_audit_revision_item.ordinal 
_pdbx_audit_revision_item.revision_ordinal 
_pdbx_audit_revision_item.data_content_type 
_pdbx_audit_revision_item.item 
1  2 'Structure model' '_database_2.pdbx_DOI'                        
2  2 'Structure model' '_database_2.pdbx_database_accession'         
3  2 'Structure model' '_pdbx_struct_conn_angle.ptnr1_auth_asym_id'  
4  2 'Structure model' '_pdbx_struct_conn_angle.ptnr1_auth_comp_id'  
5  2 'Structure model' '_pdbx_struct_conn_angle.ptnr1_auth_seq_id'   
6  2 'Structure model' '_pdbx_struct_conn_angle.ptnr1_label_asym_id' 
7  2 'Structure model' '_pdbx_struct_conn_angle.ptnr1_label_atom_id' 
8  2 'Structure model' '_pdbx_struct_conn_angle.ptnr1_label_comp_id' 
9  2 'Structure model' '_pdbx_struct_conn_angle.ptnr1_label_seq_id'  
10 2 'Structure model' '_pdbx_struct_conn_angle.ptnr1_symmetry'      
11 2 'Structure model' '_pdbx_struct_conn_angle.ptnr2_auth_asym_id'  
12 2 'Structure model' '_pdbx_struct_conn_angle.ptnr2_auth_comp_id'  
13 2 'Structure model' '_pdbx_struct_conn_angle.ptnr2_auth_seq_id'   
14 2 'Structure model' '_pdbx_struct_conn_angle.ptnr2_label_asym_id' 
15 2 'Structure model' '_pdbx_struct_conn_angle.ptnr2_label_atom_id' 
16 2 'Structure model' '_pdbx_struct_conn_angle.ptnr2_label_comp_id' 
17 2 'Structure model' '_pdbx_struct_conn_angle.ptnr2_symmetry'      
18 2 'Structure model' '_pdbx_struct_conn_angle.ptnr3_auth_asym_id'  
19 2 'Structure model' '_pdbx_struct_conn_angle.ptnr3_auth_comp_id'  
20 2 'Structure model' '_pdbx_struct_conn_angle.ptnr3_auth_seq_id'   
21 2 'Structure model' '_pdbx_struct_conn_angle.ptnr3_label_asym_id' 
22 2 'Structure model' '_pdbx_struct_conn_angle.ptnr3_label_atom_id' 
23 2 'Structure model' '_pdbx_struct_conn_angle.ptnr3_label_comp_id' 
24 2 'Structure model' '_pdbx_struct_conn_angle.ptnr3_label_seq_id'  
25 2 'Structure model' '_pdbx_struct_conn_angle.ptnr3_symmetry'      
26 2 'Structure model' '_pdbx_struct_conn_angle.value'               
27 2 'Structure model' '_struct_conn.pdbx_dist_value'                
28 2 'Structure model' '_struct_conn.ptnr1_auth_asym_id'             
29 2 'Structure model' '_struct_conn.ptnr1_auth_comp_id'             
30 2 'Structure model' '_struct_conn.ptnr1_auth_seq_id'              
31 2 'Structure model' '_struct_conn.ptnr1_label_asym_id'            
32 2 'Structure model' '_struct_conn.ptnr1_label_atom_id'            
33 2 'Structure model' '_struct_conn.ptnr1_label_comp_id'            
34 2 'Structure model' '_struct_conn.ptnr1_label_seq_id'             
35 2 'Structure model' '_struct_conn.ptnr2_auth_asym_id'             
36 2 'Structure model' '_struct_conn.ptnr2_auth_comp_id'             
37 2 'Structure model' '_struct_conn.ptnr2_auth_seq_id'              
38 2 'Structure model' '_struct_conn.ptnr2_label_asym_id'            
39 2 'Structure model' '_struct_conn.ptnr2_label_atom_id'            
40 2 'Structure model' '_struct_conn.ptnr2_label_comp_id'            
41 2 'Structure model' '_struct_conn.ptnr2_symmetry'                 
# 
loop_
_software.citation_id 
_software.classification 
_software.compiler_name 
_software.compiler_version 
_software.contact_author 
_software.contact_author_email 
_software.date 
_software.description 
_software.dependencies 
_software.hardware 
_software.language 
_software.location 
_software.mods 
_software.name 
_software.os 
_software.os_version 
_software.type 
_software.version 
_software.pdbx_ordinal 
? refinement       ? ? ? ? ? ? ? ? ? ? ? REFMAC   ? ? ? 5.8.0103 1 
? 'data reduction' ? ? ? ? ? ? ? ? ? ? ? HKL-2000 ? ? ? .        2 
? 'data scaling'   ? ? ? ? ? ? ? ? ? ? ? HKL-2000 ? ? ? .        3 
? phasing          ? ? ? ? ? ? ? ? ? ? ? PHASER   ? ? ? .        4 
# 
loop_
_pdbx_validate_close_contact.id 
_pdbx_validate_close_contact.PDB_model_num 
_pdbx_validate_close_contact.auth_atom_id_1 
_pdbx_validate_close_contact.auth_asym_id_1 
_pdbx_validate_close_contact.auth_comp_id_1 
_pdbx_validate_close_contact.auth_seq_id_1 
_pdbx_validate_close_contact.PDB_ins_code_1 
_pdbx_validate_close_contact.label_alt_id_1 
_pdbx_validate_close_contact.auth_atom_id_2 
_pdbx_validate_close_contact.auth_asym_id_2 
_pdbx_validate_close_contact.auth_comp_id_2 
_pdbx_validate_close_contact.auth_seq_id_2 
_pdbx_validate_close_contact.PDB_ins_code_2 
_pdbx_validate_close_contact.label_alt_id_2 
_pdbx_validate_close_contact.dist 
1 1 O   A HOH 206 ? ? O A HOH 264 ? ? 1.82 
2 1 O   A HOH 227 ? ? O A HOH 250 ? ? 1.86 
3 1 C   A SER 72  ? ? O A HOH 230 ? ? 1.87 
4 1 O   A HOH 278 ? ? O B HOH 261 ? ? 1.97 
5 1 OE1 B GLU 22  ? ? O B HOH 201 ? ? 2.02 
6 1 OE1 A GLN 33  ? A O A HOH 201 ? ? 2.15 
7 1 O   A HOH 207 ? ? O A HOH 208 ? ? 2.15 
8 1 O   B GLY 11  ? ? O B HOH 202 ? ? 2.19 
# 
_pdbx_validate_symm_contact.id                1 
_pdbx_validate_symm_contact.PDB_model_num     1 
_pdbx_validate_symm_contact.auth_atom_id_1    O 
_pdbx_validate_symm_contact.auth_asym_id_1    A 
_pdbx_validate_symm_contact.auth_comp_id_1    HOH 
_pdbx_validate_symm_contact.auth_seq_id_1     227 
_pdbx_validate_symm_contact.PDB_ins_code_1    ? 
_pdbx_validate_symm_contact.label_alt_id_1    ? 
_pdbx_validate_symm_contact.site_symmetry_1   1_555 
_pdbx_validate_symm_contact.auth_atom_id_2    O 
_pdbx_validate_symm_contact.auth_asym_id_2    A 
_pdbx_validate_symm_contact.auth_comp_id_2    HOH 
_pdbx_validate_symm_contact.auth_seq_id_2     256 
_pdbx_validate_symm_contact.PDB_ins_code_2    ? 
_pdbx_validate_symm_contact.label_alt_id_2    ? 
_pdbx_validate_symm_contact.site_symmetry_2   3_454 
_pdbx_validate_symm_contact.dist              1.51 
# 
_pdbx_unobs_or_zero_occ_residues.id               1 
_pdbx_unobs_or_zero_occ_residues.PDB_model_num    1 
_pdbx_unobs_or_zero_occ_residues.polymer_flag     Y 
_pdbx_unobs_or_zero_occ_residues.occupancy_flag   1 
_pdbx_unobs_or_zero_occ_residues.auth_asym_id     B 
_pdbx_unobs_or_zero_occ_residues.auth_comp_id     THR 
_pdbx_unobs_or_zero_occ_residues.auth_seq_id      1 
_pdbx_unobs_or_zero_occ_residues.PDB_ins_code     ? 
_pdbx_unobs_or_zero_occ_residues.label_asym_id    B 
_pdbx_unobs_or_zero_occ_residues.label_comp_id    THR 
_pdbx_unobs_or_zero_occ_residues.label_seq_id     1 
# 
loop_
_chem_comp_atom.comp_id 
_chem_comp_atom.atom_id 
_chem_comp_atom.type_symbol 
_chem_comp_atom.pdbx_aromatic_flag 
_chem_comp_atom.pdbx_stereo_config 
_chem_comp_atom.pdbx_ordinal 
9UX MO1  MO N N 1   
9UX MO2  MO N N 2   
9UX O1   O  N N 3   
9UX O2   O  N N 4   
9UX S1   S  N N 5   
9UX S2   S  N N 6   
9UX H3   H  N N 7   
9UX H4   H  N N 8   
9UX H1   H  N N 9   
9UX H2   H  N N 10  
ALA N    N  N N 11  
ALA CA   C  N S 12  
ALA C    C  N N 13  
ALA O    O  N N 14  
ALA CB   C  N N 15  
ALA OXT  O  N N 16  
ALA H    H  N N 17  
ALA H2   H  N N 18  
ALA HA   H  N N 19  
ALA HB1  H  N N 20  
ALA HB2  H  N N 21  
ALA HB3  H  N N 22  
ALA HXT  H  N N 23  
ARG N    N  N N 24  
ARG CA   C  N S 25  
ARG C    C  N N 26  
ARG O    O  N N 27  
ARG CB   C  N N 28  
ARG CG   C  N N 29  
ARG CD   C  N N 30  
ARG NE   N  N N 31  
ARG CZ   C  N N 32  
ARG NH1  N  N N 33  
ARG NH2  N  N N 34  
ARG OXT  O  N N 35  
ARG H    H  N N 36  
ARG H2   H  N N 37  
ARG HA   H  N N 38  
ARG HB2  H  N N 39  
ARG HB3  H  N N 40  
ARG HG2  H  N N 41  
ARG HG3  H  N N 42  
ARG HD2  H  N N 43  
ARG HD3  H  N N 44  
ARG HE   H  N N 45  
ARG HH11 H  N N 46  
ARG HH12 H  N N 47  
ARG HH21 H  N N 48  
ARG HH22 H  N N 49  
ARG HXT  H  N N 50  
ASN N    N  N N 51  
ASN CA   C  N S 52  
ASN C    C  N N 53  
ASN O    O  N N 54  
ASN CB   C  N N 55  
ASN CG   C  N N 56  
ASN OD1  O  N N 57  
ASN ND2  N  N N 58  
ASN OXT  O  N N 59  
ASN H    H  N N 60  
ASN H2   H  N N 61  
ASN HA   H  N N 62  
ASN HB2  H  N N 63  
ASN HB3  H  N N 64  
ASN HD21 H  N N 65  
ASN HD22 H  N N 66  
ASN HXT  H  N N 67  
ASP N    N  N N 68  
ASP CA   C  N S 69  
ASP C    C  N N 70  
ASP O    O  N N 71  
ASP CB   C  N N 72  
ASP CG   C  N N 73  
ASP OD1  O  N N 74  
ASP OD2  O  N N 75  
ASP OXT  O  N N 76  
ASP H    H  N N 77  
ASP H2   H  N N 78  
ASP HA   H  N N 79  
ASP HB2  H  N N 80  
ASP HB3  H  N N 81  
ASP HD2  H  N N 82  
ASP HXT  H  N N 83  
CA  CA   CA N N 84  
CYS N    N  N N 85  
CYS CA   C  N R 86  
CYS C    C  N N 87  
CYS O    O  N N 88  
CYS CB   C  N N 89  
CYS SG   S  N N 90  
CYS OXT  O  N N 91  
CYS H    H  N N 92  
CYS H2   H  N N 93  
CYS HA   H  N N 94  
CYS HB2  H  N N 95  
CYS HB3  H  N N 96  
CYS HG   H  N N 97  
CYS HXT  H  N N 98  
GLN N    N  N N 99  
GLN CA   C  N S 100 
GLN C    C  N N 101 
GLN O    O  N N 102 
GLN CB   C  N N 103 
GLN CG   C  N N 104 
GLN CD   C  N N 105 
GLN OE1  O  N N 106 
GLN NE2  N  N N 107 
GLN OXT  O  N N 108 
GLN H    H  N N 109 
GLN H2   H  N N 110 
GLN HA   H  N N 111 
GLN HB2  H  N N 112 
GLN HB3  H  N N 113 
GLN HG2  H  N N 114 
GLN HG3  H  N N 115 
GLN HE21 H  N N 116 
GLN HE22 H  N N 117 
GLN HXT  H  N N 118 
GLU N    N  N N 119 
GLU CA   C  N S 120 
GLU C    C  N N 121 
GLU O    O  N N 122 
GLU CB   C  N N 123 
GLU CG   C  N N 124 
GLU CD   C  N N 125 
GLU OE1  O  N N 126 
GLU OE2  O  N N 127 
GLU OXT  O  N N 128 
GLU H    H  N N 129 
GLU H2   H  N N 130 
GLU HA   H  N N 131 
GLU HB2  H  N N 132 
GLU HB3  H  N N 133 
GLU HG2  H  N N 134 
GLU HG3  H  N N 135 
GLU HE2  H  N N 136 
GLU HXT  H  N N 137 
GLY N    N  N N 138 
GLY CA   C  N N 139 
GLY C    C  N N 140 
GLY O    O  N N 141 
GLY OXT  O  N N 142 
GLY H    H  N N 143 
GLY H2   H  N N 144 
GLY HA2  H  N N 145 
GLY HA3  H  N N 146 
GLY HXT  H  N N 147 
GOL C1   C  N N 148 
GOL O1   O  N N 149 
GOL C2   C  N N 150 
GOL O2   O  N N 151 
GOL C3   C  N N 152 
GOL O3   O  N N 153 
GOL H11  H  N N 154 
GOL H12  H  N N 155 
GOL HO1  H  N N 156 
GOL H2   H  N N 157 
GOL HO2  H  N N 158 
GOL H31  H  N N 159 
GOL H32  H  N N 160 
GOL HO3  H  N N 161 
HIS N    N  N N 162 
HIS CA   C  N S 163 
HIS C    C  N N 164 
HIS O    O  N N 165 
HIS CB   C  N N 166 
HIS CG   C  Y N 167 
HIS ND1  N  Y N 168 
HIS CD2  C  Y N 169 
HIS CE1  C  Y N 170 
HIS NE2  N  Y N 171 
HIS OXT  O  N N 172 
HIS H    H  N N 173 
HIS H2   H  N N 174 
HIS HA   H  N N 175 
HIS HB2  H  N N 176 
HIS HB3  H  N N 177 
HIS HD1  H  N N 178 
HIS HD2  H  N N 179 
HIS HE1  H  N N 180 
HIS HE2  H  N N 181 
HIS HXT  H  N N 182 
HOH O    O  N N 183 
HOH H1   H  N N 184 
HOH H2   H  N N 185 
ILE N    N  N N 186 
ILE CA   C  N S 187 
ILE C    C  N N 188 
ILE O    O  N N 189 
ILE CB   C  N S 190 
ILE CG1  C  N N 191 
ILE CG2  C  N N 192 
ILE CD1  C  N N 193 
ILE OXT  O  N N 194 
ILE H    H  N N 195 
ILE H2   H  N N 196 
ILE HA   H  N N 197 
ILE HB   H  N N 198 
ILE HG12 H  N N 199 
ILE HG13 H  N N 200 
ILE HG21 H  N N 201 
ILE HG22 H  N N 202 
ILE HG23 H  N N 203 
ILE HD11 H  N N 204 
ILE HD12 H  N N 205 
ILE HD13 H  N N 206 
ILE HXT  H  N N 207 
LEU N    N  N N 208 
LEU CA   C  N S 209 
LEU C    C  N N 210 
LEU O    O  N N 211 
LEU CB   C  N N 212 
LEU CG   C  N N 213 
LEU CD1  C  N N 214 
LEU CD2  C  N N 215 
LEU OXT  O  N N 216 
LEU H    H  N N 217 
LEU H2   H  N N 218 
LEU HA   H  N N 219 
LEU HB2  H  N N 220 
LEU HB3  H  N N 221 
LEU HG   H  N N 222 
LEU HD11 H  N N 223 
LEU HD12 H  N N 224 
LEU HD13 H  N N 225 
LEU HD21 H  N N 226 
LEU HD22 H  N N 227 
LEU HD23 H  N N 228 
LEU HXT  H  N N 229 
MET N    N  N N 230 
MET CA   C  N S 231 
MET C    C  N N 232 
MET O    O  N N 233 
MET CB   C  N N 234 
MET CG   C  N N 235 
MET SD   S  N N 236 
MET CE   C  N N 237 
MET OXT  O  N N 238 
MET H    H  N N 239 
MET H2   H  N N 240 
MET HA   H  N N 241 
MET HB2  H  N N 242 
MET HB3  H  N N 243 
MET HG2  H  N N 244 
MET HG3  H  N N 245 
MET HE1  H  N N 246 
MET HE2  H  N N 247 
MET HE3  H  N N 248 
MET HXT  H  N N 249 
PEG C1   C  N N 250 
PEG O1   O  N N 251 
PEG C2   C  N N 252 
PEG O2   O  N N 253 
PEG C3   C  N N 254 
PEG C4   C  N N 255 
PEG O4   O  N N 256 
PEG H11  H  N N 257 
PEG H12  H  N N 258 
PEG HO1  H  N N 259 
PEG H21  H  N N 260 
PEG H22  H  N N 261 
PEG H31  H  N N 262 
PEG H32  H  N N 263 
PEG H41  H  N N 264 
PEG H42  H  N N 265 
PEG HO4  H  N N 266 
PHE N    N  N N 267 
PHE CA   C  N S 268 
PHE C    C  N N 269 
PHE O    O  N N 270 
PHE CB   C  N N 271 
PHE CG   C  Y N 272 
PHE CD1  C  Y N 273 
PHE CD2  C  Y N 274 
PHE CE1  C  Y N 275 
PHE CE2  C  Y N 276 
PHE CZ   C  Y N 277 
PHE OXT  O  N N 278 
PHE H    H  N N 279 
PHE H2   H  N N 280 
PHE HA   H  N N 281 
PHE HB2  H  N N 282 
PHE HB3  H  N N 283 
PHE HD1  H  N N 284 
PHE HD2  H  N N 285 
PHE HE1  H  N N 286 
PHE HE2  H  N N 287 
PHE HZ   H  N N 288 
PHE HXT  H  N N 289 
PRO N    N  N N 290 
PRO CA   C  N S 291 
PRO C    C  N N 292 
PRO O    O  N N 293 
PRO CB   C  N N 294 
PRO CG   C  N N 295 
PRO CD   C  N N 296 
PRO OXT  O  N N 297 
PRO H    H  N N 298 
PRO HA   H  N N 299 
PRO HB2  H  N N 300 
PRO HB3  H  N N 301 
PRO HG2  H  N N 302 
PRO HG3  H  N N 303 
PRO HD2  H  N N 304 
PRO HD3  H  N N 305 
PRO HXT  H  N N 306 
SER N    N  N N 307 
SER CA   C  N S 308 
SER C    C  N N 309 
SER O    O  N N 310 
SER CB   C  N N 311 
SER OG   O  N N 312 
SER OXT  O  N N 313 
SER H    H  N N 314 
SER H2   H  N N 315 
SER HA   H  N N 316 
SER HB2  H  N N 317 
SER HB3  H  N N 318 
SER HG   H  N N 319 
SER HXT  H  N N 320 
THR N    N  N N 321 
THR CA   C  N S 322 
THR C    C  N N 323 
THR O    O  N N 324 
THR CB   C  N R 325 
THR OG1  O  N N 326 
THR CG2  C  N N 327 
THR OXT  O  N N 328 
THR H    H  N N 329 
THR H2   H  N N 330 
THR HA   H  N N 331 
THR HB   H  N N 332 
THR HG1  H  N N 333 
THR HG21 H  N N 334 
THR HG22 H  N N 335 
THR HG23 H  N N 336 
THR HXT  H  N N 337 
TYR N    N  N N 338 
TYR CA   C  N S 339 
TYR C    C  N N 340 
TYR O    O  N N 341 
TYR CB   C  N N 342 
TYR CG   C  Y N 343 
TYR CD1  C  Y N 344 
TYR CD2  C  Y N 345 
TYR CE1  C  Y N 346 
TYR CE2  C  Y N 347 
TYR CZ   C  Y N 348 
TYR OH   O  N N 349 
TYR OXT  O  N N 350 
TYR H    H  N N 351 
TYR H2   H  N N 352 
TYR HA   H  N N 353 
TYR HB2  H  N N 354 
TYR HB3  H  N N 355 
TYR HD1  H  N N 356 
TYR HD2  H  N N 357 
TYR HE1  H  N N 358 
TYR HE2  H  N N 359 
TYR HH   H  N N 360 
TYR HXT  H  N N 361 
VAL N    N  N N 362 
VAL CA   C  N S 363 
VAL C    C  N N 364 
VAL O    O  N N 365 
VAL CB   C  N N 366 
VAL CG1  C  N N 367 
VAL CG2  C  N N 368 
VAL OXT  O  N N 369 
VAL H    H  N N 370 
VAL H2   H  N N 371 
VAL HA   H  N N 372 
VAL HB   H  N N 373 
VAL HG11 H  N N 374 
VAL HG12 H  N N 375 
VAL HG13 H  N N 376 
VAL HG21 H  N N 377 
VAL HG22 H  N N 378 
VAL HG23 H  N N 379 
VAL HXT  H  N N 380 
# 
loop_
_chem_comp_bond.comp_id 
_chem_comp_bond.atom_id_1 
_chem_comp_bond.atom_id_2 
_chem_comp_bond.value_order 
_chem_comp_bond.pdbx_aromatic_flag 
_chem_comp_bond.pdbx_stereo_config 
_chem_comp_bond.pdbx_ordinal 
9UX MO1 O1   doub N N 1   
9UX MO1 S1   sing N N 2   
9UX MO1 S2   sing N N 3   
9UX MO2 O2   doub N N 4   
9UX MO2 S1   sing N N 5   
9UX MO2 S2   sing N N 6   
9UX MO2 H3   sing N N 7   
9UX MO2 H4   sing N N 8   
9UX MO1 H1   sing N N 9   
9UX MO1 H2   sing N N 10  
ALA N   CA   sing N N 11  
ALA N   H    sing N N 12  
ALA N   H2   sing N N 13  
ALA CA  C    sing N N 14  
ALA CA  CB   sing N N 15  
ALA CA  HA   sing N N 16  
ALA C   O    doub N N 17  
ALA C   OXT  sing N N 18  
ALA CB  HB1  sing N N 19  
ALA CB  HB2  sing N N 20  
ALA CB  HB3  sing N N 21  
ALA OXT HXT  sing N N 22  
ARG N   CA   sing N N 23  
ARG N   H    sing N N 24  
ARG N   H2   sing N N 25  
ARG CA  C    sing N N 26  
ARG CA  CB   sing N N 27  
ARG CA  HA   sing N N 28  
ARG C   O    doub N N 29  
ARG C   OXT  sing N N 30  
ARG CB  CG   sing N N 31  
ARG CB  HB2  sing N N 32  
ARG CB  HB3  sing N N 33  
ARG CG  CD   sing N N 34  
ARG CG  HG2  sing N N 35  
ARG CG  HG3  sing N N 36  
ARG CD  NE   sing N N 37  
ARG CD  HD2  sing N N 38  
ARG CD  HD3  sing N N 39  
ARG NE  CZ   sing N N 40  
ARG NE  HE   sing N N 41  
ARG CZ  NH1  sing N N 42  
ARG CZ  NH2  doub N N 43  
ARG NH1 HH11 sing N N 44  
ARG NH1 HH12 sing N N 45  
ARG NH2 HH21 sing N N 46  
ARG NH2 HH22 sing N N 47  
ARG OXT HXT  sing N N 48  
ASN N   CA   sing N N 49  
ASN N   H    sing N N 50  
ASN N   H2   sing N N 51  
ASN CA  C    sing N N 52  
ASN CA  CB   sing N N 53  
ASN CA  HA   sing N N 54  
ASN C   O    doub N N 55  
ASN C   OXT  sing N N 56  
ASN CB  CG   sing N N 57  
ASN CB  HB2  sing N N 58  
ASN CB  HB3  sing N N 59  
ASN CG  OD1  doub N N 60  
ASN CG  ND2  sing N N 61  
ASN ND2 HD21 sing N N 62  
ASN ND2 HD22 sing N N 63  
ASN OXT HXT  sing N N 64  
ASP N   CA   sing N N 65  
ASP N   H    sing N N 66  
ASP N   H2   sing N N 67  
ASP CA  C    sing N N 68  
ASP CA  CB   sing N N 69  
ASP CA  HA   sing N N 70  
ASP C   O    doub N N 71  
ASP C   OXT  sing N N 72  
ASP CB  CG   sing N N 73  
ASP CB  HB2  sing N N 74  
ASP CB  HB3  sing N N 75  
ASP CG  OD1  doub N N 76  
ASP CG  OD2  sing N N 77  
ASP OD2 HD2  sing N N 78  
ASP OXT HXT  sing N N 79  
CYS N   CA   sing N N 80  
CYS N   H    sing N N 81  
CYS N   H2   sing N N 82  
CYS CA  C    sing N N 83  
CYS CA  CB   sing N N 84  
CYS CA  HA   sing N N 85  
CYS C   O    doub N N 86  
CYS C   OXT  sing N N 87  
CYS CB  SG   sing N N 88  
CYS CB  HB2  sing N N 89  
CYS CB  HB3  sing N N 90  
CYS SG  HG   sing N N 91  
CYS OXT HXT  sing N N 92  
GLN N   CA   sing N N 93  
GLN N   H    sing N N 94  
GLN N   H2   sing N N 95  
GLN CA  C    sing N N 96  
GLN CA  CB   sing N N 97  
GLN CA  HA   sing N N 98  
GLN C   O    doub N N 99  
GLN C   OXT  sing N N 100 
GLN CB  CG   sing N N 101 
GLN CB  HB2  sing N N 102 
GLN CB  HB3  sing N N 103 
GLN CG  CD   sing N N 104 
GLN CG  HG2  sing N N 105 
GLN CG  HG3  sing N N 106 
GLN CD  OE1  doub N N 107 
GLN CD  NE2  sing N N 108 
GLN NE2 HE21 sing N N 109 
GLN NE2 HE22 sing N N 110 
GLN OXT HXT  sing N N 111 
GLU N   CA   sing N N 112 
GLU N   H    sing N N 113 
GLU N   H2   sing N N 114 
GLU CA  C    sing N N 115 
GLU CA  CB   sing N N 116 
GLU CA  HA   sing N N 117 
GLU C   O    doub N N 118 
GLU C   OXT  sing N N 119 
GLU CB  CG   sing N N 120 
GLU CB  HB2  sing N N 121 
GLU CB  HB3  sing N N 122 
GLU CG  CD   sing N N 123 
GLU CG  HG2  sing N N 124 
GLU CG  HG3  sing N N 125 
GLU CD  OE1  doub N N 126 
GLU CD  OE2  sing N N 127 
GLU OE2 HE2  sing N N 128 
GLU OXT HXT  sing N N 129 
GLY N   CA   sing N N 130 
GLY N   H    sing N N 131 
GLY N   H2   sing N N 132 
GLY CA  C    sing N N 133 
GLY CA  HA2  sing N N 134 
GLY CA  HA3  sing N N 135 
GLY C   O    doub N N 136 
GLY C   OXT  sing N N 137 
GLY OXT HXT  sing N N 138 
GOL C1  O1   sing N N 139 
GOL C1  C2   sing N N 140 
GOL C1  H11  sing N N 141 
GOL C1  H12  sing N N 142 
GOL O1  HO1  sing N N 143 
GOL C2  O2   sing N N 144 
GOL C2  C3   sing N N 145 
GOL C2  H2   sing N N 146 
GOL O2  HO2  sing N N 147 
GOL C3  O3   sing N N 148 
GOL C3  H31  sing N N 149 
GOL C3  H32  sing N N 150 
GOL O3  HO3  sing N N 151 
HIS N   CA   sing N N 152 
HIS N   H    sing N N 153 
HIS N   H2   sing N N 154 
HIS CA  C    sing N N 155 
HIS CA  CB   sing N N 156 
HIS CA  HA   sing N N 157 
HIS C   O    doub N N 158 
HIS C   OXT  sing N N 159 
HIS CB  CG   sing N N 160 
HIS CB  HB2  sing N N 161 
HIS CB  HB3  sing N N 162 
HIS CG  ND1  sing Y N 163 
HIS CG  CD2  doub Y N 164 
HIS ND1 CE1  doub Y N 165 
HIS ND1 HD1  sing N N 166 
HIS CD2 NE2  sing Y N 167 
HIS CD2 HD2  sing N N 168 
HIS CE1 NE2  sing Y N 169 
HIS CE1 HE1  sing N N 170 
HIS NE2 HE2  sing N N 171 
HIS OXT HXT  sing N N 172 
HOH O   H1   sing N N 173 
HOH O   H2   sing N N 174 
ILE N   CA   sing N N 175 
ILE N   H    sing N N 176 
ILE N   H2   sing N N 177 
ILE CA  C    sing N N 178 
ILE CA  CB   sing N N 179 
ILE CA  HA   sing N N 180 
ILE C   O    doub N N 181 
ILE C   OXT  sing N N 182 
ILE CB  CG1  sing N N 183 
ILE CB  CG2  sing N N 184 
ILE CB  HB   sing N N 185 
ILE CG1 CD1  sing N N 186 
ILE CG1 HG12 sing N N 187 
ILE CG1 HG13 sing N N 188 
ILE CG2 HG21 sing N N 189 
ILE CG2 HG22 sing N N 190 
ILE CG2 HG23 sing N N 191 
ILE CD1 HD11 sing N N 192 
ILE CD1 HD12 sing N N 193 
ILE CD1 HD13 sing N N 194 
ILE OXT HXT  sing N N 195 
LEU N   CA   sing N N 196 
LEU N   H    sing N N 197 
LEU N   H2   sing N N 198 
LEU CA  C    sing N N 199 
LEU CA  CB   sing N N 200 
LEU CA  HA   sing N N 201 
LEU C   O    doub N N 202 
LEU C   OXT  sing N N 203 
LEU CB  CG   sing N N 204 
LEU CB  HB2  sing N N 205 
LEU CB  HB3  sing N N 206 
LEU CG  CD1  sing N N 207 
LEU CG  CD2  sing N N 208 
LEU CG  HG   sing N N 209 
LEU CD1 HD11 sing N N 210 
LEU CD1 HD12 sing N N 211 
LEU CD1 HD13 sing N N 212 
LEU CD2 HD21 sing N N 213 
LEU CD2 HD22 sing N N 214 
LEU CD2 HD23 sing N N 215 
LEU OXT HXT  sing N N 216 
MET N   CA   sing N N 217 
MET N   H    sing N N 218 
MET N   H2   sing N N 219 
MET CA  C    sing N N 220 
MET CA  CB   sing N N 221 
MET CA  HA   sing N N 222 
MET C   O    doub N N 223 
MET C   OXT  sing N N 224 
MET CB  CG   sing N N 225 
MET CB  HB2  sing N N 226 
MET CB  HB3  sing N N 227 
MET CG  SD   sing N N 228 
MET CG  HG2  sing N N 229 
MET CG  HG3  sing N N 230 
MET SD  CE   sing N N 231 
MET CE  HE1  sing N N 232 
MET CE  HE2  sing N N 233 
MET CE  HE3  sing N N 234 
MET OXT HXT  sing N N 235 
PEG C1  O1   sing N N 236 
PEG C1  C2   sing N N 237 
PEG C1  H11  sing N N 238 
PEG C1  H12  sing N N 239 
PEG O1  HO1  sing N N 240 
PEG C2  O2   sing N N 241 
PEG C2  H21  sing N N 242 
PEG C2  H22  sing N N 243 
PEG O2  C3   sing N N 244 
PEG C3  C4   sing N N 245 
PEG C3  H31  sing N N 246 
PEG C3  H32  sing N N 247 
PEG C4  O4   sing N N 248 
PEG C4  H41  sing N N 249 
PEG C4  H42  sing N N 250 
PEG O4  HO4  sing N N 251 
PHE N   CA   sing N N 252 
PHE N   H    sing N N 253 
PHE N   H2   sing N N 254 
PHE CA  C    sing N N 255 
PHE CA  CB   sing N N 256 
PHE CA  HA   sing N N 257 
PHE C   O    doub N N 258 
PHE C   OXT  sing N N 259 
PHE CB  CG   sing N N 260 
PHE CB  HB2  sing N N 261 
PHE CB  HB3  sing N N 262 
PHE CG  CD1  doub Y N 263 
PHE CG  CD2  sing Y N 264 
PHE CD1 CE1  sing Y N 265 
PHE CD1 HD1  sing N N 266 
PHE CD2 CE2  doub Y N 267 
PHE CD2 HD2  sing N N 268 
PHE CE1 CZ   doub Y N 269 
PHE CE1 HE1  sing N N 270 
PHE CE2 CZ   sing Y N 271 
PHE CE2 HE2  sing N N 272 
PHE CZ  HZ   sing N N 273 
PHE OXT HXT  sing N N 274 
PRO N   CA   sing N N 275 
PRO N   CD   sing N N 276 
PRO N   H    sing N N 277 
PRO CA  C    sing N N 278 
PRO CA  CB   sing N N 279 
PRO CA  HA   sing N N 280 
PRO C   O    doub N N 281 
PRO C   OXT  sing N N 282 
PRO CB  CG   sing N N 283 
PRO CB  HB2  sing N N 284 
PRO CB  HB3  sing N N 285 
PRO CG  CD   sing N N 286 
PRO CG  HG2  sing N N 287 
PRO CG  HG3  sing N N 288 
PRO CD  HD2  sing N N 289 
PRO CD  HD3  sing N N 290 
PRO OXT HXT  sing N N 291 
SER N   CA   sing N N 292 
SER N   H    sing N N 293 
SER N   H2   sing N N 294 
SER CA  C    sing N N 295 
SER CA  CB   sing N N 296 
SER CA  HA   sing N N 297 
SER C   O    doub N N 298 
SER C   OXT  sing N N 299 
SER CB  OG   sing N N 300 
SER CB  HB2  sing N N 301 
SER CB  HB3  sing N N 302 
SER OG  HG   sing N N 303 
SER OXT HXT  sing N N 304 
THR N   CA   sing N N 305 
THR N   H    sing N N 306 
THR N   H2   sing N N 307 
THR CA  C    sing N N 308 
THR CA  CB   sing N N 309 
THR CA  HA   sing N N 310 
THR C   O    doub N N 311 
THR C   OXT  sing N N 312 
THR CB  OG1  sing N N 313 
THR CB  CG2  sing N N 314 
THR CB  HB   sing N N 315 
THR OG1 HG1  sing N N 316 
THR CG2 HG21 sing N N 317 
THR CG2 HG22 sing N N 318 
THR CG2 HG23 sing N N 319 
THR OXT HXT  sing N N 320 
TYR N   CA   sing N N 321 
TYR N   H    sing N N 322 
TYR N   H2   sing N N 323 
TYR CA  C    sing N N 324 
TYR CA  CB   sing N N 325 
TYR CA  HA   sing N N 326 
TYR C   O    doub N N 327 
TYR C   OXT  sing N N 328 
TYR CB  CG   sing N N 329 
TYR CB  HB2  sing N N 330 
TYR CB  HB3  sing N N 331 
TYR CG  CD1  doub Y N 332 
TYR CG  CD2  sing Y N 333 
TYR CD1 CE1  sing Y N 334 
TYR CD1 HD1  sing N N 335 
TYR CD2 CE2  doub Y N 336 
TYR CD2 HD2  sing N N 337 
TYR CE1 CZ   doub Y N 338 
TYR CE1 HE1  sing N N 339 
TYR CE2 CZ   sing Y N 340 
TYR CE2 HE2  sing N N 341 
TYR CZ  OH   sing N N 342 
TYR OH  HH   sing N N 343 
TYR OXT HXT  sing N N 344 
VAL N   CA   sing N N 345 
VAL N   H    sing N N 346 
VAL N   H2   sing N N 347 
VAL CA  C    sing N N 348 
VAL CA  CB   sing N N 349 
VAL CA  HA   sing N N 350 
VAL C   O    doub N N 351 
VAL C   OXT  sing N N 352 
VAL CB  CG1  sing N N 353 
VAL CB  CG2  sing N N 354 
VAL CB  HB   sing N N 355 
VAL CG1 HG11 sing N N 356 
VAL CG1 HG12 sing N N 357 
VAL CG1 HG13 sing N N 358 
VAL CG2 HG21 sing N N 359 
VAL CG2 HG22 sing N N 360 
VAL CG2 HG23 sing N N 361 
VAL OXT HXT  sing N N 362 
# 
_pdbx_audit_support.funding_organization   ? 
_pdbx_audit_support.country                China 
_pdbx_audit_support.grant_number           ? 
_pdbx_audit_support.ordinal                1 
# 
loop_
_pdbx_entity_nonpoly.entity_id 
_pdbx_entity_nonpoly.name 
_pdbx_entity_nonpoly.comp_id 
2 'DI(HYDROXYETHYL)ETHER'            PEG 
3 GLYCEROL                           GOL 
4 'CALCIUM ION'                      CA  
5 'dioxo(di-mu-sulfide)dimolybdenum' 9UX 
6 water                              HOH 
# 
_pdbx_initial_refinement_model.id               1 
_pdbx_initial_refinement_model.entity_id_list   ? 
_pdbx_initial_refinement_model.type             'experimental model' 
_pdbx_initial_refinement_model.source_name      PDB 
_pdbx_initial_refinement_model.accession_code   3CJK 
_pdbx_initial_refinement_model.details          ? 
# 
_pdbx_struct_assembly_auth_evidence.id                     1 
_pdbx_struct_assembly_auth_evidence.assembly_id            1 
_pdbx_struct_assembly_auth_evidence.experimental_support   'gel filtration' 
_pdbx_struct_assembly_auth_evidence.details                ? 
# 
